data_1WFO
#
_entry.id   1WFO
#
_entity_poly.entity_id   1
_entity_poly.type   'polypeptide(L)'
_entity_poly.pdbx_seq_one_letter_code
;GSSGSSGRIGDGSPSHPPILERTLDDVPGPPMGILFPEVRTTSVRLIWQPPAAPNGIILAYQITHRLNTTTANTATVEVL
APSARQYTATGLKPESVYLFRITAQTRKGWGEAAEALVVTTEKRSGPSSG
;
_entity_poly.pdbx_strand_id   A
#
# COMPACT_ATOMS: atom_id res chain seq x y z
N GLY A 1 -66.70 -22.80 47.85
CA GLY A 1 -65.99 -22.61 46.59
C GLY A 1 -64.60 -23.25 46.65
N SER A 2 -63.95 -23.28 45.49
CA SER A 2 -62.62 -23.85 45.40
C SER A 2 -62.14 -23.81 43.94
N SER A 3 -60.85 -24.08 43.77
CA SER A 3 -60.25 -24.07 42.45
C SER A 3 -58.75 -24.38 42.55
N GLY A 4 -58.15 -24.59 41.39
CA GLY A 4 -56.73 -24.89 41.33
C GLY A 4 -56.08 -24.26 40.10
N SER A 5 -54.78 -24.51 39.96
CA SER A 5 -54.04 -23.96 38.83
C SER A 5 -52.60 -24.48 38.86
N SER A 6 -51.90 -24.22 37.77
CA SER A 6 -50.51 -24.65 37.66
C SER A 6 -49.93 -24.22 36.32
N GLY A 7 -48.61 -24.12 36.28
CA GLY A 7 -47.92 -23.71 35.07
C GLY A 7 -46.48 -24.23 35.05
N ARG A 8 -45.70 -23.68 34.14
CA ARG A 8 -44.30 -24.09 34.01
C ARG A 8 -43.42 -22.87 33.75
N ILE A 9 -42.16 -22.98 34.15
CA ILE A 9 -41.20 -21.91 33.97
C ILE A 9 -40.25 -22.26 32.83
N GLY A 10 -39.45 -21.28 32.45
CA GLY A 10 -38.49 -21.48 31.38
C GLY A 10 -38.01 -20.13 30.81
N ASP A 11 -36.90 -20.19 30.10
CA ASP A 11 -36.32 -18.99 29.51
C ASP A 11 -35.02 -19.35 28.80
N GLY A 12 -34.56 -18.42 27.97
CA GLY A 12 -33.33 -18.62 27.23
C GLY A 12 -33.29 -17.75 25.98
N SER A 13 -32.16 -17.06 25.80
CA SER A 13 -31.99 -16.19 24.65
C SER A 13 -30.57 -15.62 24.64
N PRO A 14 -29.66 -16.36 23.94
CA PRO A 14 -28.28 -15.94 23.84
C PRO A 14 -28.14 -14.76 22.87
N SER A 15 -26.92 -14.22 22.83
CA SER A 15 -26.63 -13.10 21.95
C SER A 15 -25.12 -12.98 21.74
N HIS A 16 -24.75 -11.98 20.96
CA HIS A 16 -23.35 -11.74 20.67
C HIS A 16 -23.11 -10.24 20.48
N PRO A 17 -21.91 -9.78 20.92
CA PRO A 17 -21.55 -8.38 20.80
C PRO A 17 -21.19 -8.02 19.36
N PRO A 18 -21.55 -6.78 18.97
CA PRO A 18 -21.27 -6.31 17.61
C PRO A 18 -19.79 -5.96 17.46
N ILE A 19 -19.24 -6.37 16.32
CA ILE A 19 -17.84 -6.11 16.04
C ILE A 19 -17.71 -4.73 15.40
N LEU A 20 -16.47 -4.38 15.09
CA LEU A 20 -16.18 -3.08 14.47
C LEU A 20 -16.68 -1.97 15.40
N GLU A 21 -16.17 -2.00 16.62
CA GLU A 21 -16.55 -1.00 17.60
C GLU A 21 -15.31 -0.37 18.23
N ARG A 22 -14.78 0.64 17.56
CA ARG A 22 -13.60 1.33 18.04
C ARG A 22 -14.00 2.47 18.99
N THR A 23 -13.54 2.35 20.22
CA THR A 23 -13.83 3.36 21.23
C THR A 23 -12.84 4.51 21.12
N LEU A 24 -11.56 4.17 21.13
CA LEU A 24 -10.52 5.17 21.04
C LEU A 24 -10.02 5.25 19.59
N ASP A 25 -9.16 6.23 19.34
CA ASP A 25 -8.60 6.43 18.02
C ASP A 25 -7.20 5.85 17.98
N ASP A 26 -6.74 5.58 16.75
CA ASP A 26 -5.40 5.03 16.56
C ASP A 26 -5.14 4.87 15.07
N VAL A 27 -3.88 5.04 14.70
CA VAL A 27 -3.47 4.92 13.31
C VAL A 27 -3.87 3.55 12.79
N PRO A 28 -3.95 3.45 11.43
CA PRO A 28 -4.33 2.20 10.79
C PRO A 28 -3.17 1.19 10.84
N GLY A 29 -3.43 0.01 10.28
CA GLY A 29 -2.43 -1.04 10.25
C GLY A 29 -1.71 -1.08 8.91
N PRO A 30 -0.97 -2.19 8.69
CA PRO A 30 -0.23 -2.37 7.45
C PRO A 30 -1.16 -2.73 6.29
N PRO A 31 -0.95 -2.02 5.14
CA PRO A 31 -1.77 -2.26 3.96
C PRO A 31 -1.38 -3.57 3.28
N MET A 32 -2.26 -4.55 3.40
CA MET A 32 -2.04 -5.84 2.80
C MET A 32 -2.56 -5.89 1.37
N GLY A 33 -2.05 -6.86 0.62
CA GLY A 33 -2.46 -7.03 -0.77
C GLY A 33 -1.55 -6.22 -1.70
N ILE A 34 -0.26 -6.30 -1.45
CA ILE A 34 0.71 -5.58 -2.26
C ILE A 34 1.20 -6.48 -3.39
N LEU A 35 0.68 -6.20 -4.58
CA LEU A 35 1.06 -6.98 -5.75
C LEU A 35 1.51 -6.04 -6.87
N PHE A 36 2.40 -6.54 -7.70
CA PHE A 36 2.91 -5.75 -8.81
C PHE A 36 2.47 -6.34 -10.16
N PRO A 37 1.30 -5.84 -10.64
CA PRO A 37 0.77 -6.32 -11.91
C PRO A 37 1.55 -5.73 -13.10
N GLU A 38 1.70 -4.42 -13.06
CA GLU A 38 2.43 -3.74 -14.12
C GLU A 38 3.73 -3.14 -13.57
N VAL A 39 4.85 -3.66 -14.06
CA VAL A 39 6.14 -3.19 -13.63
C VAL A 39 7.09 -3.15 -14.84
N ARG A 40 7.51 -1.95 -15.19
CA ARG A 40 8.41 -1.77 -16.31
C ARG A 40 9.80 -1.38 -15.81
N THR A 41 10.61 -0.86 -16.73
CA THR A 41 11.96 -0.44 -16.41
C THR A 41 11.93 0.82 -15.53
N THR A 42 11.68 1.94 -16.19
CA THR A 42 11.63 3.21 -15.48
C THR A 42 10.17 3.64 -15.27
N SER A 43 9.32 2.65 -15.06
CA SER A 43 7.91 2.90 -14.84
C SER A 43 7.21 1.63 -14.36
N VAL A 44 6.76 1.67 -13.11
CA VAL A 44 6.09 0.53 -12.52
C VAL A 44 4.71 0.97 -12.00
N ARG A 45 3.91 -0.02 -11.63
CA ARG A 45 2.58 0.26 -11.11
C ARG A 45 2.09 -0.90 -10.25
N LEU A 46 2.09 -0.68 -8.95
CA LEU A 46 1.66 -1.69 -8.01
C LEU A 46 0.27 -1.34 -7.47
N ILE A 47 -0.32 -2.28 -6.77
CA ILE A 47 -1.65 -2.08 -6.20
C ILE A 47 -1.68 -2.64 -4.77
N TRP A 48 -2.35 -1.90 -3.90
CA TRP A 48 -2.47 -2.31 -2.51
C TRP A 48 -3.94 -2.20 -2.11
N GLN A 49 -4.20 -2.56 -0.85
CA GLN A 49 -5.56 -2.51 -0.33
C GLN A 49 -5.56 -1.91 1.07
N PRO A 50 -6.76 -1.42 1.48
CA PRO A 50 -6.91 -0.82 2.80
C PRO A 50 -6.93 -1.89 3.90
N PRO A 51 -6.50 -1.46 5.11
CA PRO A 51 -6.45 -2.37 6.25
C PRO A 51 -7.86 -2.63 6.80
N ALA A 52 -8.25 -3.90 6.75
CA ALA A 52 -9.55 -4.29 7.24
C ALA A 52 -9.86 -3.56 8.54
N ALA A 53 -8.79 -3.23 9.26
CA ALA A 53 -8.93 -2.52 10.53
C ALA A 53 -8.26 -1.16 10.42
N PRO A 54 -9.04 -0.18 9.90
CA PRO A 54 -8.54 1.17 9.73
C PRO A 54 -8.46 1.90 11.07
N ASN A 55 -9.44 1.61 11.93
CA ASN A 55 -9.49 2.22 13.24
C ASN A 55 -9.16 3.71 13.12
N GLY A 56 -9.75 4.33 12.12
CA GLY A 56 -9.52 5.76 11.88
C GLY A 56 -9.69 6.09 10.39
N ILE A 57 -10.41 7.17 10.15
CA ILE A 57 -10.65 7.62 8.78
C ILE A 57 -9.32 7.95 8.12
N ILE A 58 -9.11 7.36 6.95
CA ILE A 58 -7.89 7.59 6.20
C ILE A 58 -7.93 8.98 5.57
N LEU A 59 -6.85 9.73 5.79
CA LEU A 59 -6.75 11.08 5.25
C LEU A 59 -5.95 11.03 3.95
N ALA A 60 -5.10 10.02 3.84
CA ALA A 60 -4.28 9.86 2.65
C ALA A 60 -3.32 8.69 2.86
N TYR A 61 -2.43 8.52 1.90
CA TYR A 61 -1.45 7.44 1.96
C TYR A 61 -0.07 7.93 1.54
N GLN A 62 0.91 7.04 1.68
CA GLN A 62 2.28 7.37 1.32
C GLN A 62 2.96 6.17 0.67
N ILE A 63 3.64 6.44 -0.44
CA ILE A 63 4.33 5.39 -1.16
C ILE A 63 5.81 5.79 -1.34
N THR A 64 6.66 5.16 -0.54
CA THR A 64 8.09 5.44 -0.59
C THR A 64 8.77 4.49 -1.59
N HIS A 65 9.44 5.09 -2.56
CA HIS A 65 10.15 4.32 -3.57
C HIS A 65 11.64 4.65 -3.51
N ARG A 66 12.43 3.58 -3.42
CA ARG A 66 13.87 3.74 -3.35
C ARG A 66 14.57 2.47 -3.87
N LEU A 67 15.83 2.63 -4.23
CA LEU A 67 16.61 1.51 -4.73
C LEU A 67 17.16 0.71 -3.55
N ASN A 68 16.79 -0.56 -3.50
CA ASN A 68 17.25 -1.44 -2.44
C ASN A 68 18.78 -1.42 -2.39
N THR A 69 19.37 -1.26 -3.56
CA THR A 69 20.83 -1.23 -3.66
C THR A 69 21.26 -0.08 -4.57
N THR A 70 21.72 0.99 -3.93
CA THR A 70 22.17 2.16 -4.67
C THR A 70 22.72 3.22 -3.70
N THR A 71 22.85 4.43 -4.21
CA THR A 71 23.36 5.52 -3.41
C THR A 71 22.44 6.74 -3.51
N ALA A 72 22.51 7.59 -2.49
CA ALA A 72 21.69 8.79 -2.46
C ALA A 72 21.63 9.33 -1.03
N ASN A 73 20.73 10.27 -0.82
CA ASN A 73 20.56 10.87 0.49
C ASN A 73 19.35 10.23 1.19
N THR A 74 18.24 10.24 0.48
CA THR A 74 17.01 9.67 1.03
C THR A 74 16.14 9.10 -0.10
N ALA A 75 14.90 8.80 0.24
CA ALA A 75 13.96 8.26 -0.72
C ALA A 75 12.80 9.23 -0.91
N THR A 76 12.52 9.54 -2.17
CA THR A 76 11.45 10.45 -2.50
C THR A 76 10.10 9.76 -2.33
N VAL A 77 9.50 9.97 -1.16
CA VAL A 77 8.21 9.37 -0.86
C VAL A 77 7.10 10.26 -1.40
N GLU A 78 6.03 9.63 -1.84
CA GLU A 78 4.90 10.36 -2.39
C GLU A 78 3.64 10.08 -1.55
N VAL A 79 2.89 11.15 -1.29
CA VAL A 79 1.68 11.04 -0.51
C VAL A 79 0.48 10.92 -1.46
N LEU A 80 -0.33 9.90 -1.21
CA LEU A 80 -1.52 9.67 -2.03
C LEU A 80 -2.76 10.06 -1.23
N ALA A 81 -3.90 10.02 -1.93
CA ALA A 81 -5.16 10.37 -1.30
C ALA A 81 -5.64 9.18 -0.46
N PRO A 82 -6.69 9.46 0.37
CA PRO A 82 -7.25 8.43 1.23
C PRO A 82 -8.10 7.44 0.41
N SER A 83 -8.23 7.74 -0.86
CA SER A 83 -9.01 6.89 -1.76
C SER A 83 -8.12 6.35 -2.87
N ALA A 84 -6.87 6.12 -2.52
CA ALA A 84 -5.90 5.60 -3.48
C ALA A 84 -5.51 4.18 -3.09
N ARG A 85 -5.75 3.26 -4.00
CA ARG A 85 -5.43 1.86 -3.76
C ARG A 85 -4.20 1.44 -4.59
N GLN A 86 -3.97 2.20 -5.65
CA GLN A 86 -2.85 1.93 -6.53
C GLN A 86 -2.00 3.18 -6.72
N TYR A 87 -0.86 3.00 -7.37
CA TYR A 87 0.04 4.10 -7.61
C TYR A 87 1.01 3.78 -8.76
N THR A 88 1.57 4.84 -9.33
CA THR A 88 2.51 4.67 -10.43
C THR A 88 3.86 5.30 -10.08
N ALA A 89 4.91 4.53 -10.29
CA ALA A 89 6.25 4.98 -10.00
C ALA A 89 7.03 5.16 -11.31
N THR A 90 7.38 6.41 -11.59
CA THR A 90 8.11 6.72 -12.80
C THR A 90 9.49 7.29 -12.45
N GLY A 91 10.43 7.07 -13.37
CA GLY A 91 11.78 7.55 -13.18
C GLY A 91 12.57 6.60 -12.27
N LEU A 92 12.60 5.35 -12.66
CA LEU A 92 13.31 4.33 -11.89
C LEU A 92 14.38 3.68 -12.78
N LYS A 93 15.52 3.40 -12.16
CA LYS A 93 16.62 2.79 -12.88
C LYS A 93 16.31 1.31 -13.12
N PRO A 94 16.45 0.89 -14.40
CA PRO A 94 16.19 -0.49 -14.78
C PRO A 94 17.31 -1.41 -14.31
N GLU A 95 17.01 -2.70 -14.24
CA GLU A 95 17.97 -3.69 -13.81
C GLU A 95 18.34 -3.47 -12.34
N SER A 96 17.31 -3.31 -11.53
CA SER A 96 17.51 -3.09 -10.11
C SER A 96 16.25 -3.48 -9.33
N VAL A 97 16.27 -3.21 -8.03
CA VAL A 97 15.14 -3.53 -7.18
C VAL A 97 14.73 -2.29 -6.40
N TYR A 98 13.43 -2.10 -6.28
CA TYR A 98 12.89 -0.96 -5.56
C TYR A 98 11.94 -1.41 -4.45
N LEU A 99 12.09 -0.78 -3.30
CA LEU A 99 11.26 -1.09 -2.15
C LEU A 99 10.09 -0.10 -2.07
N PHE A 100 8.89 -0.64 -2.16
CA PHE A 100 7.70 0.20 -2.09
C PHE A 100 7.01 0.08 -0.73
N ARG A 101 7.06 1.18 0.01
CA ARG A 101 6.46 1.21 1.33
C ARG A 101 5.13 1.98 1.29
N ILE A 102 4.04 1.24 1.50
CA ILE A 102 2.72 1.84 1.49
C ILE A 102 2.28 2.13 2.92
N THR A 103 1.72 3.31 3.12
CA THR A 103 1.26 3.72 4.43
C THR A 103 0.01 4.60 4.31
N ALA A 104 -0.71 4.70 5.42
CA ALA A 104 -1.92 5.51 5.45
C ALA A 104 -1.74 6.65 6.46
N GLN A 105 -2.53 7.70 6.26
CA GLN A 105 -2.47 8.85 7.14
C GLN A 105 -3.82 9.08 7.81
N THR A 106 -3.80 9.14 9.13
CA THR A 106 -5.02 9.36 9.89
C THR A 106 -4.88 10.59 10.79
N ARG A 107 -5.82 10.73 11.70
CA ARG A 107 -5.82 11.85 12.62
C ARG A 107 -4.74 11.65 13.69
N LYS A 108 -4.23 10.43 13.76
CA LYS A 108 -3.21 10.09 14.73
C LYS A 108 -1.83 10.21 14.07
N GLY A 109 -1.79 9.86 12.80
CA GLY A 109 -0.55 9.93 12.04
C GLY A 109 -0.48 8.81 11.01
N TRP A 110 0.74 8.29 10.83
CA TRP A 110 0.96 7.22 9.87
C TRP A 110 1.17 5.93 10.66
N GLY A 111 0.33 4.95 10.37
CA GLY A 111 0.41 3.66 11.04
C GLY A 111 1.39 2.73 10.32
N GLU A 112 1.15 1.43 10.49
CA GLU A 112 2.00 0.44 9.87
C GLU A 112 2.20 0.76 8.39
N ALA A 113 3.24 0.16 7.82
CA ALA A 113 3.54 0.37 6.41
C ALA A 113 3.88 -0.97 5.76
N ALA A 114 3.31 -1.17 4.58
CA ALA A 114 3.54 -2.40 3.85
C ALA A 114 4.73 -2.20 2.88
N GLU A 115 5.74 -3.04 3.07
CA GLU A 115 6.92 -2.97 2.23
C GLU A 115 6.86 -4.04 1.15
N ALA A 116 7.01 -3.59 -0.09
CA ALA A 116 6.98 -4.49 -1.23
C ALA A 116 8.10 -4.13 -2.19
N LEU A 117 8.90 -5.13 -2.53
CA LEU A 117 10.01 -4.93 -3.45
C LEU A 117 9.55 -5.23 -4.88
N VAL A 118 10.18 -4.55 -5.82
CA VAL A 118 9.85 -4.74 -7.22
C VAL A 118 11.07 -4.41 -8.08
N VAL A 119 11.38 -5.33 -8.99
CA VAL A 119 12.52 -5.16 -9.87
C VAL A 119 12.07 -4.42 -11.14
N THR A 120 13.02 -3.74 -11.77
CA THR A 120 12.73 -3.01 -12.98
C THR A 120 13.35 -3.72 -14.19
N THR A 121 12.47 -4.20 -15.05
CA THR A 121 12.92 -4.90 -16.26
C THR A 121 11.71 -5.29 -17.12
N GLU A 122 12.01 -5.76 -18.32
CA GLU A 122 10.97 -6.17 -19.24
C GLU A 122 10.69 -7.66 -19.09
N LYS A 123 11.72 -8.39 -18.68
CA LYS A 123 11.60 -9.83 -18.48
C LYS A 123 10.85 -10.10 -17.18
N ARG A 124 9.68 -10.72 -17.33
CA ARG A 124 8.85 -11.04 -16.18
C ARG A 124 9.52 -12.15 -15.34
N SER A 125 9.53 -11.94 -14.04
CA SER A 125 10.12 -12.91 -13.13
C SER A 125 9.32 -12.96 -11.83
N GLY A 126 9.07 -14.19 -11.39
CA GLY A 126 8.31 -14.39 -10.17
C GLY A 126 8.46 -15.83 -9.66
N PRO A 127 9.30 -15.97 -8.60
CA PRO A 127 9.55 -17.28 -8.01
C PRO A 127 8.36 -17.73 -7.18
N SER A 128 7.77 -16.78 -6.47
CA SER A 128 6.63 -17.07 -5.62
C SER A 128 6.98 -18.18 -4.63
N SER A 129 7.14 -17.78 -3.37
CA SER A 129 7.48 -18.73 -2.33
C SER A 129 7.62 -18.00 -0.99
N GLY A 130 7.33 -18.73 0.08
CA GLY A 130 7.42 -18.17 1.41
C GLY A 130 6.03 -17.82 1.95
N GLY A 1 20.62 -13.38 31.73
CA GLY A 1 19.77 -13.24 30.55
C GLY A 1 20.58 -12.73 29.36
N SER A 2 20.21 -13.22 28.18
CA SER A 2 20.89 -12.81 26.96
C SER A 2 20.06 -13.22 25.75
N SER A 3 20.39 -12.62 24.61
CA SER A 3 19.69 -12.91 23.38
C SER A 3 20.31 -12.12 22.22
N GLY A 4 19.89 -12.47 21.01
CA GLY A 4 20.39 -11.81 19.82
C GLY A 4 19.69 -12.32 18.58
N SER A 5 19.18 -11.38 17.79
CA SER A 5 18.49 -11.72 16.56
C SER A 5 18.20 -10.46 15.75
N SER A 6 18.47 -10.55 14.45
CA SER A 6 18.26 -9.43 13.56
C SER A 6 18.47 -9.86 12.11
N GLY A 7 17.68 -9.26 11.22
CA GLY A 7 17.76 -9.58 9.81
C GLY A 7 16.48 -10.27 9.32
N ARG A 8 16.64 -11.51 8.90
CA ARG A 8 15.51 -12.29 8.41
C ARG A 8 14.88 -11.61 7.20
N ILE A 9 14.38 -12.42 6.29
CA ILE A 9 13.75 -11.91 5.08
C ILE A 9 12.48 -11.16 5.45
N GLY A 10 12.57 -9.84 5.42
CA GLY A 10 11.44 -8.99 5.75
C GLY A 10 10.20 -9.40 4.96
N ASP A 11 9.24 -9.97 5.68
CA ASP A 11 8.00 -10.41 5.05
C ASP A 11 6.99 -10.78 6.14
N GLY A 12 5.74 -10.41 5.89
CA GLY A 12 4.68 -10.71 6.83
C GLY A 12 3.31 -10.41 6.22
N SER A 13 2.58 -11.49 5.94
CA SER A 13 1.26 -11.36 5.34
C SER A 13 0.43 -12.61 5.65
N PRO A 14 -0.08 -12.68 6.90
CA PRO A 14 -0.88 -13.81 7.32
C PRO A 14 -2.29 -13.74 6.71
N SER A 15 -2.95 -14.89 6.69
CA SER A 15 -4.29 -14.98 6.15
C SER A 15 -5.29 -15.28 7.26
N HIS A 16 -5.77 -14.21 7.89
CA HIS A 16 -6.73 -14.36 8.97
C HIS A 16 -7.66 -13.14 9.00
N PRO A 17 -8.83 -13.31 9.65
CA PRO A 17 -9.80 -12.24 9.75
C PRO A 17 -9.36 -11.20 10.78
N PRO A 18 -10.01 -10.00 10.71
CA PRO A 18 -9.69 -8.92 11.62
C PRO A 18 -10.27 -9.18 13.01
N ILE A 19 -9.38 -9.19 14.00
CA ILE A 19 -9.80 -9.43 15.37
C ILE A 19 -10.14 -8.10 16.04
N LEU A 20 -11.15 -8.14 16.88
CA LEU A 20 -11.58 -6.94 17.60
C LEU A 20 -10.54 -6.57 18.64
N GLU A 21 -9.37 -6.16 18.16
CA GLU A 21 -8.28 -5.78 19.04
C GLU A 21 -8.14 -4.25 19.08
N ARG A 22 -7.53 -3.77 20.14
CA ARG A 22 -7.32 -2.34 20.31
C ARG A 22 -8.63 -1.59 20.08
N THR A 23 -9.28 -1.25 21.18
CA THR A 23 -10.55 -0.52 21.11
C THR A 23 -10.30 0.95 20.77
N LEU A 24 -9.59 1.61 21.66
CA LEU A 24 -9.29 3.02 21.47
C LEU A 24 -8.75 3.23 20.06
N ASP A 25 -9.05 4.40 19.51
CA ASP A 25 -8.61 4.73 18.17
C ASP A 25 -7.08 4.72 18.12
N ASP A 26 -6.56 4.62 16.91
CA ASP A 26 -5.12 4.58 16.71
C ASP A 26 -4.81 4.40 15.22
N VAL A 27 -3.63 4.87 14.83
CA VAL A 27 -3.21 4.77 13.44
C VAL A 27 -3.62 3.39 12.89
N PRO A 28 -3.72 3.33 11.54
CA PRO A 28 -4.09 2.09 10.87
C PRO A 28 -2.93 1.09 10.88
N GLY A 29 -3.24 -0.14 10.47
CA GLY A 29 -2.23 -1.18 10.42
C GLY A 29 -1.51 -1.19 9.07
N PRO A 30 -0.78 -2.31 8.81
CA PRO A 30 -0.05 -2.46 7.57
C PRO A 30 -0.99 -2.77 6.42
N PRO A 31 -0.77 -2.06 5.29
CA PRO A 31 -1.59 -2.26 4.09
C PRO A 31 -1.23 -3.56 3.39
N MET A 32 -2.12 -4.52 3.50
CA MET A 32 -1.91 -5.82 2.87
C MET A 32 -2.51 -5.86 1.46
N GLY A 33 -2.06 -6.83 0.68
CA GLY A 33 -2.53 -6.98 -0.69
C GLY A 33 -1.65 -6.21 -1.67
N ILE A 34 -0.36 -6.23 -1.39
CA ILE A 34 0.60 -5.54 -2.24
C ILE A 34 1.01 -6.46 -3.39
N LEU A 35 0.59 -6.09 -4.59
CA LEU A 35 0.91 -6.87 -5.78
C LEU A 35 1.37 -5.93 -6.89
N PHE A 36 2.24 -6.45 -7.74
CA PHE A 36 2.77 -5.67 -8.85
C PHE A 36 2.30 -6.24 -10.19
N PRO A 37 1.14 -5.70 -10.67
CA PRO A 37 0.58 -6.15 -11.93
C PRO A 37 1.37 -5.59 -13.12
N GLU A 38 1.61 -4.29 -13.07
CA GLU A 38 2.36 -3.63 -14.13
C GLU A 38 3.66 -3.07 -13.58
N VAL A 39 4.77 -3.59 -14.10
CA VAL A 39 6.08 -3.15 -13.67
C VAL A 39 7.01 -3.08 -14.88
N ARG A 40 7.60 -1.91 -15.07
CA ARG A 40 8.50 -1.69 -16.18
C ARG A 40 9.89 -1.32 -15.68
N THR A 41 10.70 -0.79 -16.59
CA THR A 41 12.05 -0.39 -16.23
C THR A 41 12.02 0.85 -15.35
N THR A 42 11.98 2.01 -16.00
CA THR A 42 11.94 3.27 -15.28
C THR A 42 10.51 3.67 -14.95
N SER A 43 9.64 2.67 -14.99
CA SER A 43 8.23 2.89 -14.69
C SER A 43 7.58 1.61 -14.20
N VAL A 44 6.75 1.75 -13.18
CA VAL A 44 6.06 0.61 -12.60
C VAL A 44 4.69 1.05 -12.09
N ARG A 45 3.92 0.07 -11.63
CA ARG A 45 2.58 0.34 -11.12
C ARG A 45 2.11 -0.82 -10.26
N LEU A 46 2.06 -0.57 -8.96
CA LEU A 46 1.61 -1.59 -8.02
C LEU A 46 0.23 -1.21 -7.47
N ILE A 47 -0.37 -2.16 -6.76
CA ILE A 47 -1.68 -1.94 -6.18
C ILE A 47 -1.72 -2.52 -4.77
N TRP A 48 -2.37 -1.80 -3.88
CA TRP A 48 -2.48 -2.24 -2.49
C TRP A 48 -3.95 -2.12 -2.08
N GLN A 49 -4.21 -2.48 -0.83
CA GLN A 49 -5.56 -2.42 -0.30
C GLN A 49 -5.55 -1.83 1.12
N PRO A 50 -6.75 -1.38 1.56
CA PRO A 50 -6.89 -0.80 2.88
C PRO A 50 -6.86 -1.88 3.96
N PRO A 51 -6.40 -1.47 5.18
CA PRO A 51 -6.32 -2.39 6.30
C PRO A 51 -7.71 -2.68 6.88
N ALA A 52 -8.05 -3.96 6.89
CA ALA A 52 -9.34 -4.38 7.42
C ALA A 52 -9.64 -3.61 8.71
N ALA A 53 -8.58 -3.27 9.42
CA ALA A 53 -8.71 -2.54 10.66
C ALA A 53 -8.05 -1.16 10.51
N PRO A 54 -8.83 -0.20 9.96
CA PRO A 54 -8.33 1.15 9.76
C PRO A 54 -8.28 1.91 11.08
N ASN A 55 -9.24 1.62 11.94
CA ASN A 55 -9.31 2.27 13.24
C ASN A 55 -8.98 3.76 13.09
N GLY A 56 -9.50 4.33 12.01
CA GLY A 56 -9.27 5.74 11.73
C GLY A 56 -9.57 6.07 10.27
N ILE A 57 -10.36 7.11 10.07
CA ILE A 57 -10.72 7.53 8.73
C ILE A 57 -9.46 7.92 7.97
N ILE A 58 -9.14 7.11 6.96
CA ILE A 58 -7.96 7.36 6.15
C ILE A 58 -8.07 8.74 5.51
N LEU A 59 -7.01 9.51 5.65
CA LEU A 59 -6.97 10.86 5.09
C LEU A 59 -6.14 10.85 3.80
N ALA A 60 -5.26 9.86 3.71
CA ALA A 60 -4.40 9.73 2.54
C ALA A 60 -3.43 8.57 2.76
N TYR A 61 -2.48 8.47 1.85
CA TYR A 61 -1.47 7.42 1.93
C TYR A 61 -0.11 7.93 1.48
N GLN A 62 0.90 7.09 1.65
CA GLN A 62 2.25 7.44 1.27
C GLN A 62 2.95 6.24 0.60
N ILE A 63 3.70 6.54 -0.45
CA ILE A 63 4.41 5.51 -1.18
C ILE A 63 5.85 5.95 -1.39
N THR A 64 6.76 5.18 -0.81
CA THR A 64 8.18 5.48 -0.93
C THR A 64 8.89 4.39 -1.74
N HIS A 65 9.65 4.84 -2.73
CA HIS A 65 10.38 3.92 -3.59
C HIS A 65 11.88 4.29 -3.58
N ARG A 66 12.69 3.29 -3.35
CA ARG A 66 14.14 3.49 -3.32
C ARG A 66 14.86 2.16 -3.47
N LEU A 67 15.92 2.19 -4.27
CA LEU A 67 16.72 0.99 -4.51
C LEU A 67 16.82 0.18 -3.21
N ASN A 68 16.53 -1.11 -3.33
CA ASN A 68 16.60 -1.99 -2.17
C ASN A 68 18.05 -2.08 -1.68
N THR A 69 18.95 -1.56 -2.50
CA THR A 69 20.37 -1.58 -2.17
C THR A 69 21.17 -0.81 -3.23
N THR A 70 21.67 0.34 -2.83
CA THR A 70 22.45 1.17 -3.73
C THR A 70 22.99 2.40 -2.99
N THR A 71 23.56 3.31 -3.77
CA THR A 71 24.11 4.53 -3.20
C THR A 71 23.36 5.75 -3.73
N ALA A 72 22.56 6.33 -2.85
CA ALA A 72 21.77 7.50 -3.21
C ALA A 72 21.81 8.50 -2.06
N ASN A 73 20.96 9.51 -2.16
CA ASN A 73 20.88 10.55 -1.15
C ASN A 73 19.65 10.30 -0.26
N THR A 74 18.50 10.25 -0.91
CA THR A 74 17.25 10.02 -0.20
C THR A 74 16.20 9.43 -1.14
N ALA A 75 15.11 8.97 -0.54
CA ALA A 75 14.03 8.39 -1.31
C ALA A 75 12.96 9.44 -1.58
N THR A 76 12.26 9.27 -2.68
CA THR A 76 11.21 10.20 -3.06
C THR A 76 9.86 9.77 -2.45
N VAL A 77 9.49 10.45 -1.38
CA VAL A 77 8.24 10.14 -0.70
C VAL A 77 7.10 10.91 -1.37
N GLU A 78 6.01 10.19 -1.63
CA GLU A 78 4.85 10.79 -2.26
C GLU A 78 3.60 10.48 -1.46
N VAL A 79 2.78 11.51 -1.28
CA VAL A 79 1.54 11.36 -0.53
C VAL A 79 0.39 11.16 -1.50
N LEU A 80 -0.43 10.15 -1.21
CA LEU A 80 -1.56 9.83 -2.05
C LEU A 80 -2.85 10.14 -1.29
N ALA A 81 -3.96 10.05 -2.01
CA ALA A 81 -5.27 10.33 -1.42
C ALA A 81 -5.71 9.11 -0.60
N PRO A 82 -6.78 9.33 0.21
CA PRO A 82 -7.31 8.27 1.04
C PRO A 82 -8.10 7.25 0.22
N SER A 83 -8.26 7.58 -1.06
CA SER A 83 -8.98 6.70 -1.97
C SER A 83 -8.05 6.19 -3.05
N ALA A 84 -6.79 6.01 -2.68
CA ALA A 84 -5.79 5.51 -3.60
C ALA A 84 -5.53 4.03 -3.33
N ARG A 85 -5.83 3.22 -4.33
CA ARG A 85 -5.65 1.78 -4.22
C ARG A 85 -4.36 1.36 -4.92
N GLN A 86 -3.93 2.20 -5.85
CA GLN A 86 -2.72 1.92 -6.61
C GLN A 86 -1.95 3.22 -6.88
N TYR A 87 -0.72 3.06 -7.33
CA TYR A 87 0.12 4.21 -7.62
C TYR A 87 1.10 3.89 -8.75
N THR A 88 1.45 4.93 -9.50
CA THR A 88 2.36 4.78 -10.62
C THR A 88 3.72 5.39 -10.27
N ALA A 89 4.75 4.56 -10.37
CA ALA A 89 6.10 5.00 -10.07
C ALA A 89 6.88 5.15 -11.38
N THR A 90 7.25 6.38 -11.68
CA THR A 90 8.00 6.68 -12.88
C THR A 90 9.38 7.23 -12.53
N GLY A 91 10.29 7.11 -13.49
CA GLY A 91 11.65 7.59 -13.30
C GLY A 91 12.41 6.69 -12.31
N LEU A 92 12.59 5.44 -12.71
CA LEU A 92 13.29 4.49 -11.87
C LEU A 92 14.45 3.88 -12.66
N LYS A 93 15.39 3.30 -11.92
CA LYS A 93 16.54 2.68 -12.54
C LYS A 93 16.23 1.20 -12.83
N PRO A 94 16.44 0.82 -14.12
CA PRO A 94 16.17 -0.55 -14.54
C PRO A 94 17.28 -1.49 -14.05
N GLU A 95 16.98 -2.78 -14.08
CA GLU A 95 17.94 -3.78 -13.65
C GLU A 95 18.31 -3.56 -12.18
N SER A 96 17.30 -3.31 -11.38
CA SER A 96 17.51 -3.07 -9.96
C SER A 96 16.27 -3.51 -9.17
N VAL A 97 16.34 -3.28 -7.86
CA VAL A 97 15.24 -3.64 -6.99
C VAL A 97 14.77 -2.39 -6.23
N TYR A 98 13.46 -2.15 -6.31
CA TYR A 98 12.87 -1.01 -5.64
C TYR A 98 11.88 -1.46 -4.56
N LEU A 99 12.04 -0.87 -3.38
CA LEU A 99 11.18 -1.19 -2.26
C LEU A 99 10.05 -0.16 -2.17
N PHE A 100 8.83 -0.65 -2.24
CA PHE A 100 7.67 0.22 -2.17
C PHE A 100 7.02 0.16 -0.78
N ARG A 101 7.11 1.28 -0.08
CA ARG A 101 6.55 1.37 1.26
C ARG A 101 5.21 2.11 1.22
N ILE A 102 4.14 1.35 1.43
CA ILE A 102 2.80 1.92 1.42
C ILE A 102 2.37 2.21 2.86
N THR A 103 1.76 3.37 3.04
CA THR A 103 1.28 3.77 4.35
C THR A 103 0.03 4.64 4.22
N ALA A 104 -0.76 4.65 5.29
CA ALA A 104 -1.99 5.43 5.32
C ALA A 104 -1.84 6.57 6.32
N GLN A 105 -2.64 7.60 6.11
CA GLN A 105 -2.61 8.75 6.99
C GLN A 105 -3.96 8.93 7.68
N THR A 106 -3.90 9.00 9.01
CA THR A 106 -5.11 9.17 9.80
C THR A 106 -5.01 10.41 10.69
N ARG A 107 -5.93 10.51 11.62
CA ARG A 107 -5.95 11.64 12.54
C ARG A 107 -4.86 11.48 13.60
N LYS A 108 -4.33 10.26 13.67
CA LYS A 108 -3.28 9.98 14.63
C LYS A 108 -1.91 10.19 13.98
N GLY A 109 -1.84 9.82 12.70
CA GLY A 109 -0.61 9.97 11.95
C GLY A 109 -0.48 8.86 10.91
N TRP A 110 0.73 8.32 10.80
CA TRP A 110 1.00 7.26 9.85
C TRP A 110 1.24 5.97 10.63
N GLY A 111 0.35 5.01 10.43
CA GLY A 111 0.45 3.73 11.10
C GLY A 111 1.53 2.86 10.46
N GLU A 112 1.25 1.56 10.43
CA GLU A 112 2.18 0.61 9.85
C GLU A 112 2.40 0.91 8.37
N ALA A 113 3.40 0.25 7.79
CA ALA A 113 3.71 0.44 6.39
C ALA A 113 4.06 -0.91 5.77
N ALA A 114 3.47 -1.16 4.61
CA ALA A 114 3.71 -2.41 3.89
C ALA A 114 4.83 -2.19 2.88
N GLU A 115 5.88 -3.00 3.03
CA GLU A 115 7.01 -2.92 2.13
C GLU A 115 6.91 -3.98 1.04
N ALA A 116 7.02 -3.52 -0.20
CA ALA A 116 6.94 -4.41 -1.34
C ALA A 116 8.08 -4.09 -2.31
N LEU A 117 8.91 -5.10 -2.55
CA LEU A 117 10.04 -4.95 -3.45
C LEU A 117 9.60 -5.29 -4.87
N VAL A 118 10.12 -4.53 -5.82
CA VAL A 118 9.80 -4.75 -7.22
C VAL A 118 11.02 -4.42 -8.08
N VAL A 119 11.40 -5.39 -8.91
CA VAL A 119 12.54 -5.21 -9.79
C VAL A 119 12.10 -4.50 -11.06
N THR A 120 12.99 -3.68 -11.60
CA THR A 120 12.70 -2.95 -12.81
C THR A 120 13.30 -3.65 -14.02
N THR A 121 12.42 -4.12 -14.89
CA THR A 121 12.86 -4.81 -16.09
C THR A 121 11.65 -5.17 -16.97
N GLU A 122 11.96 -5.64 -18.17
CA GLU A 122 10.91 -6.03 -19.11
C GLU A 122 10.56 -7.51 -18.94
N LYS A 123 11.56 -8.28 -18.53
CA LYS A 123 11.37 -9.70 -18.32
C LYS A 123 10.42 -9.92 -17.15
N ARG A 124 9.93 -11.15 -17.04
CA ARG A 124 9.02 -11.50 -15.97
C ARG A 124 7.79 -10.58 -16.00
N SER A 125 6.67 -11.15 -16.41
CA SER A 125 5.43 -10.40 -16.47
C SER A 125 4.23 -11.35 -16.37
N GLY A 126 3.49 -11.21 -15.29
CA GLY A 126 2.33 -12.04 -15.07
C GLY A 126 2.48 -12.87 -13.79
N PRO A 127 1.33 -13.43 -13.32
CA PRO A 127 1.31 -14.23 -12.11
C PRO A 127 1.92 -15.61 -12.37
N SER A 128 1.36 -16.29 -13.36
CA SER A 128 1.83 -17.62 -13.71
C SER A 128 1.89 -18.51 -12.47
N SER A 129 0.83 -19.27 -12.27
CA SER A 129 0.75 -20.16 -11.13
C SER A 129 1.02 -21.60 -11.57
N GLY A 130 1.23 -22.46 -10.58
CA GLY A 130 1.50 -23.87 -10.85
C GLY A 130 3.00 -24.11 -11.00
N GLY A 1 -32.78 5.06 62.40
CA GLY A 1 -33.62 4.65 61.28
C GLY A 1 -32.76 4.21 60.08
N SER A 2 -33.35 3.37 59.24
CA SER A 2 -32.65 2.89 58.07
C SER A 2 -33.56 1.93 57.28
N SER A 3 -33.13 1.62 56.07
CA SER A 3 -33.89 0.72 55.22
C SER A 3 -33.12 0.45 53.92
N GLY A 4 -33.53 -0.61 53.24
CA GLY A 4 -32.89 -0.99 52.00
C GLY A 4 -33.83 -1.80 51.12
N SER A 5 -33.32 -2.19 49.95
CA SER A 5 -34.11 -2.97 49.01
C SER A 5 -33.19 -3.65 48.01
N SER A 6 -33.77 -4.61 47.28
CA SER A 6 -33.01 -5.34 46.28
C SER A 6 -33.98 -6.03 45.31
N GLY A 7 -33.40 -6.58 44.24
CA GLY A 7 -34.18 -7.26 43.23
C GLY A 7 -33.39 -8.40 42.60
N ARG A 8 -34.03 -9.08 41.66
CA ARG A 8 -33.40 -10.19 40.97
C ARG A 8 -34.29 -10.68 39.83
N ILE A 9 -33.67 -10.84 38.66
CA ILE A 9 -34.39 -11.31 37.49
C ILE A 9 -33.82 -12.65 37.05
N GLY A 10 -34.67 -13.44 36.41
CA GLY A 10 -34.27 -14.75 35.94
C GLY A 10 -34.32 -14.82 34.40
N ASP A 11 -33.36 -14.15 33.78
CA ASP A 11 -33.28 -14.12 32.34
C ASP A 11 -32.44 -15.30 31.85
N GLY A 12 -32.79 -15.78 30.66
CA GLY A 12 -32.07 -16.91 30.08
C GLY A 12 -31.45 -16.53 28.73
N SER A 13 -30.14 -16.61 28.68
CA SER A 13 -29.41 -16.28 27.45
C SER A 13 -28.03 -16.92 27.47
N PRO A 14 -27.96 -18.15 26.90
CA PRO A 14 -26.70 -18.89 26.85
C PRO A 14 -25.77 -18.30 25.78
N SER A 15 -24.57 -17.96 26.22
CA SER A 15 -23.58 -17.40 25.32
C SER A 15 -24.07 -16.05 24.77
N HIS A 16 -23.12 -15.22 24.39
CA HIS A 16 -23.45 -13.90 23.85
C HIS A 16 -22.17 -13.22 23.36
N PRO A 17 -22.32 -12.44 22.26
CA PRO A 17 -21.19 -11.73 21.68
C PRO A 17 -20.82 -10.51 22.54
N PRO A 18 -19.48 -10.26 22.62
CA PRO A 18 -18.98 -9.14 23.39
C PRO A 18 -19.22 -7.82 22.66
N ILE A 19 -19.20 -6.74 23.43
CA ILE A 19 -19.41 -5.41 22.88
C ILE A 19 -18.05 -4.77 22.59
N LEU A 20 -17.95 -4.18 21.41
CA LEU A 20 -16.72 -3.52 21.02
C LEU A 20 -17.01 -2.59 19.83
N GLU A 21 -16.93 -1.30 20.10
CA GLU A 21 -17.18 -0.30 19.07
C GLU A 21 -16.08 0.76 19.09
N ARG A 22 -14.91 0.38 18.60
CA ARG A 22 -13.78 1.29 18.55
C ARG A 22 -13.68 2.09 19.86
N THR A 23 -13.04 1.47 20.84
CA THR A 23 -12.87 2.11 22.13
C THR A 23 -11.69 3.08 22.11
N LEU A 24 -10.55 2.55 21.69
CA LEU A 24 -9.34 3.36 21.60
C LEU A 24 -9.04 3.68 20.14
N ASP A 25 -8.39 4.81 19.93
CA ASP A 25 -8.03 5.24 18.59
C ASP A 25 -6.53 5.14 18.41
N ASP A 26 -6.13 4.68 17.23
CA ASP A 26 -4.72 4.52 16.92
C ASP A 26 -4.55 4.40 15.40
N VAL A 27 -3.38 4.82 14.94
CA VAL A 27 -3.07 4.77 13.52
C VAL A 27 -3.55 3.42 12.95
N PRO A 28 -3.73 3.40 11.61
CA PRO A 28 -4.18 2.20 10.93
C PRO A 28 -3.04 1.17 10.83
N GLY A 29 -3.43 -0.07 10.54
CA GLY A 29 -2.46 -1.14 10.41
C GLY A 29 -1.75 -1.09 9.06
N PRO A 30 -0.93 -2.14 8.79
CA PRO A 30 -0.19 -2.22 7.54
C PRO A 30 -1.12 -2.61 6.39
N PRO A 31 -0.89 -1.95 5.22
CA PRO A 31 -1.68 -2.22 4.04
C PRO A 31 -1.30 -3.56 3.41
N MET A 32 -2.21 -4.51 3.51
CA MET A 32 -1.98 -5.83 2.95
C MET A 32 -2.53 -5.94 1.52
N GLY A 33 -2.04 -6.94 0.81
CA GLY A 33 -2.48 -7.16 -0.56
C GLY A 33 -1.63 -6.34 -1.54
N ILE A 34 -0.32 -6.46 -1.38
CA ILE A 34 0.61 -5.73 -2.24
C ILE A 34 1.03 -6.63 -3.40
N LEU A 35 0.74 -6.18 -4.61
CA LEU A 35 1.09 -6.93 -5.80
C LEU A 35 1.52 -5.96 -6.90
N PHE A 36 2.38 -6.46 -7.78
CA PHE A 36 2.88 -5.65 -8.87
C PHE A 36 2.41 -6.21 -10.22
N PRO A 37 1.24 -5.69 -10.68
CA PRO A 37 0.68 -6.13 -11.95
C PRO A 37 1.45 -5.53 -13.13
N GLU A 38 1.65 -4.22 -13.06
CA GLU A 38 2.37 -3.52 -14.11
C GLU A 38 3.69 -2.97 -13.57
N VAL A 39 4.78 -3.45 -14.16
CA VAL A 39 6.10 -3.02 -13.74
C VAL A 39 6.99 -2.88 -14.98
N ARG A 40 7.47 -1.66 -15.19
CA ARG A 40 8.33 -1.38 -16.32
C ARG A 40 9.77 -1.19 -15.86
N THR A 41 10.58 -0.64 -16.76
CA THR A 41 11.99 -0.40 -16.46
C THR A 41 12.14 0.86 -15.60
N THR A 42 11.98 2.00 -16.24
CA THR A 42 12.10 3.27 -15.55
C THR A 42 10.74 3.72 -15.01
N SER A 43 9.91 2.73 -14.71
CA SER A 43 8.58 3.00 -14.18
C SER A 43 7.88 1.69 -13.82
N VAL A 44 6.96 1.79 -12.88
CA VAL A 44 6.21 0.63 -12.43
C VAL A 44 4.84 1.07 -11.92
N ARG A 45 4.02 0.08 -11.58
CA ARG A 45 2.69 0.35 -11.08
C ARG A 45 2.19 -0.82 -10.22
N LEU A 46 2.22 -0.59 -8.92
CA LEU A 46 1.78 -1.61 -7.97
C LEU A 46 0.40 -1.24 -7.42
N ILE A 47 -0.20 -2.18 -6.71
CA ILE A 47 -1.51 -1.96 -6.13
C ILE A 47 -1.53 -2.53 -4.71
N TRP A 48 -2.35 -1.91 -3.88
CA TRP A 48 -2.48 -2.35 -2.49
C TRP A 48 -3.95 -2.27 -2.11
N GLN A 49 -4.22 -2.56 -0.84
CA GLN A 49 -5.58 -2.52 -0.33
C GLN A 49 -5.61 -1.88 1.06
N PRO A 50 -6.83 -1.44 1.46
CA PRO A 50 -7.01 -0.81 2.77
C PRO A 50 -6.98 -1.85 3.88
N PRO A 51 -6.52 -1.40 5.09
CA PRO A 51 -6.45 -2.28 6.24
C PRO A 51 -7.84 -2.56 6.82
N ALA A 52 -8.16 -3.84 6.91
CA ALA A 52 -9.45 -4.24 7.44
C ALA A 52 -9.73 -3.47 8.73
N ALA A 53 -8.66 -3.10 9.41
CA ALA A 53 -8.76 -2.36 10.66
C ALA A 53 -8.14 -0.98 10.48
N PRO A 54 -8.96 -0.03 9.96
CA PRO A 54 -8.49 1.33 9.75
C PRO A 54 -8.39 2.09 11.07
N ASN A 55 -9.31 1.78 11.97
CA ASN A 55 -9.33 2.43 13.27
C ASN A 55 -9.02 3.92 13.11
N GLY A 56 -9.65 4.51 12.10
CA GLY A 56 -9.44 5.92 11.82
C GLY A 56 -9.74 6.24 10.36
N ILE A 57 -10.47 7.33 10.17
CA ILE A 57 -10.84 7.76 8.82
C ILE A 57 -9.57 8.10 8.03
N ILE A 58 -9.30 7.27 7.04
CA ILE A 58 -8.13 7.47 6.21
C ILE A 58 -8.18 8.86 5.57
N LEU A 59 -7.04 9.53 5.57
CA LEU A 59 -6.95 10.86 5.00
C LEU A 59 -6.12 10.81 3.73
N ALA A 60 -5.26 9.80 3.65
CA ALA A 60 -4.40 9.62 2.50
C ALA A 60 -3.43 8.46 2.77
N TYR A 61 -2.46 8.33 1.88
CA TYR A 61 -1.47 7.27 2.00
C TYR A 61 -0.08 7.77 1.59
N GLN A 62 0.91 6.94 1.88
CA GLN A 62 2.29 7.28 1.56
C GLN A 62 2.97 6.11 0.86
N ILE A 63 3.64 6.42 -0.24
CA ILE A 63 4.34 5.40 -1.00
C ILE A 63 5.81 5.79 -1.14
N THR A 64 6.65 5.10 -0.38
CA THR A 64 8.08 5.37 -0.41
C THR A 64 8.80 4.35 -1.29
N HIS A 65 9.47 4.87 -2.32
CA HIS A 65 10.20 4.02 -3.24
C HIS A 65 11.70 4.33 -3.15
N ARG A 66 12.50 3.28 -3.19
CA ARG A 66 13.94 3.42 -3.12
C ARG A 66 14.63 2.17 -3.67
N LEU A 67 15.84 2.36 -4.16
CA LEU A 67 16.61 1.27 -4.72
C LEU A 67 17.21 0.44 -3.57
N ASN A 68 16.68 -0.76 -3.40
CA ASN A 68 17.15 -1.65 -2.35
C ASN A 68 18.67 -1.54 -2.26
N THR A 69 19.30 -1.39 -3.41
CA THR A 69 20.75 -1.27 -3.46
C THR A 69 21.17 -0.16 -4.43
N THR A 70 21.70 0.91 -3.86
CA THR A 70 22.14 2.04 -4.65
C THR A 70 22.81 3.09 -3.75
N THR A 71 22.95 4.28 -4.31
CA THR A 71 23.57 5.38 -3.57
C THR A 71 23.03 6.72 -4.07
N ALA A 72 22.06 7.25 -3.33
CA ALA A 72 21.45 8.52 -3.69
C ALA A 72 21.31 9.37 -2.43
N ASN A 73 20.64 10.51 -2.59
CA ASN A 73 20.43 11.42 -1.48
C ASN A 73 19.46 10.78 -0.49
N THR A 74 18.36 10.28 -1.02
CA THR A 74 17.34 9.64 -0.19
C THR A 74 16.18 9.14 -1.07
N ALA A 75 15.23 8.50 -0.40
CA ALA A 75 14.07 7.96 -1.10
C ALA A 75 12.99 9.05 -1.18
N THR A 76 12.44 9.20 -2.37
CA THR A 76 11.40 10.19 -2.60
C THR A 76 10.02 9.58 -2.39
N VAL A 77 9.47 9.82 -1.22
CA VAL A 77 8.15 9.30 -0.89
C VAL A 77 7.07 10.24 -1.44
N GLU A 78 5.97 9.64 -1.84
CA GLU A 78 4.85 10.42 -2.37
C GLU A 78 3.57 10.13 -1.59
N VAL A 79 2.85 11.20 -1.29
CA VAL A 79 1.61 11.08 -0.55
C VAL A 79 0.45 10.90 -1.52
N LEU A 80 -0.36 9.90 -1.24
CA LEU A 80 -1.52 9.61 -2.08
C LEU A 80 -2.80 9.96 -1.33
N ALA A 81 -3.90 9.91 -2.06
CA ALA A 81 -5.20 10.22 -1.47
C ALA A 81 -5.67 9.03 -0.63
N PRO A 82 -6.75 9.29 0.16
CA PRO A 82 -7.31 8.25 1.02
C PRO A 82 -8.11 7.24 0.19
N SER A 83 -8.28 7.55 -1.09
CA SER A 83 -9.01 6.68 -1.99
C SER A 83 -8.08 6.14 -3.08
N ALA A 84 -6.83 5.91 -2.68
CA ALA A 84 -5.84 5.41 -3.61
C ALA A 84 -5.65 3.90 -3.36
N ARG A 85 -5.91 3.12 -4.39
CA ARG A 85 -5.77 1.68 -4.31
C ARG A 85 -4.50 1.22 -5.03
N GLN A 86 -3.95 2.14 -5.82
CA GLN A 86 -2.74 1.85 -6.57
C GLN A 86 -1.97 3.13 -6.85
N TYR A 87 -0.71 2.95 -7.26
CA TYR A 87 0.14 4.09 -7.56
C TYR A 87 1.06 3.78 -8.74
N THR A 88 1.45 4.83 -9.45
CA THR A 88 2.32 4.68 -10.60
C THR A 88 3.67 5.37 -10.33
N ALA A 89 4.74 4.62 -10.56
CA ALA A 89 6.08 5.15 -10.35
C ALA A 89 6.71 5.47 -11.71
N THR A 90 7.42 6.58 -11.74
CA THR A 90 8.09 7.01 -12.97
C THR A 90 9.42 7.68 -12.65
N GLY A 91 10.42 7.31 -13.42
CA GLY A 91 11.75 7.86 -13.24
C GLY A 91 12.60 6.98 -12.32
N LEU A 92 12.60 5.69 -12.64
CA LEU A 92 13.35 4.72 -11.85
C LEU A 92 14.46 4.12 -12.72
N LYS A 93 15.39 3.46 -12.05
CA LYS A 93 16.51 2.84 -12.75
C LYS A 93 16.16 1.39 -13.08
N PRO A 94 16.33 1.04 -14.39
CA PRO A 94 16.03 -0.30 -14.84
C PRO A 94 17.13 -1.28 -14.41
N GLU A 95 16.74 -2.56 -14.34
CA GLU A 95 17.68 -3.60 -13.94
C GLU A 95 18.11 -3.39 -12.48
N SER A 96 17.11 -3.35 -11.61
CA SER A 96 17.37 -3.16 -10.19
C SER A 96 16.12 -3.55 -9.38
N VAL A 97 16.22 -3.32 -8.08
CA VAL A 97 15.12 -3.63 -7.18
C VAL A 97 14.72 -2.37 -6.42
N TYR A 98 13.41 -2.19 -6.27
CA TYR A 98 12.89 -1.03 -5.57
C TYR A 98 11.92 -1.46 -4.46
N LEU A 99 12.11 -0.86 -3.30
CA LEU A 99 11.27 -1.17 -2.15
C LEU A 99 10.14 -0.14 -2.07
N PHE A 100 8.92 -0.65 -2.13
CA PHE A 100 7.74 0.21 -2.06
C PHE A 100 7.04 0.07 -0.71
N ARG A 101 7.09 1.15 0.07
CA ARG A 101 6.45 1.14 1.38
C ARG A 101 5.15 1.94 1.33
N ILE A 102 4.06 1.22 1.54
CA ILE A 102 2.74 1.84 1.54
C ILE A 102 2.30 2.13 2.97
N THR A 103 1.68 3.29 3.14
CA THR A 103 1.22 3.71 4.45
C THR A 103 -0.05 4.56 4.32
N ALA A 104 -0.77 4.64 5.43
CA ALA A 104 -2.01 5.41 5.45
C ALA A 104 -1.82 6.63 6.35
N GLN A 105 -2.69 7.61 6.16
CA GLN A 105 -2.63 8.83 6.94
C GLN A 105 -3.98 9.08 7.63
N THR A 106 -3.94 9.14 8.95
CA THR A 106 -5.14 9.37 9.73
C THR A 106 -4.96 10.60 10.63
N ARG A 107 -5.90 10.77 11.54
CA ARG A 107 -5.87 11.88 12.47
C ARG A 107 -4.86 11.62 13.58
N LYS A 108 -4.19 10.48 13.48
CA LYS A 108 -3.19 10.10 14.47
C LYS A 108 -1.79 10.35 13.90
N GLY A 109 -1.61 9.91 12.67
CA GLY A 109 -0.32 10.08 12.01
C GLY A 109 -0.17 9.08 10.85
N TRP A 110 0.88 8.28 10.95
CA TRP A 110 1.15 7.27 9.93
C TRP A 110 1.35 5.93 10.62
N GLY A 111 0.37 5.06 10.44
CA GLY A 111 0.42 3.73 11.04
C GLY A 111 1.43 2.85 10.33
N GLU A 112 1.32 1.55 10.57
CA GLU A 112 2.22 0.59 9.96
C GLU A 112 2.35 0.86 8.46
N ALA A 113 3.38 0.27 7.88
CA ALA A 113 3.63 0.43 6.45
C ALA A 113 3.95 -0.92 5.83
N ALA A 114 3.39 -1.15 4.65
CA ALA A 114 3.61 -2.40 3.94
C ALA A 114 4.77 -2.22 2.96
N GLU A 115 5.80 -3.04 3.15
CA GLU A 115 6.97 -2.99 2.30
C GLU A 115 6.87 -4.05 1.20
N ALA A 116 6.99 -3.59 -0.04
CA ALA A 116 6.91 -4.48 -1.17
C ALA A 116 8.01 -4.12 -2.17
N LEU A 117 8.84 -5.10 -2.48
CA LEU A 117 9.93 -4.90 -3.42
C LEU A 117 9.46 -5.25 -4.83
N VAL A 118 10.10 -4.63 -5.81
CA VAL A 118 9.76 -4.86 -7.20
C VAL A 118 10.96 -4.53 -8.08
N VAL A 119 11.35 -5.51 -8.90
CA VAL A 119 12.48 -5.33 -9.80
C VAL A 119 12.01 -4.59 -11.05
N THR A 120 12.93 -3.81 -11.60
CA THR A 120 12.63 -3.04 -12.80
C THR A 120 13.23 -3.71 -14.04
N THR A 121 12.35 -4.21 -14.89
CA THR A 121 12.78 -4.87 -16.10
C THR A 121 11.56 -5.25 -16.96
N GLU A 122 11.85 -5.63 -18.20
CA GLU A 122 10.80 -6.01 -19.12
C GLU A 122 10.49 -7.51 -19.00
N LYS A 123 11.56 -8.29 -18.92
CA LYS A 123 11.43 -9.73 -18.80
C LYS A 123 10.62 -10.05 -17.53
N ARG A 124 9.91 -11.16 -17.60
CA ARG A 124 9.09 -11.60 -16.48
C ARG A 124 9.74 -12.79 -15.78
N SER A 125 9.72 -12.75 -14.45
CA SER A 125 10.30 -13.83 -13.66
C SER A 125 9.70 -13.82 -12.26
N GLY A 126 9.60 -15.01 -11.69
CA GLY A 126 9.05 -15.17 -10.35
C GLY A 126 9.76 -16.28 -9.58
N PRO A 127 11.02 -15.98 -9.17
CA PRO A 127 11.81 -16.95 -8.43
C PRO A 127 11.33 -17.06 -6.99
N SER A 128 10.15 -17.65 -6.83
CA SER A 128 9.57 -17.82 -5.51
C SER A 128 9.69 -19.28 -5.07
N SER A 129 9.60 -19.47 -3.76
CA SER A 129 9.70 -20.81 -3.21
C SER A 129 11.03 -21.46 -3.62
N GLY A 130 11.95 -21.53 -2.67
CA GLY A 130 13.26 -22.12 -2.93
C GLY A 130 14.28 -21.04 -3.27
N GLY A 1 9.89 18.15 -18.31
CA GLY A 1 8.78 17.49 -18.98
C GLY A 1 8.93 15.97 -18.89
N SER A 2 7.91 15.29 -19.41
CA SER A 2 7.91 13.83 -19.39
C SER A 2 6.68 13.31 -20.13
N SER A 3 6.86 13.02 -21.41
CA SER A 3 5.78 12.50 -22.23
C SER A 3 6.15 11.13 -22.78
N GLY A 4 5.11 10.35 -23.06
CA GLY A 4 5.31 9.01 -23.59
C GLY A 4 4.50 7.97 -22.81
N SER A 5 3.39 7.57 -23.41
CA SER A 5 2.52 6.59 -22.78
C SER A 5 1.50 6.05 -23.80
N SER A 6 1.34 4.73 -23.79
CA SER A 6 0.41 4.09 -24.69
C SER A 6 0.43 2.57 -24.47
N GLY A 7 -0.46 2.12 -23.63
CA GLY A 7 -0.56 0.69 -23.32
C GLY A 7 -1.93 0.36 -22.71
N ARG A 8 -2.01 -0.85 -22.19
CA ARG A 8 -3.25 -1.31 -21.57
C ARG A 8 -3.09 -1.37 -20.05
N ILE A 9 -4.16 -0.99 -19.37
CA ILE A 9 -4.16 -0.98 -17.92
C ILE A 9 -4.57 -2.38 -17.40
N GLY A 10 -3.90 -2.80 -16.34
CA GLY A 10 -4.18 -4.09 -15.75
C GLY A 10 -4.97 -3.95 -14.46
N ASP A 11 -5.39 -5.09 -13.92
CA ASP A 11 -6.16 -5.11 -12.69
C ASP A 11 -5.73 -6.30 -11.85
N GLY A 12 -5.85 -6.13 -10.53
CA GLY A 12 -5.48 -7.20 -9.61
C GLY A 12 -6.68 -8.10 -9.30
N SER A 13 -6.89 -8.34 -8.02
CA SER A 13 -8.00 -9.19 -7.60
C SER A 13 -8.97 -8.37 -6.74
N PRO A 14 -10.04 -7.86 -7.41
CA PRO A 14 -11.05 -7.08 -6.72
C PRO A 14 -11.96 -7.96 -5.87
N SER A 15 -11.60 -8.09 -4.61
CA SER A 15 -12.38 -8.90 -3.69
C SER A 15 -12.70 -8.10 -2.42
N HIS A 16 -13.89 -8.33 -1.90
CA HIS A 16 -14.34 -7.64 -0.70
C HIS A 16 -13.68 -8.29 0.53
N PRO A 17 -13.08 -7.42 1.38
CA PRO A 17 -12.42 -7.89 2.58
C PRO A 17 -13.45 -8.28 3.66
N PRO A 18 -13.00 -9.15 4.60
CA PRO A 18 -13.86 -9.60 5.67
C PRO A 18 -14.05 -8.51 6.72
N ILE A 19 -15.02 -8.72 7.59
CA ILE A 19 -15.30 -7.77 8.65
C ILE A 19 -14.21 -7.86 9.72
N LEU A 20 -13.80 -6.70 10.21
CA LEU A 20 -12.76 -6.65 11.24
C LEU A 20 -12.52 -5.19 11.62
N GLU A 21 -12.92 -4.86 12.85
CA GLU A 21 -12.76 -3.50 13.35
C GLU A 21 -12.54 -3.53 14.86
N ARG A 22 -12.01 -2.42 15.37
CA ARG A 22 -11.74 -2.29 16.79
C ARG A 22 -12.32 -0.99 17.32
N THR A 23 -12.52 -0.97 18.64
CA THR A 23 -13.08 0.21 19.29
C THR A 23 -11.96 1.19 19.65
N LEU A 24 -10.81 0.63 19.99
CA LEU A 24 -9.66 1.44 20.35
C LEU A 24 -9.21 2.26 19.14
N ASP A 25 -8.93 3.53 19.40
CA ASP A 25 -8.50 4.44 18.34
C ASP A 25 -6.98 4.39 18.24
N ASP A 26 -6.49 4.59 17.02
CA ASP A 26 -5.06 4.58 16.77
C ASP A 26 -4.80 4.40 15.27
N VAL A 27 -3.65 4.88 14.84
CA VAL A 27 -3.27 4.78 13.44
C VAL A 27 -3.69 3.41 12.90
N PRO A 28 -3.80 3.34 11.55
CA PRO A 28 -4.20 2.10 10.90
C PRO A 28 -3.05 1.09 10.89
N GLY A 29 -3.35 -0.10 10.40
CA GLY A 29 -2.36 -1.15 10.33
C GLY A 29 -1.64 -1.14 8.98
N PRO A 30 -0.87 -2.24 8.72
CA PRO A 30 -0.14 -2.36 7.48
C PRO A 30 -1.07 -2.70 6.31
N PRO A 31 -0.84 -1.99 5.17
CA PRO A 31 -1.65 -2.21 3.98
C PRO A 31 -1.27 -3.52 3.30
N MET A 32 -2.17 -4.49 3.42
CA MET A 32 -1.95 -5.79 2.82
C MET A 32 -2.52 -5.85 1.40
N GLY A 33 -2.06 -6.84 0.65
CA GLY A 33 -2.51 -7.02 -0.72
C GLY A 33 -1.64 -6.21 -1.69
N ILE A 34 -0.33 -6.31 -1.47
CA ILE A 34 0.62 -5.61 -2.31
C ILE A 34 1.05 -6.51 -3.47
N LEU A 35 0.73 -6.07 -4.67
CA LEU A 35 1.08 -6.83 -5.86
C LEU A 35 1.49 -5.87 -6.98
N PHE A 36 2.29 -6.38 -7.89
CA PHE A 36 2.76 -5.59 -9.01
C PHE A 36 2.27 -6.17 -10.35
N PRO A 37 1.11 -5.66 -10.82
CA PRO A 37 0.54 -6.12 -12.06
C PRO A 37 1.31 -5.56 -13.27
N GLU A 38 1.54 -4.26 -13.22
CA GLU A 38 2.26 -3.58 -14.30
C GLU A 38 3.52 -2.92 -13.75
N VAL A 39 4.66 -3.49 -14.11
CA VAL A 39 5.95 -2.97 -13.67
C VAL A 39 6.93 -3.00 -14.84
N ARG A 40 7.33 -1.82 -15.27
CA ARG A 40 8.27 -1.70 -16.37
C ARG A 40 9.67 -1.36 -15.84
N THR A 41 10.49 -0.87 -16.75
CA THR A 41 11.86 -0.49 -16.39
C THR A 41 11.85 0.78 -15.54
N THR A 42 11.85 1.91 -16.22
CA THR A 42 11.84 3.20 -15.55
C THR A 42 10.41 3.64 -15.25
N SER A 43 9.53 2.65 -15.15
CA SER A 43 8.13 2.92 -14.88
C SER A 43 7.44 1.65 -14.39
N VAL A 44 7.00 1.68 -13.14
CA VAL A 44 6.33 0.54 -12.55
C VAL A 44 4.98 0.99 -11.98
N ARG A 45 4.13 0.01 -11.72
CA ARG A 45 2.81 0.28 -11.18
C ARG A 45 2.34 -0.88 -10.30
N LEU A 46 2.22 -0.59 -9.01
CA LEU A 46 1.78 -1.59 -8.06
C LEU A 46 0.42 -1.19 -7.49
N ILE A 47 -0.18 -2.13 -6.77
CA ILE A 47 -1.49 -1.88 -6.16
C ILE A 47 -1.49 -2.41 -4.73
N TRP A 48 -2.43 -1.91 -3.95
CA TRP A 48 -2.54 -2.32 -2.56
C TRP A 48 -4.02 -2.22 -2.16
N GLN A 49 -4.29 -2.59 -0.91
CA GLN A 49 -5.64 -2.55 -0.40
C GLN A 49 -5.66 -1.92 0.98
N PRO A 50 -6.89 -1.48 1.41
CA PRO A 50 -7.06 -0.86 2.71
C PRO A 50 -7.01 -1.91 3.82
N PRO A 51 -6.53 -1.45 5.02
CA PRO A 51 -6.43 -2.33 6.17
C PRO A 51 -7.81 -2.61 6.77
N ALA A 52 -8.15 -3.88 6.81
CA ALA A 52 -9.44 -4.29 7.37
C ALA A 52 -9.69 -3.53 8.67
N ALA A 53 -8.61 -3.18 9.34
CA ALA A 53 -8.69 -2.45 10.59
C ALA A 53 -8.04 -1.08 10.44
N PRO A 54 -8.85 -0.11 9.92
CA PRO A 54 -8.36 1.24 9.72
C PRO A 54 -8.24 1.98 11.04
N ASN A 55 -9.19 1.71 11.94
CA ASN A 55 -9.19 2.35 13.24
C ASN A 55 -8.87 3.83 13.08
N GLY A 56 -9.54 4.45 12.11
CA GLY A 56 -9.33 5.86 11.84
C GLY A 56 -9.62 6.19 10.38
N ILE A 57 -10.44 7.21 10.18
CA ILE A 57 -10.80 7.63 8.83
C ILE A 57 -9.53 8.00 8.07
N ILE A 58 -9.24 7.21 7.04
CA ILE A 58 -8.07 7.44 6.23
C ILE A 58 -8.15 8.83 5.61
N LEU A 59 -7.04 9.55 5.69
CA LEU A 59 -6.96 10.90 5.15
C LEU A 59 -6.11 10.89 3.88
N ALA A 60 -5.24 9.88 3.80
CA ALA A 60 -4.36 9.75 2.64
C ALA A 60 -3.40 8.59 2.88
N TYR A 61 -2.43 8.47 1.98
CA TYR A 61 -1.44 7.42 2.08
C TYR A 61 -0.06 7.91 1.67
N GLN A 62 0.93 7.04 1.84
CA GLN A 62 2.30 7.39 1.48
C GLN A 62 2.98 6.20 0.80
N ILE A 63 3.66 6.50 -0.30
CA ILE A 63 4.35 5.47 -1.05
C ILE A 63 5.82 5.86 -1.19
N THR A 64 6.66 5.17 -0.44
CA THR A 64 8.09 5.42 -0.47
C THR A 64 8.81 4.37 -1.31
N HIS A 65 9.49 4.84 -2.34
CA HIS A 65 10.22 3.95 -3.23
C HIS A 65 11.69 4.36 -3.28
N ARG A 66 12.56 3.36 -3.22
CA ARG A 66 13.98 3.62 -3.26
C ARG A 66 14.74 2.33 -3.62
N LEU A 67 15.81 2.51 -4.37
CA LEU A 67 16.62 1.38 -4.79
C LEU A 67 17.16 0.66 -3.55
N ASN A 68 16.69 -0.58 -3.38
CA ASN A 68 17.11 -1.38 -2.25
C ASN A 68 18.60 -1.16 -2.00
N THR A 69 19.32 -0.88 -3.07
CA THR A 69 20.75 -0.64 -2.97
C THR A 69 21.14 0.59 -3.79
N THR A 70 21.48 1.65 -3.06
CA THR A 70 21.88 2.90 -3.70
C THR A 70 22.55 3.83 -2.68
N THR A 71 22.79 5.05 -3.12
CA THR A 71 23.43 6.04 -2.27
C THR A 71 22.92 7.44 -2.60
N ALA A 72 21.99 7.91 -1.76
CA ALA A 72 21.42 9.23 -1.96
C ALA A 72 21.16 9.87 -0.59
N ASN A 73 20.53 11.03 -0.62
CA ASN A 73 20.23 11.76 0.59
C ASN A 73 19.01 11.13 1.27
N THR A 74 18.00 10.83 0.45
CA THR A 74 16.78 10.23 0.95
C THR A 74 15.94 9.69 -0.20
N ALA A 75 14.92 8.92 0.15
CA ALA A 75 14.03 8.34 -0.85
C ALA A 75 12.92 9.35 -1.18
N THR A 76 12.36 9.19 -2.37
CA THR A 76 11.30 10.08 -2.81
C THR A 76 9.95 9.62 -2.24
N VAL A 77 9.58 10.27 -1.14
CA VAL A 77 8.33 9.95 -0.48
C VAL A 77 7.20 10.76 -1.12
N GLU A 78 6.10 10.06 -1.43
CA GLU A 78 4.96 10.70 -2.04
C GLU A 78 3.68 10.38 -1.25
N VAL A 79 2.88 11.41 -1.04
CA VAL A 79 1.65 11.26 -0.30
C VAL A 79 0.49 11.08 -1.28
N LEU A 80 -0.28 10.03 -1.06
CA LEU A 80 -1.41 9.73 -1.91
C LEU A 80 -2.71 10.07 -1.17
N ALA A 81 -3.81 10.03 -1.91
CA ALA A 81 -5.11 10.32 -1.34
C ALA A 81 -5.59 9.14 -0.51
N PRO A 82 -6.67 9.37 0.27
CA PRO A 82 -7.24 8.33 1.10
C PRO A 82 -8.03 7.32 0.27
N SER A 83 -8.21 7.67 -0.99
CA SER A 83 -8.94 6.81 -1.91
C SER A 83 -7.99 6.24 -2.97
N ALA A 84 -6.75 6.02 -2.56
CA ALA A 84 -5.75 5.50 -3.46
C ALA A 84 -5.70 3.97 -3.33
N ARG A 85 -5.76 3.30 -4.47
CA ARG A 85 -5.72 1.86 -4.50
C ARG A 85 -4.43 1.37 -5.15
N GLN A 86 -3.86 2.24 -5.97
CA GLN A 86 -2.62 1.91 -6.67
C GLN A 86 -1.80 3.18 -6.91
N TYR A 87 -0.56 2.97 -7.32
CA TYR A 87 0.33 4.08 -7.60
C TYR A 87 1.36 3.71 -8.67
N THR A 88 1.58 4.65 -9.58
CA THR A 88 2.53 4.43 -10.66
C THR A 88 3.85 5.16 -10.37
N ALA A 89 4.93 4.40 -10.40
CA ALA A 89 6.24 4.96 -10.14
C ALA A 89 6.97 5.18 -11.47
N THR A 90 7.38 6.43 -11.68
CA THR A 90 8.09 6.78 -12.90
C THR A 90 9.45 7.38 -12.57
N GLY A 91 10.35 7.29 -13.54
CA GLY A 91 11.70 7.83 -13.36
C GLY A 91 12.52 6.93 -12.43
N LEU A 92 12.73 5.70 -12.87
CA LEU A 92 13.49 4.75 -12.09
C LEU A 92 14.60 4.15 -12.96
N LYS A 93 15.47 3.40 -12.31
CA LYS A 93 16.58 2.76 -13.01
C LYS A 93 16.27 1.28 -13.22
N PRO A 94 16.43 0.83 -14.49
CA PRO A 94 16.17 -0.56 -14.82
C PRO A 94 17.29 -1.47 -14.31
N GLU A 95 16.97 -2.75 -14.21
CA GLU A 95 17.93 -3.73 -13.74
C GLU A 95 18.29 -3.47 -12.27
N SER A 96 17.26 -3.17 -11.49
CA SER A 96 17.45 -2.89 -10.08
C SER A 96 16.22 -3.31 -9.29
N VAL A 97 16.26 -3.05 -7.99
CA VAL A 97 15.16 -3.39 -7.11
C VAL A 97 14.72 -2.15 -6.34
N TYR A 98 13.40 -2.00 -6.23
CA TYR A 98 12.85 -0.86 -5.52
C TYR A 98 11.86 -1.32 -4.44
N LEU A 99 12.07 -0.82 -3.24
CA LEU A 99 11.22 -1.17 -2.11
C LEU A 99 10.09 -0.14 -2.00
N PHE A 100 8.87 -0.63 -2.19
CA PHE A 100 7.70 0.23 -2.11
C PHE A 100 7.03 0.12 -0.75
N ARG A 101 7.08 1.21 0.00
CA ARG A 101 6.49 1.26 1.32
C ARG A 101 5.16 2.02 1.28
N ILE A 102 4.08 1.29 1.50
CA ILE A 102 2.76 1.88 1.49
C ILE A 102 2.32 2.16 2.93
N THR A 103 1.71 3.32 3.12
CA THR A 103 1.23 3.71 4.43
C THR A 103 -0.02 4.59 4.31
N ALA A 104 -0.78 4.61 5.39
CA ALA A 104 -1.99 5.40 5.42
C ALA A 104 -1.83 6.56 6.41
N GLN A 105 -2.65 7.58 6.21
CA GLN A 105 -2.60 8.77 7.06
C GLN A 105 -3.96 9.00 7.71
N THR A 106 -3.95 9.04 9.03
CA THR A 106 -5.17 9.26 9.79
C THR A 106 -5.02 10.48 10.70
N ARG A 107 -5.98 10.62 11.61
CA ARG A 107 -5.96 11.72 12.56
C ARG A 107 -4.87 11.50 13.61
N LYS A 108 -4.43 10.25 13.71
CA LYS A 108 -3.39 9.91 14.67
C LYS A 108 -2.01 10.13 14.03
N GLY A 109 -1.89 9.72 12.78
CA GLY A 109 -0.65 9.87 12.05
C GLY A 109 -0.50 8.80 10.97
N TRP A 110 0.69 8.23 10.91
CA TRP A 110 0.97 7.19 9.93
C TRP A 110 1.16 5.88 10.69
N GLY A 111 0.28 4.93 10.40
CA GLY A 111 0.34 3.63 11.05
C GLY A 111 1.39 2.74 10.37
N GLU A 112 1.16 1.44 10.45
CA GLU A 112 2.07 0.47 9.86
C GLU A 112 2.28 0.79 8.37
N ALA A 113 3.32 0.20 7.82
CA ALA A 113 3.65 0.40 6.42
C ALA A 113 3.99 -0.94 5.77
N ALA A 114 3.44 -1.15 4.58
CA ALA A 114 3.67 -2.38 3.85
C ALA A 114 4.83 -2.18 2.88
N GLU A 115 5.85 -3.01 3.04
CA GLU A 115 7.02 -2.93 2.18
C GLU A 115 6.95 -3.99 1.09
N ALA A 116 7.04 -3.53 -0.15
CA ALA A 116 6.99 -4.44 -1.29
C ALA A 116 8.10 -4.07 -2.28
N LEU A 117 8.95 -5.05 -2.55
CA LEU A 117 10.05 -4.84 -3.48
C LEU A 117 9.61 -5.22 -4.88
N VAL A 118 10.13 -4.48 -5.85
CA VAL A 118 9.80 -4.72 -7.25
C VAL A 118 11.00 -4.35 -8.13
N VAL A 119 11.41 -5.31 -8.95
CA VAL A 119 12.53 -5.09 -9.83
C VAL A 119 12.04 -4.44 -11.13
N THR A 120 12.92 -3.65 -11.73
CA THR A 120 12.58 -2.96 -12.97
C THR A 120 13.15 -3.72 -14.17
N THR A 121 12.25 -4.27 -14.97
CA THR A 121 12.66 -5.02 -16.15
C THR A 121 11.42 -5.48 -16.92
N GLU A 122 11.68 -6.02 -18.11
CA GLU A 122 10.61 -6.50 -18.96
C GLU A 122 10.44 -8.02 -18.78
N LYS A 123 11.49 -8.65 -18.28
CA LYS A 123 11.48 -10.09 -18.06
C LYS A 123 10.79 -10.38 -16.72
N ARG A 124 9.76 -11.21 -16.79
CA ARG A 124 9.03 -11.58 -15.59
C ARG A 124 8.65 -13.07 -15.63
N SER A 125 8.80 -13.71 -14.49
CA SER A 125 8.49 -15.12 -14.38
C SER A 125 7.32 -15.33 -13.42
N GLY A 126 7.44 -14.72 -12.24
CA GLY A 126 6.41 -14.83 -11.23
C GLY A 126 6.89 -15.66 -10.04
N PRO A 127 7.01 -14.98 -8.87
CA PRO A 127 7.46 -15.64 -7.66
C PRO A 127 6.36 -16.53 -7.08
N SER A 128 6.72 -17.27 -6.05
CA SER A 128 5.78 -18.16 -5.40
C SER A 128 5.22 -17.50 -4.13
N SER A 129 6.12 -17.23 -3.20
CA SER A 129 5.73 -16.59 -1.95
C SER A 129 6.79 -15.56 -1.54
N GLY A 130 6.33 -14.55 -0.81
CA GLY A 130 7.21 -13.49 -0.35
C GLY A 130 6.57 -12.71 0.81
N GLY A 1 24.21 -1.10 22.20
CA GLY A 1 23.05 -1.67 21.53
C GLY A 1 23.22 -1.64 20.01
N SER A 2 22.11 -1.39 19.33
CA SER A 2 22.12 -1.32 17.87
C SER A 2 21.85 0.10 17.40
N SER A 3 22.89 0.76 16.93
CA SER A 3 22.78 2.12 16.44
C SER A 3 22.12 2.13 15.06
N GLY A 4 20.88 2.63 15.03
CA GLY A 4 20.14 2.70 13.78
C GLY A 4 19.35 1.42 13.55
N SER A 5 19.80 0.65 12.56
CA SER A 5 19.14 -0.59 12.22
C SER A 5 17.62 -0.43 12.30
N SER A 6 17.05 0.00 11.18
CA SER A 6 15.61 0.20 11.11
C SER A 6 14.89 -1.15 11.08
N GLY A 7 15.22 -1.94 10.08
CA GLY A 7 14.62 -3.25 9.93
C GLY A 7 13.09 -3.15 9.86
N ARG A 8 12.44 -3.94 10.69
CA ARG A 8 10.99 -3.95 10.74
C ARG A 8 10.42 -4.17 9.33
N ILE A 9 10.15 -5.43 9.04
CA ILE A 9 9.60 -5.79 7.74
C ILE A 9 8.10 -6.08 7.88
N GLY A 10 7.34 -5.63 6.89
CA GLY A 10 5.91 -5.84 6.90
C GLY A 10 5.55 -7.26 6.45
N ASP A 11 4.28 -7.59 6.60
CA ASP A 11 3.80 -8.91 6.21
C ASP A 11 2.30 -8.83 5.92
N GLY A 12 1.90 -9.51 4.86
CA GLY A 12 0.51 -9.53 4.46
C GLY A 12 -0.12 -10.89 4.74
N SER A 13 -1.41 -10.86 5.07
CA SER A 13 -2.14 -12.09 5.36
C SER A 13 -3.33 -12.22 4.41
N PRO A 14 -3.42 -13.41 3.76
CA PRO A 14 -4.51 -13.67 2.83
C PRO A 14 -5.81 -13.95 3.58
N SER A 15 -6.20 -12.98 4.41
CA SER A 15 -7.42 -13.12 5.18
C SER A 15 -7.66 -11.84 5.99
N HIS A 16 -8.94 -11.56 6.23
CA HIS A 16 -9.32 -10.37 6.98
C HIS A 16 -9.64 -10.76 8.42
N PRO A 17 -9.20 -9.88 9.36
CA PRO A 17 -9.44 -10.13 10.78
C PRO A 17 -10.90 -9.86 11.15
N PRO A 18 -11.24 -10.21 12.41
CA PRO A 18 -12.60 -10.01 12.90
C PRO A 18 -12.86 -8.53 13.20
N ILE A 19 -14.14 -8.21 13.37
CA ILE A 19 -14.53 -6.84 13.66
C ILE A 19 -14.12 -5.94 12.49
N LEU A 20 -14.97 -4.95 12.23
CA LEU A 20 -14.71 -4.02 11.15
C LEU A 20 -15.26 -2.65 11.52
N GLU A 21 -14.54 -1.98 12.41
CA GLU A 21 -14.95 -0.65 12.86
C GLU A 21 -13.87 -0.04 13.75
N ARG A 22 -13.95 1.28 13.90
CA ARG A 22 -12.99 2.00 14.72
C ARG A 22 -13.27 1.77 16.20
N THR A 23 -12.90 0.60 16.67
CA THR A 23 -13.12 0.25 18.07
C THR A 23 -12.21 1.10 18.97
N LEU A 24 -10.94 1.14 18.61
CA LEU A 24 -9.98 1.91 19.38
C LEU A 24 -9.36 2.99 18.49
N ASP A 25 -8.95 4.08 19.12
CA ASP A 25 -8.34 5.18 18.40
C ASP A 25 -6.83 4.97 18.31
N ASP A 26 -6.34 4.97 17.09
CA ASP A 26 -4.92 4.78 16.84
C ASP A 26 -4.67 4.59 15.35
N VAL A 27 -3.49 5.00 14.92
CA VAL A 27 -3.12 4.87 13.53
C VAL A 27 -3.59 3.52 12.98
N PRO A 28 -3.72 3.46 11.63
CA PRO A 28 -4.17 2.24 10.98
C PRO A 28 -3.06 1.19 10.96
N GLY A 29 -3.38 0.04 10.39
CA GLY A 29 -2.43 -1.05 10.31
C GLY A 29 -1.73 -1.06 8.94
N PRO A 30 -0.96 -2.15 8.70
CA PRO A 30 -0.24 -2.30 7.44
C PRO A 30 -1.18 -2.68 6.31
N PRO A 31 -0.97 -2.03 5.13
CA PRO A 31 -1.80 -2.29 3.97
C PRO A 31 -1.43 -3.63 3.33
N MET A 32 -2.34 -4.58 3.45
CA MET A 32 -2.13 -5.90 2.89
C MET A 32 -2.67 -5.99 1.45
N GLY A 33 -2.17 -6.98 0.74
CA GLY A 33 -2.59 -7.19 -0.64
C GLY A 33 -1.72 -6.38 -1.60
N ILE A 34 -0.41 -6.52 -1.44
CA ILE A 34 0.53 -5.82 -2.29
C ILE A 34 0.95 -6.72 -3.45
N LEU A 35 0.75 -6.21 -4.65
CA LEU A 35 1.09 -6.95 -5.85
C LEU A 35 1.53 -5.98 -6.94
N PHE A 36 2.39 -6.46 -7.82
CA PHE A 36 2.90 -5.65 -8.92
C PHE A 36 2.43 -6.21 -10.26
N PRO A 37 1.26 -5.69 -10.72
CA PRO A 37 0.71 -6.12 -11.99
C PRO A 37 1.48 -5.52 -13.16
N GLU A 38 1.68 -4.21 -13.09
CA GLU A 38 2.39 -3.50 -14.14
C GLU A 38 3.71 -2.95 -13.59
N VAL A 39 4.80 -3.43 -14.18
CA VAL A 39 6.12 -3.00 -13.76
C VAL A 39 7.02 -2.86 -14.99
N ARG A 40 7.57 -1.67 -15.16
CA ARG A 40 8.45 -1.40 -16.29
C ARG A 40 9.87 -1.12 -15.80
N THR A 41 10.69 -0.64 -16.72
CA THR A 41 12.08 -0.34 -16.39
C THR A 41 12.15 0.90 -15.50
N THR A 42 12.06 2.06 -16.13
CA THR A 42 12.12 3.32 -15.41
C THR A 42 10.72 3.75 -14.98
N SER A 43 9.89 2.75 -14.70
CA SER A 43 8.53 3.01 -14.26
C SER A 43 7.85 1.70 -13.89
N VAL A 44 6.90 1.81 -12.96
CA VAL A 44 6.16 0.64 -12.50
C VAL A 44 4.78 1.07 -12.00
N ARG A 45 4.01 0.09 -11.59
CA ARG A 45 2.66 0.35 -11.09
C ARG A 45 2.17 -0.81 -10.24
N LEU A 46 2.20 -0.60 -8.93
CA LEU A 46 1.76 -1.63 -8.00
C LEU A 46 0.38 -1.26 -7.46
N ILE A 47 -0.22 -2.20 -6.74
CA ILE A 47 -1.53 -2.00 -6.17
C ILE A 47 -1.55 -2.56 -4.75
N TRP A 48 -2.41 -1.97 -3.92
CA TRP A 48 -2.54 -2.40 -2.55
C TRP A 48 -4.01 -2.29 -2.14
N GLN A 49 -4.27 -2.53 -0.87
CA GLN A 49 -5.63 -2.46 -0.35
C GLN A 49 -5.63 -1.84 1.04
N PRO A 50 -6.84 -1.36 1.46
CA PRO A 50 -6.98 -0.74 2.76
C PRO A 50 -6.98 -1.79 3.87
N PRO A 51 -6.49 -1.37 5.07
CA PRO A 51 -6.43 -2.26 6.22
C PRO A 51 -7.82 -2.48 6.82
N ALA A 52 -8.24 -3.73 6.81
CA ALA A 52 -9.54 -4.09 7.35
C ALA A 52 -9.76 -3.33 8.67
N ALA A 53 -8.67 -3.05 9.34
CA ALA A 53 -8.73 -2.33 10.61
C ALA A 53 -8.02 -0.99 10.47
N PRO A 54 -8.79 0.02 9.98
CA PRO A 54 -8.25 1.36 9.78
C PRO A 54 -8.09 2.08 11.13
N ASN A 55 -9.04 1.82 12.01
CA ASN A 55 -9.03 2.44 13.33
C ASN A 55 -8.72 3.93 13.19
N GLY A 56 -9.37 4.55 12.21
CA GLY A 56 -9.19 5.96 11.97
C GLY A 56 -9.50 6.31 10.51
N ILE A 57 -10.36 7.30 10.34
CA ILE A 57 -10.75 7.75 9.01
C ILE A 57 -9.49 8.11 8.20
N ILE A 58 -9.22 7.28 7.20
CA ILE A 58 -8.06 7.51 6.35
C ILE A 58 -8.16 8.90 5.72
N LEU A 59 -7.02 9.60 5.73
CA LEU A 59 -6.96 10.93 5.16
C LEU A 59 -6.15 10.90 3.88
N ALA A 60 -5.28 9.91 3.79
CA ALA A 60 -4.44 9.75 2.62
C ALA A 60 -3.48 8.57 2.82
N TYR A 61 -2.46 8.52 1.99
CA TYR A 61 -1.48 7.44 2.07
C TYR A 61 -0.10 7.94 1.64
N GLN A 62 0.88 7.06 1.79
CA GLN A 62 2.25 7.39 1.42
C GLN A 62 2.92 6.18 0.75
N ILE A 63 3.56 6.47 -0.38
CA ILE A 63 4.24 5.43 -1.13
C ILE A 63 5.71 5.83 -1.33
N THR A 64 6.58 5.22 -0.53
CA THR A 64 8.00 5.52 -0.63
C THR A 64 8.67 4.59 -1.64
N HIS A 65 9.28 5.20 -2.65
CA HIS A 65 9.95 4.45 -3.69
C HIS A 65 11.46 4.71 -3.61
N ARG A 66 12.22 3.62 -3.66
CA ARG A 66 13.67 3.72 -3.60
C ARG A 66 14.30 2.43 -4.10
N LEU A 67 15.62 2.37 -3.98
CA LEU A 67 16.36 1.21 -4.43
C LEU A 67 16.86 0.43 -3.20
N ASN A 68 16.92 -0.89 -3.37
CA ASN A 68 17.38 -1.75 -2.29
C ASN A 68 18.90 -1.88 -2.35
N THR A 69 19.53 -0.89 -2.96
CA THR A 69 20.98 -0.89 -3.09
C THR A 69 21.51 0.54 -3.10
N THR A 70 22.50 0.77 -3.94
CA THR A 70 23.11 2.09 -4.04
C THR A 70 23.45 2.62 -2.66
N THR A 71 23.51 3.94 -2.56
CA THR A 71 23.82 4.59 -1.30
C THR A 71 22.53 5.03 -0.59
N ALA A 72 22.67 5.25 0.71
CA ALA A 72 21.53 5.67 1.51
C ALA A 72 21.48 7.20 1.57
N ASN A 73 20.26 7.72 1.48
CA ASN A 73 20.06 9.15 1.52
C ASN A 73 18.59 9.47 1.26
N THR A 74 17.76 9.10 2.22
CA THR A 74 16.33 9.32 2.11
C THR A 74 15.80 8.80 0.78
N ALA A 75 14.49 8.66 0.70
CA ALA A 75 13.85 8.18 -0.50
C ALA A 75 12.71 9.13 -0.89
N THR A 76 12.51 9.24 -2.20
CA THR A 76 11.46 10.11 -2.72
C THR A 76 10.09 9.47 -2.50
N VAL A 77 9.44 9.90 -1.44
CA VAL A 77 8.12 9.39 -1.10
C VAL A 77 7.06 10.33 -1.65
N GLU A 78 5.85 9.79 -1.81
CA GLU A 78 4.74 10.56 -2.33
C GLU A 78 3.47 10.26 -1.54
N VAL A 79 2.74 11.33 -1.21
CA VAL A 79 1.51 11.19 -0.47
C VAL A 79 0.35 10.94 -1.44
N LEU A 80 -0.47 9.96 -1.09
CA LEU A 80 -1.62 9.61 -1.92
C LEU A 80 -2.90 9.93 -1.16
N ALA A 81 -4.00 9.91 -1.89
CA ALA A 81 -5.30 10.19 -1.30
C ALA A 81 -5.75 8.98 -0.49
N PRO A 82 -6.82 9.20 0.33
CA PRO A 82 -7.35 8.14 1.17
C PRO A 82 -8.15 7.14 0.34
N SER A 83 -8.28 7.44 -0.95
CA SER A 83 -9.01 6.58 -1.85
C SER A 83 -8.08 6.06 -2.95
N ALA A 84 -6.83 5.83 -2.56
CA ALA A 84 -5.84 5.34 -3.50
C ALA A 84 -5.65 3.84 -3.30
N ARG A 85 -5.85 3.09 -4.37
CA ARG A 85 -5.72 1.65 -4.33
C ARG A 85 -4.44 1.22 -5.05
N GLN A 86 -3.95 2.10 -5.90
CA GLN A 86 -2.73 1.82 -6.66
C GLN A 86 -1.98 3.12 -6.95
N TYR A 87 -0.72 2.98 -7.32
CA TYR A 87 0.11 4.13 -7.62
C TYR A 87 1.07 3.81 -8.78
N THR A 88 1.39 4.85 -9.53
CA THR A 88 2.28 4.70 -10.67
C THR A 88 3.62 5.40 -10.39
N ALA A 89 4.69 4.65 -10.57
CA ALA A 89 6.03 5.17 -10.35
C ALA A 89 6.67 5.49 -11.70
N THR A 90 7.39 6.60 -11.72
CA THR A 90 8.07 7.04 -12.93
C THR A 90 9.44 7.63 -12.59
N GLY A 91 10.42 7.27 -13.41
CA GLY A 91 11.78 7.75 -13.21
C GLY A 91 12.57 6.81 -12.29
N LEU A 92 12.60 5.55 -12.68
CA LEU A 92 13.31 4.55 -11.90
C LEU A 92 14.46 3.98 -12.74
N LYS A 93 15.34 3.24 -12.06
CA LYS A 93 16.48 2.65 -12.72
C LYS A 93 16.19 1.18 -13.01
N PRO A 94 16.39 0.79 -14.30
CA PRO A 94 16.15 -0.59 -14.71
C PRO A 94 17.28 -1.51 -14.22
N GLU A 95 16.95 -2.78 -14.10
CA GLU A 95 17.91 -3.77 -13.64
C GLU A 95 18.26 -3.53 -12.17
N SER A 96 17.23 -3.25 -11.39
CA SER A 96 17.42 -3.00 -9.97
C SER A 96 16.15 -3.37 -9.20
N VAL A 97 16.29 -3.38 -7.88
CA VAL A 97 15.16 -3.72 -7.02
C VAL A 97 14.72 -2.48 -6.25
N TYR A 98 13.42 -2.22 -6.29
CA TYR A 98 12.86 -1.07 -5.61
C TYR A 98 11.93 -1.50 -4.48
N LEU A 99 12.09 -0.84 -3.34
CA LEU A 99 11.27 -1.15 -2.17
C LEU A 99 10.11 -0.15 -2.09
N PHE A 100 8.90 -0.68 -2.21
CA PHE A 100 7.71 0.14 -2.15
C PHE A 100 7.04 0.03 -0.78
N ARG A 101 7.05 1.12 -0.05
CA ARG A 101 6.45 1.16 1.27
C ARG A 101 5.13 1.95 1.23
N ILE A 102 4.05 1.24 1.49
CA ILE A 102 2.74 1.86 1.49
C ILE A 102 2.31 2.16 2.93
N THR A 103 1.71 3.32 3.11
CA THR A 103 1.25 3.74 4.42
C THR A 103 -0.01 4.60 4.31
N ALA A 104 -0.73 4.68 5.41
CA ALA A 104 -1.95 5.46 5.44
C ALA A 104 -1.77 6.66 6.38
N GLN A 105 -2.63 7.65 6.20
CA GLN A 105 -2.56 8.85 7.02
C GLN A 105 -3.91 9.10 7.71
N THR A 106 -3.86 9.15 9.02
CA THR A 106 -5.06 9.37 9.81
C THR A 106 -4.89 10.59 10.71
N ARG A 107 -5.82 10.73 11.65
CA ARG A 107 -5.78 11.85 12.58
C ARG A 107 -4.69 11.62 13.63
N LYS A 108 -4.19 10.39 13.67
CA LYS A 108 -3.15 10.03 14.61
C LYS A 108 -1.78 10.26 13.98
N GLY A 109 -1.67 9.84 12.73
CA GLY A 109 -0.42 9.98 11.99
C GLY A 109 -0.31 8.93 10.88
N TRP A 110 0.82 8.23 10.89
CA TRP A 110 1.06 7.21 9.90
C TRP A 110 1.26 5.88 10.64
N GLY A 111 0.34 4.97 10.42
CA GLY A 111 0.39 3.66 11.05
C GLY A 111 1.40 2.75 10.33
N GLU A 112 1.19 1.45 10.50
CA GLU A 112 2.06 0.47 9.87
C GLU A 112 2.22 0.77 8.38
N ALA A 113 3.24 0.17 7.80
CA ALA A 113 3.50 0.35 6.38
C ALA A 113 3.83 -1.00 5.73
N ALA A 114 3.31 -1.19 4.53
CA ALA A 114 3.55 -2.42 3.80
C ALA A 114 4.73 -2.24 2.86
N GLU A 115 5.74 -3.08 3.06
CA GLU A 115 6.94 -3.03 2.24
C GLU A 115 6.89 -4.10 1.15
N ALA A 116 6.96 -3.65 -0.09
CA ALA A 116 6.93 -4.56 -1.22
C ALA A 116 8.05 -4.20 -2.19
N LEU A 117 8.84 -5.21 -2.54
CA LEU A 117 9.96 -5.02 -3.44
C LEU A 117 9.51 -5.34 -4.86
N VAL A 118 10.12 -4.65 -5.82
CA VAL A 118 9.78 -4.84 -7.22
C VAL A 118 10.99 -4.48 -8.08
N VAL A 119 11.39 -5.43 -8.93
CA VAL A 119 12.52 -5.23 -9.81
C VAL A 119 12.07 -4.48 -11.06
N THR A 120 13.00 -3.73 -11.63
CA THR A 120 12.70 -2.96 -12.83
C THR A 120 13.31 -3.63 -14.06
N THR A 121 12.43 -4.14 -14.91
CA THR A 121 12.87 -4.80 -16.13
C THR A 121 11.67 -5.21 -16.97
N GLU A 122 11.96 -5.63 -18.20
CA GLU A 122 10.91 -6.04 -19.11
C GLU A 122 10.62 -7.53 -18.95
N LYS A 123 11.70 -8.31 -18.86
CA LYS A 123 11.57 -9.75 -18.70
C LYS A 123 10.73 -10.05 -17.45
N ARG A 124 10.28 -11.28 -17.37
CA ARG A 124 9.48 -11.71 -16.24
C ARG A 124 9.75 -13.19 -15.91
N SER A 125 9.74 -13.48 -14.63
CA SER A 125 9.98 -14.84 -14.17
C SER A 125 9.54 -15.00 -12.72
N GLY A 126 9.49 -16.25 -12.27
CA GLY A 126 9.08 -16.54 -10.91
C GLY A 126 10.27 -17.05 -10.09
N PRO A 127 10.82 -16.13 -9.23
CA PRO A 127 11.95 -16.48 -8.39
C PRO A 127 11.51 -17.36 -7.23
N SER A 128 12.47 -18.12 -6.71
CA SER A 128 12.20 -19.02 -5.60
C SER A 128 13.42 -19.10 -4.69
N SER A 129 13.19 -19.57 -3.47
CA SER A 129 14.25 -19.70 -2.50
C SER A 129 13.76 -20.49 -1.28
N GLY A 130 14.05 -21.78 -1.30
CA GLY A 130 13.65 -22.65 -0.21
C GLY A 130 14.05 -24.10 -0.49
N GLY A 1 -75.27 30.01 1.79
CA GLY A 1 -74.45 28.83 1.59
C GLY A 1 -73.03 29.06 2.13
N SER A 2 -72.15 28.12 1.80
CA SER A 2 -70.77 28.21 2.24
C SER A 2 -69.99 27.01 1.71
N SER A 3 -68.68 27.07 1.90
CA SER A 3 -67.80 26.01 1.44
C SER A 3 -66.45 26.11 2.16
N GLY A 4 -65.65 25.06 1.98
CA GLY A 4 -64.32 25.02 2.59
C GLY A 4 -63.50 23.86 2.04
N SER A 5 -62.36 23.64 2.66
CA SER A 5 -61.46 22.56 2.24
C SER A 5 -60.34 22.39 3.25
N SER A 6 -59.78 21.20 3.27
CA SER A 6 -58.69 20.89 4.19
C SER A 6 -58.36 19.40 4.13
N GLY A 7 -57.19 19.06 4.66
CA GLY A 7 -56.75 17.67 4.68
C GLY A 7 -55.22 17.59 4.79
N ARG A 8 -54.78 17.01 5.90
CA ARG A 8 -53.35 16.86 6.13
C ARG A 8 -53.04 15.44 6.63
N ILE A 9 -51.96 14.89 6.10
CA ILE A 9 -51.55 13.55 6.47
C ILE A 9 -50.14 13.60 7.06
N GLY A 10 -49.69 12.44 7.54
CA GLY A 10 -48.36 12.35 8.13
C GLY A 10 -48.30 13.08 9.46
N ASP A 11 -47.74 12.39 10.45
CA ASP A 11 -47.62 12.95 11.79
C ASP A 11 -47.21 11.85 12.76
N GLY A 12 -46.18 12.15 13.55
CA GLY A 12 -45.67 11.21 14.52
C GLY A 12 -44.64 10.27 13.90
N SER A 13 -43.38 10.68 14.00
CA SER A 13 -42.29 9.89 13.45
C SER A 13 -40.96 10.59 13.73
N PRO A 14 -40.47 10.40 14.98
CA PRO A 14 -39.20 11.01 15.38
C PRO A 14 -38.02 10.26 14.77
N SER A 15 -37.93 8.97 15.11
CA SER A 15 -36.86 8.14 14.61
C SER A 15 -35.55 8.93 14.58
N HIS A 16 -34.84 8.86 15.70
CA HIS A 16 -33.57 9.57 15.82
C HIS A 16 -32.46 8.74 15.15
N PRO A 17 -31.49 9.48 14.55
CA PRO A 17 -30.37 8.83 13.88
C PRO A 17 -29.37 8.26 14.89
N PRO A 18 -28.67 7.17 14.46
CA PRO A 18 -27.70 6.53 15.31
C PRO A 18 -26.42 7.37 15.41
N ILE A 19 -25.65 7.10 16.46
CA ILE A 19 -24.41 7.83 16.69
C ILE A 19 -23.62 7.88 15.37
N LEU A 20 -22.76 8.89 15.29
CA LEU A 20 -21.93 9.06 14.10
C LEU A 20 -20.98 7.88 13.97
N GLU A 21 -19.69 8.20 13.99
CA GLU A 21 -18.66 7.17 13.87
C GLU A 21 -17.42 7.59 14.64
N ARG A 22 -16.98 6.70 15.53
CA ARG A 22 -15.79 6.97 16.33
C ARG A 22 -15.59 5.84 17.35
N THR A 23 -15.02 4.75 16.88
CA THR A 23 -14.75 3.60 17.73
C THR A 23 -13.57 3.89 18.66
N LEU A 24 -12.38 3.87 18.05
CA LEU A 24 -11.16 4.12 18.81
C LEU A 24 -10.26 5.06 18.00
N ASP A 25 -9.37 5.74 18.73
CA ASP A 25 -8.45 6.67 18.10
C ASP A 25 -7.06 6.03 18.04
N ASP A 26 -6.68 5.65 16.82
CA ASP A 26 -5.38 5.03 16.62
C ASP A 26 -5.11 4.93 15.11
N VAL A 27 -3.82 4.90 14.78
CA VAL A 27 -3.42 4.81 13.38
C VAL A 27 -3.85 3.45 12.82
N PRO A 28 -3.92 3.40 11.46
CA PRO A 28 -4.32 2.17 10.79
C PRO A 28 -3.19 1.14 10.81
N GLY A 29 -3.48 -0.02 10.24
CA GLY A 29 -2.51 -1.09 10.20
C GLY A 29 -1.76 -1.10 8.86
N PRO A 30 -0.99 -2.21 8.63
CA PRO A 30 -0.23 -2.34 7.39
C PRO A 30 -1.15 -2.69 6.22
N PRO A 31 -0.88 -2.02 5.07
CA PRO A 31 -1.68 -2.26 3.88
C PRO A 31 -1.30 -3.59 3.22
N MET A 32 -2.24 -4.53 3.29
CA MET A 32 -2.03 -5.84 2.72
C MET A 32 -2.53 -5.90 1.27
N GLY A 33 -2.05 -6.89 0.55
CA GLY A 33 -2.43 -7.07 -0.84
C GLY A 33 -1.54 -6.24 -1.76
N ILE A 34 -0.25 -6.28 -1.47
CA ILE A 34 0.72 -5.54 -2.26
C ILE A 34 1.21 -6.42 -3.42
N LEU A 35 0.69 -6.12 -4.60
CA LEU A 35 1.05 -6.87 -5.79
C LEU A 35 1.47 -5.90 -6.90
N PHE A 36 2.22 -6.42 -7.85
CA PHE A 36 2.69 -5.61 -8.97
C PHE A 36 2.21 -6.20 -10.30
N PRO A 37 1.05 -5.67 -10.77
CA PRO A 37 0.48 -6.12 -12.02
C PRO A 37 1.26 -5.56 -13.21
N GLU A 38 1.47 -4.25 -13.18
CA GLU A 38 2.18 -3.58 -14.25
C GLU A 38 3.45 -2.91 -13.70
N VAL A 39 4.59 -3.45 -14.09
CA VAL A 39 5.87 -2.92 -13.65
C VAL A 39 6.85 -2.93 -14.82
N ARG A 40 7.32 -1.73 -15.16
CA ARG A 40 8.26 -1.59 -16.26
C ARG A 40 9.66 -1.27 -15.72
N THR A 41 10.49 -0.74 -16.60
CA THR A 41 11.85 -0.39 -16.22
C THR A 41 11.85 0.81 -15.26
N THR A 42 12.01 1.98 -15.84
CA THR A 42 12.03 3.20 -15.06
C THR A 42 10.60 3.60 -14.65
N SER A 43 9.66 2.72 -14.98
CA SER A 43 8.27 2.97 -14.66
C SER A 43 7.61 1.67 -14.20
N VAL A 44 6.94 1.75 -13.06
CA VAL A 44 6.25 0.59 -12.51
C VAL A 44 4.91 1.02 -11.92
N ARG A 45 4.05 0.04 -11.71
CA ARG A 45 2.73 0.31 -11.15
C ARG A 45 2.27 -0.86 -10.28
N LEU A 46 2.12 -0.58 -9.00
CA LEU A 46 1.69 -1.59 -8.04
C LEU A 46 0.34 -1.19 -7.46
N ILE A 47 -0.26 -2.13 -6.74
CA ILE A 47 -1.54 -1.89 -6.12
C ILE A 47 -1.52 -2.38 -4.67
N TRP A 48 -2.56 -2.02 -3.93
CA TRP A 48 -2.66 -2.42 -2.54
C TRP A 48 -4.12 -2.28 -2.11
N GLN A 49 -4.36 -2.54 -0.84
CA GLN A 49 -5.70 -2.44 -0.30
C GLN A 49 -5.66 -1.85 1.12
N PRO A 50 -6.85 -1.39 1.58
CA PRO A 50 -6.96 -0.80 2.90
C PRO A 50 -6.94 -1.88 3.99
N PRO A 51 -6.49 -1.46 5.20
CA PRO A 51 -6.40 -2.38 6.33
C PRO A 51 -7.80 -2.67 6.90
N ALA A 52 -8.15 -3.95 6.88
CA ALA A 52 -9.44 -4.37 7.39
C ALA A 52 -9.74 -3.63 8.70
N ALA A 53 -8.67 -3.29 9.41
CA ALA A 53 -8.80 -2.58 10.67
C ALA A 53 -8.13 -1.20 10.55
N PRO A 54 -8.94 -0.24 10.02
CA PRO A 54 -8.45 1.13 9.84
C PRO A 54 -8.38 1.86 11.18
N ASN A 55 -9.35 1.57 12.03
CA ASN A 55 -9.41 2.20 13.34
C ASN A 55 -9.06 3.68 13.21
N GLY A 56 -9.61 4.29 12.16
CA GLY A 56 -9.36 5.71 11.92
C GLY A 56 -9.54 6.04 10.43
N ILE A 57 -10.34 7.07 10.18
CA ILE A 57 -10.60 7.50 8.82
C ILE A 57 -9.28 7.85 8.14
N ILE A 58 -9.08 7.28 6.96
CA ILE A 58 -7.87 7.53 6.20
C ILE A 58 -7.94 8.91 5.55
N LEU A 59 -6.85 9.64 5.67
CA LEU A 59 -6.78 10.98 5.10
C LEU A 59 -5.98 10.93 3.80
N ALA A 60 -5.13 9.92 3.70
CA ALA A 60 -4.30 9.76 2.51
C ALA A 60 -3.35 8.58 2.72
N TYR A 61 -2.42 8.44 1.79
CA TYR A 61 -1.45 7.36 1.86
C TYR A 61 -0.05 7.86 1.47
N GLN A 62 0.93 6.98 1.65
CA GLN A 62 2.30 7.32 1.32
C GLN A 62 2.99 6.13 0.64
N ILE A 63 3.65 6.43 -0.46
CA ILE A 63 4.36 5.41 -1.21
C ILE A 63 5.82 5.82 -1.39
N THR A 64 6.68 5.20 -0.61
CA THR A 64 8.10 5.49 -0.68
C THR A 64 8.81 4.53 -1.64
N HIS A 65 9.51 5.12 -2.60
CA HIS A 65 10.23 4.33 -3.58
C HIS A 65 11.73 4.59 -3.44
N ARG A 66 12.48 3.51 -3.27
CA ARG A 66 13.91 3.60 -3.13
C ARG A 66 14.59 2.32 -3.63
N LEU A 67 15.82 2.47 -4.07
CA LEU A 67 16.57 1.34 -4.58
C LEU A 67 17.10 0.51 -3.40
N ASN A 68 16.79 -0.77 -3.43
CA ASN A 68 17.22 -1.69 -2.39
C ASN A 68 18.74 -1.87 -2.46
N THR A 69 19.30 -1.38 -3.56
CA THR A 69 20.73 -1.48 -3.77
C THR A 69 21.25 -0.27 -4.55
N THR A 70 21.54 0.78 -3.80
CA THR A 70 22.04 2.01 -4.41
C THR A 70 22.27 3.08 -3.35
N THR A 71 21.37 3.11 -2.37
CA THR A 71 21.46 4.07 -1.29
C THR A 71 21.77 5.47 -1.85
N ALA A 72 20.70 6.22 -2.09
CA ALA A 72 20.83 7.56 -2.61
C ALA A 72 20.63 8.57 -1.47
N ASN A 73 20.72 9.84 -1.84
CA ASN A 73 20.55 10.91 -0.86
C ASN A 73 19.38 10.57 0.06
N THR A 74 18.25 10.26 -0.57
CA THR A 74 17.05 9.92 0.18
C THR A 74 16.00 9.31 -0.74
N ALA A 75 14.97 8.74 -0.13
CA ALA A 75 13.90 8.12 -0.88
C ALA A 75 12.74 9.10 -1.03
N THR A 76 12.51 9.52 -2.27
CA THR A 76 11.43 10.46 -2.54
C THR A 76 10.07 9.78 -2.40
N VAL A 77 9.46 10.00 -1.24
CA VAL A 77 8.16 9.41 -0.96
C VAL A 77 7.06 10.32 -1.53
N GLU A 78 5.95 9.69 -1.88
CA GLU A 78 4.83 10.43 -2.43
C GLU A 78 3.56 10.15 -1.62
N VAL A 79 2.83 11.22 -1.34
CA VAL A 79 1.60 11.10 -0.58
C VAL A 79 0.42 10.93 -1.53
N LEU A 80 -0.38 9.91 -1.26
CA LEU A 80 -1.54 9.64 -2.09
C LEU A 80 -2.81 10.01 -1.32
N ALA A 81 -3.93 9.95 -2.02
CA ALA A 81 -5.21 10.27 -1.42
C ALA A 81 -5.69 9.08 -0.58
N PRO A 82 -6.74 9.35 0.24
CA PRO A 82 -7.30 8.32 1.10
C PRO A 82 -8.14 7.33 0.28
N SER A 83 -8.27 7.63 -1.00
CA SER A 83 -9.05 6.79 -1.89
C SER A 83 -8.15 6.23 -3.00
N ALA A 84 -6.90 5.98 -2.64
CA ALA A 84 -5.94 5.44 -3.58
C ALA A 84 -5.81 3.93 -3.38
N ARG A 85 -5.86 3.22 -4.49
CA ARG A 85 -5.75 1.77 -4.46
C ARG A 85 -4.45 1.32 -5.12
N GLN A 86 -3.94 2.17 -6.00
CA GLN A 86 -2.71 1.87 -6.71
C GLN A 86 -1.92 3.16 -6.96
N TYR A 87 -0.66 2.98 -7.34
CA TYR A 87 0.21 4.12 -7.61
C TYR A 87 1.21 3.78 -8.72
N THR A 88 1.40 4.74 -9.62
CA THR A 88 2.32 4.56 -10.72
C THR A 88 3.66 5.25 -10.42
N ALA A 89 4.73 4.51 -10.62
CA ALA A 89 6.07 5.04 -10.38
C ALA A 89 6.74 5.34 -11.72
N THR A 90 7.53 6.41 -11.72
CA THR A 90 8.24 6.82 -12.92
C THR A 90 9.58 7.46 -12.56
N GLY A 91 10.56 7.24 -13.42
CA GLY A 91 11.88 7.79 -13.21
C GLY A 91 12.72 6.88 -12.30
N LEU A 92 12.73 5.60 -12.65
CA LEU A 92 13.48 4.63 -11.88
C LEU A 92 14.57 4.00 -12.75
N LYS A 93 15.54 3.39 -12.09
CA LYS A 93 16.64 2.76 -12.80
C LYS A 93 16.31 1.29 -13.04
N PRO A 94 16.47 0.86 -14.32
CA PRO A 94 16.18 -0.51 -14.69
C PRO A 94 17.29 -1.45 -14.21
N GLU A 95 16.96 -2.74 -14.17
CA GLU A 95 17.93 -3.73 -13.73
C GLU A 95 18.30 -3.51 -12.27
N SER A 96 17.28 -3.27 -11.46
CA SER A 96 17.48 -3.03 -10.04
C SER A 96 16.24 -3.46 -9.25
N VAL A 97 16.29 -3.19 -7.95
CA VAL A 97 15.18 -3.54 -7.08
C VAL A 97 14.77 -2.30 -6.27
N TYR A 98 13.47 -2.06 -6.25
CA TYR A 98 12.95 -0.91 -5.51
C TYR A 98 11.98 -1.37 -4.42
N LEU A 99 12.16 -0.80 -3.23
CA LEU A 99 11.30 -1.13 -2.10
C LEU A 99 10.16 -0.12 -2.01
N PHE A 100 8.95 -0.63 -2.16
CA PHE A 100 7.77 0.21 -2.10
C PHE A 100 7.10 0.12 -0.73
N ARG A 101 7.15 1.22 0.00
CA ARG A 101 6.55 1.27 1.32
C ARG A 101 5.22 2.02 1.28
N ILE A 102 4.14 1.28 1.51
CA ILE A 102 2.82 1.86 1.49
C ILE A 102 2.37 2.15 2.93
N THR A 103 1.78 3.32 3.11
CA THR A 103 1.31 3.72 4.42
C THR A 103 0.06 4.61 4.29
N ALA A 104 -0.69 4.66 5.38
CA ALA A 104 -1.90 5.46 5.40
C ALA A 104 -1.74 6.62 6.40
N GLN A 105 -2.52 7.66 6.18
CA GLN A 105 -2.47 8.83 7.04
C GLN A 105 -3.83 9.04 7.73
N THR A 106 -3.77 9.12 9.05
CA THR A 106 -4.99 9.32 9.83
C THR A 106 -4.84 10.56 10.71
N ARG A 107 -5.78 10.69 11.65
CA ARG A 107 -5.78 11.82 12.55
C ARG A 107 -4.75 11.59 13.68
N LYS A 108 -4.16 10.41 13.66
CA LYS A 108 -3.17 10.05 14.66
C LYS A 108 -1.77 10.15 14.04
N GLY A 109 -1.72 9.89 12.74
CA GLY A 109 -0.46 9.94 12.02
C GLY A 109 -0.38 8.83 10.98
N TRP A 110 0.82 8.28 10.83
CA TRP A 110 1.05 7.22 9.88
C TRP A 110 1.28 5.92 10.66
N GLY A 111 0.42 4.95 10.40
CA GLY A 111 0.51 3.66 11.07
C GLY A 111 1.50 2.75 10.35
N GLU A 112 1.26 1.45 10.50
CA GLU A 112 2.13 0.46 9.88
C GLU A 112 2.30 0.77 8.39
N ALA A 113 3.30 0.13 7.80
CA ALA A 113 3.58 0.33 6.39
C ALA A 113 3.94 -1.01 5.74
N ALA A 114 3.41 -1.23 4.55
CA ALA A 114 3.66 -2.46 3.82
C ALA A 114 4.82 -2.24 2.86
N GLU A 115 5.85 -3.07 3.03
CA GLU A 115 7.03 -2.97 2.19
C GLU A 115 6.99 -4.05 1.10
N ALA A 116 7.06 -3.59 -0.14
CA ALA A 116 7.03 -4.50 -1.28
C ALA A 116 8.15 -4.14 -2.25
N LEU A 117 8.96 -5.14 -2.58
CA LEU A 117 10.07 -4.94 -3.50
C LEU A 117 9.62 -5.30 -4.91
N VAL A 118 10.09 -4.49 -5.86
CA VAL A 118 9.74 -4.71 -7.26
C VAL A 118 10.93 -4.32 -8.14
N VAL A 119 11.37 -5.28 -8.94
CA VAL A 119 12.50 -5.05 -9.83
C VAL A 119 12.01 -4.31 -11.08
N THR A 120 12.94 -3.59 -11.70
CA THR A 120 12.63 -2.84 -12.90
C THR A 120 13.16 -3.57 -14.14
N THR A 121 12.22 -4.06 -14.93
CA THR A 121 12.58 -4.78 -16.15
C THR A 121 11.32 -5.18 -16.92
N GLU A 122 11.54 -5.70 -18.12
CA GLU A 122 10.44 -6.12 -18.97
C GLU A 122 10.16 -7.62 -18.76
N LYS A 123 11.18 -8.32 -18.30
CA LYS A 123 11.06 -9.75 -18.05
C LYS A 123 10.38 -9.97 -16.70
N ARG A 124 9.85 -11.17 -16.54
CA ARG A 124 9.17 -11.52 -15.31
C ARG A 124 9.90 -12.67 -14.61
N SER A 125 9.72 -12.73 -13.30
CA SER A 125 10.35 -13.77 -12.50
C SER A 125 9.36 -14.31 -11.47
N GLY A 126 9.77 -15.40 -10.83
CA GLY A 126 8.92 -16.03 -9.81
C GLY A 126 9.51 -17.38 -9.38
N PRO A 127 9.83 -17.46 -8.06
CA PRO A 127 10.39 -18.68 -7.51
C PRO A 127 9.31 -19.76 -7.36
N SER A 128 9.75 -20.92 -6.86
CA SER A 128 8.83 -22.03 -6.67
C SER A 128 9.45 -23.05 -5.70
N SER A 129 8.59 -23.66 -4.92
CA SER A 129 9.03 -24.66 -3.95
C SER A 129 7.83 -25.44 -3.42
N GLY A 130 8.03 -26.75 -3.30
CA GLY A 130 6.97 -27.63 -2.82
C GLY A 130 5.77 -27.61 -3.76
N GLY A 1 -1.11 28.44 6.14
CA GLY A 1 -1.85 28.44 4.89
C GLY A 1 -1.44 27.27 4.01
N SER A 2 -2.31 26.96 3.05
CA SER A 2 -2.04 25.86 2.13
C SER A 2 -2.65 26.18 0.76
N SER A 3 -3.97 26.37 0.76
CA SER A 3 -4.68 26.68 -0.47
C SER A 3 -4.55 25.51 -1.44
N GLY A 4 -5.60 25.31 -2.23
CA GLY A 4 -5.62 24.25 -3.21
C GLY A 4 -6.99 23.58 -3.27
N SER A 5 -6.97 22.26 -3.40
CA SER A 5 -8.21 21.50 -3.47
C SER A 5 -9.06 22.00 -4.64
N SER A 6 -8.66 21.60 -5.84
CA SER A 6 -9.38 22.00 -7.04
C SER A 6 -9.00 21.08 -8.20
N GLY A 7 -9.98 20.83 -9.05
CA GLY A 7 -9.77 19.97 -10.21
C GLY A 7 -10.17 18.53 -9.91
N ARG A 8 -11.13 18.04 -10.68
CA ARG A 8 -11.60 16.68 -10.50
C ARG A 8 -12.66 16.35 -11.56
N ILE A 9 -12.60 15.12 -12.06
CA ILE A 9 -13.53 14.68 -13.06
C ILE A 9 -14.47 13.63 -12.45
N GLY A 10 -15.34 13.09 -13.30
CA GLY A 10 -16.29 12.08 -12.86
C GLY A 10 -15.57 10.91 -12.18
N ASP A 11 -16.35 10.12 -11.45
CA ASP A 11 -15.81 8.98 -10.75
C ASP A 11 -16.94 8.01 -10.39
N GLY A 12 -16.59 6.74 -10.29
CA GLY A 12 -17.56 5.72 -9.97
C GLY A 12 -16.88 4.45 -9.43
N SER A 13 -17.48 3.88 -8.40
CA SER A 13 -16.94 2.68 -7.80
C SER A 13 -17.90 2.16 -6.73
N PRO A 14 -18.74 1.17 -7.14
CA PRO A 14 -19.72 0.59 -6.23
C PRO A 14 -19.03 -0.36 -5.25
N SER A 15 -18.72 0.16 -4.08
CA SER A 15 -18.07 -0.63 -3.04
C SER A 15 -17.89 0.21 -1.77
N HIS A 16 -18.15 -0.43 -0.65
CA HIS A 16 -18.01 0.24 0.64
C HIS A 16 -17.89 -0.81 1.75
N PRO A 17 -17.23 -0.39 2.86
CA PRO A 17 -17.04 -1.27 3.99
C PRO A 17 -18.33 -1.43 4.79
N PRO A 18 -18.31 -2.42 5.73
CA PRO A 18 -19.48 -2.69 6.56
C PRO A 18 -19.63 -1.62 7.64
N ILE A 19 -20.87 -1.21 7.85
CA ILE A 19 -21.17 -0.19 8.85
C ILE A 19 -20.66 -0.65 10.21
N LEU A 20 -19.99 0.26 10.89
CA LEU A 20 -19.45 -0.03 12.20
C LEU A 20 -18.88 1.25 12.82
N GLU A 21 -19.75 1.98 13.50
CA GLU A 21 -19.35 3.23 14.12
C GLU A 21 -18.28 2.96 15.18
N ARG A 22 -17.08 3.45 14.89
CA ARG A 22 -15.95 3.27 15.80
C ARG A 22 -14.80 4.20 15.41
N THR A 23 -14.87 5.42 15.92
CA THR A 23 -13.84 6.41 15.63
C THR A 23 -12.45 5.84 15.93
N LEU A 24 -12.29 5.41 17.18
CA LEU A 24 -11.03 4.85 17.61
C LEU A 24 -9.93 5.91 17.49
N ASP A 25 -9.00 5.87 18.44
CA ASP A 25 -7.90 6.81 18.44
C ASP A 25 -6.58 6.05 18.32
N ASP A 26 -6.14 5.86 17.09
CA ASP A 26 -4.90 5.14 16.84
C ASP A 26 -4.68 5.04 15.32
N VAL A 27 -3.42 4.96 14.94
CA VAL A 27 -3.07 4.85 13.54
C VAL A 27 -3.50 3.48 13.01
N PRO A 28 -3.62 3.41 11.66
CA PRO A 28 -4.03 2.17 11.00
C PRO A 28 -2.89 1.15 11.01
N GLY A 29 -3.20 -0.03 10.47
CA GLY A 29 -2.21 -1.09 10.41
C GLY A 29 -1.53 -1.12 9.04
N PRO A 30 -0.79 -2.23 8.79
CA PRO A 30 -0.09 -2.40 7.52
C PRO A 30 -1.06 -2.75 6.40
N PRO A 31 -0.90 -2.04 5.25
CA PRO A 31 -1.75 -2.27 4.10
C PRO A 31 -1.36 -3.57 3.38
N MET A 32 -2.25 -4.55 3.51
CA MET A 32 -2.00 -5.84 2.88
C MET A 32 -2.58 -5.88 1.45
N GLY A 33 -2.13 -6.87 0.70
CA GLY A 33 -2.59 -7.02 -0.67
C GLY A 33 -1.73 -6.19 -1.63
N ILE A 34 -0.42 -6.35 -1.49
CA ILE A 34 0.51 -5.61 -2.34
C ILE A 34 0.94 -6.50 -3.49
N LEU A 35 0.47 -6.15 -4.69
CA LEU A 35 0.80 -6.91 -5.88
C LEU A 35 1.29 -5.95 -6.96
N PHE A 36 2.17 -6.46 -7.80
CA PHE A 36 2.72 -5.66 -8.89
C PHE A 36 2.30 -6.20 -10.25
N PRO A 37 1.15 -5.66 -10.75
CA PRO A 37 0.63 -6.08 -12.03
C PRO A 37 1.45 -5.50 -13.18
N GLU A 38 1.66 -4.20 -13.14
CA GLU A 38 2.43 -3.52 -14.16
C GLU A 38 3.73 -2.96 -13.57
N VAL A 39 4.84 -3.52 -14.04
CA VAL A 39 6.15 -3.09 -13.57
C VAL A 39 7.12 -3.05 -14.76
N ARG A 40 7.51 -1.84 -15.13
CA ARG A 40 8.43 -1.66 -16.23
C ARG A 40 9.82 -1.30 -15.71
N THR A 41 10.65 -0.80 -16.61
CA THR A 41 12.00 -0.41 -16.25
C THR A 41 11.99 0.82 -15.34
N THR A 42 11.94 1.99 -15.96
CA THR A 42 11.93 3.23 -15.23
C THR A 42 10.48 3.66 -14.94
N SER A 43 9.60 2.67 -14.92
CA SER A 43 8.20 2.92 -14.66
C SER A 43 7.51 1.64 -14.18
N VAL A 44 6.77 1.78 -13.09
CA VAL A 44 6.06 0.65 -12.52
C VAL A 44 4.69 1.10 -12.02
N ARG A 45 3.90 0.14 -11.58
CA ARG A 45 2.57 0.43 -11.07
C ARG A 45 2.05 -0.74 -10.24
N LEU A 46 2.05 -0.55 -8.93
CA LEU A 46 1.59 -1.59 -8.02
C LEU A 46 0.19 -1.21 -7.50
N ILE A 47 -0.44 -2.16 -6.83
CA ILE A 47 -1.76 -1.95 -6.28
C ILE A 47 -1.83 -2.56 -4.89
N TRP A 48 -2.32 -1.77 -3.94
CA TRP A 48 -2.45 -2.22 -2.57
C TRP A 48 -3.93 -2.13 -2.17
N GLN A 49 -4.20 -2.51 -0.93
CA GLN A 49 -5.55 -2.47 -0.42
C GLN A 49 -5.58 -1.86 0.98
N PRO A 50 -6.81 -1.44 1.40
CA PRO A 50 -6.98 -0.83 2.70
C PRO A 50 -6.93 -1.88 3.81
N PRO A 51 -6.45 -1.45 5.00
CA PRO A 51 -6.35 -2.34 6.14
C PRO A 51 -7.72 -2.62 6.75
N ALA A 52 -8.09 -3.89 6.76
CA ALA A 52 -9.38 -4.30 7.32
C ALA A 52 -9.60 -3.57 8.65
N ALA A 53 -8.49 -3.26 9.31
CA ALA A 53 -8.56 -2.57 10.59
C ALA A 53 -7.89 -1.20 10.47
N PRO A 54 -8.68 -0.21 9.98
CA PRO A 54 -8.18 1.14 9.80
C PRO A 54 -8.04 1.85 11.15
N ASN A 55 -8.97 1.54 12.04
CA ASN A 55 -8.98 2.14 13.36
C ASN A 55 -8.58 3.62 13.25
N GLY A 56 -9.16 4.27 12.25
CA GLY A 56 -8.88 5.67 12.02
C GLY A 56 -9.12 6.05 10.56
N ILE A 57 -10.03 6.99 10.36
CA ILE A 57 -10.37 7.45 9.03
C ILE A 57 -9.08 7.79 8.27
N ILE A 58 -9.00 7.27 7.05
CA ILE A 58 -7.83 7.51 6.22
C ILE A 58 -7.99 8.86 5.50
N LEU A 59 -6.98 9.70 5.66
CA LEU A 59 -7.00 11.01 5.03
C LEU A 59 -6.19 10.96 3.74
N ALA A 60 -5.33 9.96 3.67
CA ALA A 60 -4.48 9.80 2.50
C ALA A 60 -3.50 8.65 2.74
N TYR A 61 -2.54 8.53 1.84
CA TYR A 61 -1.55 7.48 1.93
C TYR A 61 -0.17 7.98 1.50
N GLN A 62 0.83 7.13 1.69
CA GLN A 62 2.19 7.48 1.33
C GLN A 62 2.89 6.28 0.67
N ILE A 63 3.65 6.58 -0.38
CA ILE A 63 4.36 5.54 -1.10
C ILE A 63 5.83 5.95 -1.24
N THR A 64 6.69 5.12 -0.66
CA THR A 64 8.13 5.39 -0.72
C THR A 64 8.84 4.30 -1.53
N HIS A 65 9.65 4.74 -2.47
CA HIS A 65 10.40 3.82 -3.31
C HIS A 65 11.89 4.19 -3.29
N ARG A 66 12.71 3.18 -3.10
CA ARG A 66 14.16 3.38 -3.07
C ARG A 66 14.89 2.05 -3.29
N LEU A 67 15.91 2.11 -4.12
CA LEU A 67 16.69 0.93 -4.43
C LEU A 67 16.85 0.09 -3.17
N ASN A 68 16.49 -1.19 -3.29
CA ASN A 68 16.58 -2.10 -2.17
C ASN A 68 18.06 -2.27 -1.78
N THR A 69 18.93 -1.77 -2.63
CA THR A 69 20.36 -1.85 -2.39
C THR A 69 21.08 -0.64 -2.98
N THR A 70 21.10 0.43 -2.21
CA THR A 70 21.74 1.66 -2.64
C THR A 70 21.58 2.75 -1.58
N THR A 71 20.36 2.85 -1.06
CA THR A 71 20.06 3.84 -0.05
C THR A 71 20.67 5.19 -0.42
N ALA A 72 19.88 6.01 -1.10
CA ALA A 72 20.34 7.32 -1.53
C ALA A 72 20.13 8.32 -0.37
N ASN A 73 20.61 9.53 -0.60
CA ASN A 73 20.48 10.58 0.39
C ASN A 73 19.10 10.50 1.04
N THR A 74 18.10 10.28 0.21
CA THR A 74 16.73 10.19 0.68
C THR A 74 15.90 9.31 -0.26
N ALA A 75 14.66 9.09 0.13
CA ALA A 75 13.76 8.27 -0.66
C ALA A 75 12.58 9.13 -1.13
N THR A 76 12.26 8.98 -2.40
CA THR A 76 11.15 9.74 -2.98
C THR A 76 9.83 9.34 -2.33
N VAL A 77 9.36 10.22 -1.45
CA VAL A 77 8.11 9.97 -0.75
C VAL A 77 6.98 10.75 -1.43
N GLU A 78 5.86 10.07 -1.62
CA GLU A 78 4.71 10.69 -2.25
C GLU A 78 3.45 10.41 -1.44
N VAL A 79 2.64 11.45 -1.28
CA VAL A 79 1.41 11.35 -0.52
C VAL A 79 0.24 11.14 -1.49
N LEU A 80 -0.51 10.08 -1.25
CA LEU A 80 -1.65 9.76 -2.09
C LEU A 80 -2.95 10.08 -1.34
N ALA A 81 -4.04 10.02 -2.06
CA ALA A 81 -5.35 10.29 -1.48
C ALA A 81 -5.79 9.10 -0.64
N PRO A 82 -6.86 9.33 0.18
CA PRO A 82 -7.38 8.28 1.04
C PRO A 82 -8.18 7.26 0.23
N SER A 83 -8.33 7.55 -1.06
CA SER A 83 -9.05 6.67 -1.95
C SER A 83 -8.13 6.14 -3.05
N ALA A 84 -6.88 5.92 -2.67
CA ALA A 84 -5.89 5.42 -3.61
C ALA A 84 -5.65 3.93 -3.35
N ARG A 85 -5.89 3.14 -4.38
CA ARG A 85 -5.70 1.71 -4.27
C ARG A 85 -4.44 1.28 -5.03
N GLN A 86 -3.95 2.18 -5.87
CA GLN A 86 -2.75 1.91 -6.64
C GLN A 86 -1.98 3.21 -6.91
N TYR A 87 -0.74 3.05 -7.34
CA TYR A 87 0.10 4.19 -7.62
C TYR A 87 1.10 3.87 -8.73
N THR A 88 1.36 4.88 -9.56
CA THR A 88 2.29 4.71 -10.67
C THR A 88 3.64 5.36 -10.33
N ALA A 89 4.67 4.53 -10.37
CA ALA A 89 6.01 5.00 -10.07
C ALA A 89 6.80 5.15 -11.38
N THR A 90 7.17 6.38 -11.68
CA THR A 90 7.91 6.67 -12.89
C THR A 90 9.32 7.17 -12.54
N GLY A 91 10.19 7.14 -13.53
CA GLY A 91 11.55 7.59 -13.34
C GLY A 91 12.30 6.70 -12.35
N LEU A 92 12.48 5.45 -12.75
CA LEU A 92 13.18 4.48 -11.92
C LEU A 92 14.35 3.88 -12.70
N LYS A 93 15.27 3.28 -11.95
CA LYS A 93 16.44 2.67 -12.55
C LYS A 93 16.15 1.20 -12.83
N PRO A 94 16.35 0.81 -14.12
CA PRO A 94 16.13 -0.57 -14.53
C PRO A 94 17.25 -1.49 -14.03
N GLU A 95 16.95 -2.78 -14.06
CA GLU A 95 17.92 -3.77 -13.60
C GLU A 95 18.27 -3.54 -12.13
N SER A 96 17.23 -3.29 -11.34
CA SER A 96 17.41 -3.06 -9.92
C SER A 96 16.17 -3.48 -9.15
N VAL A 97 16.22 -3.28 -7.85
CA VAL A 97 15.10 -3.63 -6.99
C VAL A 97 14.63 -2.39 -6.23
N TYR A 98 13.33 -2.16 -6.26
CA TYR A 98 12.73 -1.02 -5.59
C TYR A 98 11.77 -1.47 -4.49
N LEU A 99 12.00 -0.95 -3.30
CA LEU A 99 11.15 -1.28 -2.16
C LEU A 99 10.04 -0.25 -2.03
N PHE A 100 8.81 -0.71 -2.26
CA PHE A 100 7.65 0.17 -2.16
C PHE A 100 7.00 0.08 -0.79
N ARG A 101 7.02 1.20 -0.09
CA ARG A 101 6.44 1.26 1.25
C ARG A 101 5.11 2.02 1.20
N ILE A 102 4.03 1.29 1.43
CA ILE A 102 2.71 1.88 1.42
C ILE A 102 2.28 2.19 2.85
N THR A 103 1.69 3.36 3.03
CA THR A 103 1.23 3.78 4.35
C THR A 103 -0.01 4.66 4.22
N ALA A 104 -0.80 4.67 5.29
CA ALA A 104 -2.02 5.46 5.31
C ALA A 104 -1.82 6.64 6.26
N GLN A 105 -2.62 7.67 6.03
CA GLN A 105 -2.56 8.87 6.86
C GLN A 105 -3.88 9.07 7.60
N THR A 106 -3.78 9.09 8.92
CA THR A 106 -4.96 9.28 9.76
C THR A 106 -4.77 10.48 10.68
N ARG A 107 -5.80 10.76 11.46
CA ARG A 107 -5.77 11.88 12.38
C ARG A 107 -4.67 11.67 13.42
N LYS A 108 -4.25 10.42 13.56
CA LYS A 108 -3.19 10.09 14.50
C LYS A 108 -1.83 10.31 13.85
N GLY A 109 -1.76 9.96 12.58
CA GLY A 109 -0.53 10.11 11.83
C GLY A 109 -0.39 9.02 10.77
N TRP A 110 0.79 8.42 10.72
CA TRP A 110 1.06 7.36 9.77
C TRP A 110 1.27 6.06 10.54
N GLY A 111 0.39 5.10 10.30
CA GLY A 111 0.47 3.81 10.97
C GLY A 111 1.48 2.91 10.27
N GLU A 112 1.27 1.61 10.44
CA GLU A 112 2.16 0.62 9.85
C GLU A 112 2.37 0.94 8.36
N ALA A 113 3.35 0.26 7.78
CA ALA A 113 3.67 0.44 6.38
C ALA A 113 3.96 -0.91 5.74
N ALA A 114 3.35 -1.12 4.58
CA ALA A 114 3.53 -2.37 3.86
C ALA A 114 4.71 -2.22 2.89
N GLU A 115 5.70 -3.07 3.09
CA GLU A 115 6.89 -3.05 2.24
C GLU A 115 6.76 -4.10 1.12
N ALA A 116 6.93 -3.62 -0.10
CA ALA A 116 6.84 -4.50 -1.25
C ALA A 116 7.98 -4.16 -2.23
N LEU A 117 8.81 -5.16 -2.48
CA LEU A 117 9.94 -4.99 -3.38
C LEU A 117 9.48 -5.29 -4.82
N VAL A 118 10.07 -4.56 -5.75
CA VAL A 118 9.74 -4.73 -7.16
C VAL A 118 10.96 -4.38 -8.00
N VAL A 119 11.31 -5.32 -8.89
CA VAL A 119 12.45 -5.12 -9.76
C VAL A 119 12.01 -4.32 -11.00
N THR A 120 12.99 -3.71 -11.65
CA THR A 120 12.72 -2.92 -12.84
C THR A 120 13.36 -3.56 -14.07
N THR A 121 12.50 -4.01 -14.97
CA THR A 121 12.97 -4.65 -16.20
C THR A 121 11.79 -4.98 -17.11
N GLU A 122 12.12 -5.39 -18.32
CA GLU A 122 11.10 -5.75 -19.29
C GLU A 122 10.72 -7.22 -19.15
N LYS A 123 11.73 -8.04 -18.88
CA LYS A 123 11.51 -9.46 -18.71
C LYS A 123 10.73 -9.72 -17.42
N ARG A 124 10.33 -10.96 -17.25
CA ARG A 124 9.57 -11.35 -16.07
C ARG A 124 10.45 -12.15 -15.11
N SER A 125 11.03 -13.22 -15.65
CA SER A 125 11.90 -14.08 -14.86
C SER A 125 11.08 -14.79 -13.79
N GLY A 126 11.64 -15.89 -13.29
CA GLY A 126 10.98 -16.68 -12.27
C GLY A 126 11.84 -17.85 -11.83
N PRO A 127 12.12 -17.91 -10.51
CA PRO A 127 12.94 -18.98 -9.95
C PRO A 127 12.14 -20.29 -9.87
N SER A 128 12.85 -21.39 -10.07
CA SER A 128 12.23 -22.70 -10.03
C SER A 128 13.29 -23.79 -10.16
N SER A 129 14.04 -23.72 -11.24
CA SER A 129 15.10 -24.69 -11.49
C SER A 129 16.30 -24.40 -10.58
N GLY A 130 17.17 -25.39 -10.47
CA GLY A 130 18.35 -25.26 -9.64
C GLY A 130 17.97 -24.94 -8.20
N GLY A 1 -12.90 49.45 18.40
CA GLY A 1 -13.39 48.24 19.06
C GLY A 1 -13.69 47.14 18.05
N SER A 2 -14.31 46.07 18.54
CA SER A 2 -14.65 44.95 17.69
C SER A 2 -15.49 43.94 18.47
N SER A 3 -16.08 43.01 17.74
CA SER A 3 -16.91 41.99 18.35
C SER A 3 -17.33 40.96 17.29
N GLY A 4 -17.93 39.87 17.78
CA GLY A 4 -18.38 38.82 16.90
C GLY A 4 -19.43 37.94 17.59
N SER A 5 -19.97 37.00 16.82
CA SER A 5 -20.98 36.10 17.35
C SER A 5 -21.13 34.89 16.40
N SER A 6 -21.88 33.91 16.88
CA SER A 6 -22.11 32.70 16.10
C SER A 6 -23.58 32.29 16.22
N GLY A 7 -23.98 31.40 15.32
CA GLY A 7 -25.35 30.92 15.31
C GLY A 7 -25.48 29.68 14.43
N ARG A 8 -26.56 28.94 14.65
CA ARG A 8 -26.82 27.73 13.89
C ARG A 8 -28.32 27.45 13.83
N ILE A 9 -28.91 27.82 12.71
CA ILE A 9 -30.33 27.61 12.51
C ILE A 9 -30.55 26.75 11.27
N GLY A 10 -31.75 26.18 11.19
CA GLY A 10 -32.10 25.33 10.06
C GLY A 10 -33.61 25.18 9.94
N ASP A 11 -34.02 24.34 9.00
CA ASP A 11 -35.43 24.10 8.76
C ASP A 11 -35.59 22.90 7.82
N GLY A 12 -36.33 21.91 8.29
CA GLY A 12 -36.58 20.71 7.51
C GLY A 12 -35.29 19.90 7.34
N SER A 13 -35.41 18.61 7.62
CA SER A 13 -34.27 17.71 7.51
C SER A 13 -34.67 16.30 7.92
N PRO A 14 -33.93 15.30 7.39
CA PRO A 14 -34.20 13.91 7.69
C PRO A 14 -33.72 13.55 9.10
N SER A 15 -32.45 13.86 9.35
CA SER A 15 -31.86 13.58 10.64
C SER A 15 -31.66 12.07 10.82
N HIS A 16 -30.55 11.58 10.29
CA HIS A 16 -30.23 10.16 10.37
C HIS A 16 -29.65 9.85 11.76
N PRO A 17 -29.71 8.54 12.12
CA PRO A 17 -29.19 8.09 13.40
C PRO A 17 -27.67 8.07 13.40
N PRO A 18 -27.08 8.41 14.58
CA PRO A 18 -25.64 8.43 14.73
C PRO A 18 -25.08 7.00 14.83
N ILE A 19 -23.89 6.83 14.27
CA ILE A 19 -23.25 5.52 14.29
C ILE A 19 -22.25 5.47 15.46
N LEU A 20 -22.34 4.39 16.22
CA LEU A 20 -21.46 4.21 17.36
C LEU A 20 -20.83 2.83 17.29
N GLU A 21 -19.73 2.74 16.55
CA GLU A 21 -19.03 1.48 16.39
C GLU A 21 -17.53 1.73 16.19
N ARG A 22 -16.92 2.32 17.22
CA ARG A 22 -15.51 2.61 17.17
C ARG A 22 -15.02 3.11 18.53
N THR A 23 -14.70 2.16 19.40
CA THR A 23 -14.22 2.49 20.73
C THR A 23 -12.73 2.79 20.70
N LEU A 24 -11.97 1.80 20.28
CA LEU A 24 -10.52 1.93 20.21
C LEU A 24 -10.18 3.07 19.25
N ASP A 25 -8.89 3.38 19.18
CA ASP A 25 -8.41 4.44 18.31
C ASP A 25 -6.89 4.33 18.17
N ASP A 26 -6.45 4.35 16.91
CA ASP A 26 -5.03 4.27 16.63
C ASP A 26 -4.82 4.19 15.11
N VAL A 27 -3.66 4.67 14.69
CA VAL A 27 -3.34 4.65 13.27
C VAL A 27 -3.74 3.31 12.66
N PRO A 28 -3.90 3.32 11.31
CA PRO A 28 -4.29 2.11 10.60
C PRO A 28 -3.11 1.15 10.49
N GLY A 29 -3.44 -0.12 10.29
CA GLY A 29 -2.43 -1.15 10.17
C GLY A 29 -1.73 -1.06 8.81
N PRO A 30 -0.89 -2.10 8.53
CA PRO A 30 -0.15 -2.14 7.28
C PRO A 30 -1.07 -2.52 6.11
N PRO A 31 -0.84 -1.86 4.95
CA PRO A 31 -1.63 -2.12 3.76
C PRO A 31 -1.25 -3.44 3.12
N MET A 32 -2.15 -4.41 3.23
CA MET A 32 -1.92 -5.73 2.66
C MET A 32 -2.43 -5.81 1.23
N GLY A 33 -1.92 -6.79 0.50
CA GLY A 33 -2.31 -6.99 -0.88
C GLY A 33 -1.43 -6.17 -1.83
N ILE A 34 -0.13 -6.22 -1.57
CA ILE A 34 0.83 -5.49 -2.38
C ILE A 34 1.27 -6.37 -3.56
N LEU A 35 0.69 -6.10 -4.71
CA LEU A 35 1.02 -6.85 -5.91
C LEU A 35 1.43 -5.89 -7.03
N PHE A 36 2.28 -6.38 -7.91
CA PHE A 36 2.77 -5.58 -9.02
C PHE A 36 2.29 -6.15 -10.36
N PRO A 37 1.09 -5.70 -10.79
CA PRO A 37 0.52 -6.15 -12.05
C PRO A 37 1.23 -5.51 -13.24
N GLU A 38 1.53 -4.24 -13.10
CA GLU A 38 2.21 -3.50 -14.15
C GLU A 38 3.49 -2.86 -13.61
N VAL A 39 4.62 -3.43 -14.02
CA VAL A 39 5.91 -2.92 -13.58
C VAL A 39 6.89 -2.97 -14.76
N ARG A 40 7.32 -1.78 -15.18
CA ARG A 40 8.25 -1.67 -16.29
C ARG A 40 9.66 -1.34 -15.76
N THR A 41 10.49 -0.87 -16.67
CA THR A 41 11.85 -0.51 -16.33
C THR A 41 11.87 0.78 -15.51
N THR A 42 11.84 1.90 -16.22
CA THR A 42 11.86 3.20 -15.58
C THR A 42 10.43 3.66 -15.26
N SER A 43 9.55 2.67 -15.09
CA SER A 43 8.16 2.96 -14.78
C SER A 43 7.46 1.68 -14.31
N VAL A 44 6.99 1.73 -13.08
CA VAL A 44 6.29 0.59 -12.50
C VAL A 44 4.95 1.05 -11.92
N ARG A 45 4.12 0.07 -11.60
CA ARG A 45 2.81 0.37 -11.05
C ARG A 45 2.30 -0.83 -10.23
N LEU A 46 2.15 -0.58 -8.93
CA LEU A 46 1.68 -1.63 -8.03
C LEU A 46 0.30 -1.24 -7.49
N ILE A 47 -0.33 -2.20 -6.82
CA ILE A 47 -1.64 -1.96 -6.25
C ILE A 47 -1.70 -2.57 -4.85
N TRP A 48 -2.34 -1.85 -3.95
CA TRP A 48 -2.48 -2.31 -2.57
C TRP A 48 -3.95 -2.21 -2.18
N GLN A 49 -4.23 -2.57 -0.93
CA GLN A 49 -5.59 -2.53 -0.43
C GLN A 49 -5.61 -1.91 0.97
N PRO A 50 -6.84 -1.48 1.38
CA PRO A 50 -7.01 -0.87 2.69
C PRO A 50 -6.97 -1.93 3.80
N PRO A 51 -6.54 -1.47 5.01
CA PRO A 51 -6.44 -2.36 6.15
C PRO A 51 -7.82 -2.67 6.72
N ALA A 52 -8.17 -3.95 6.68
CA ALA A 52 -9.46 -4.39 7.19
C ALA A 52 -9.77 -3.66 8.51
N ALA A 53 -8.70 -3.34 9.22
CA ALA A 53 -8.85 -2.64 10.50
C ALA A 53 -8.17 -1.28 10.39
N PRO A 54 -8.94 -0.29 9.88
CA PRO A 54 -8.43 1.07 9.73
C PRO A 54 -8.36 1.78 11.09
N ASN A 55 -9.34 1.51 11.92
CA ASN A 55 -9.40 2.11 13.24
C ASN A 55 -9.08 3.61 13.13
N GLY A 56 -9.66 4.22 12.10
CA GLY A 56 -9.45 5.65 11.88
C GLY A 56 -9.62 5.99 10.40
N ILE A 57 -10.48 6.97 10.15
CA ILE A 57 -10.75 7.41 8.78
C ILE A 57 -9.43 7.77 8.10
N ILE A 58 -9.23 7.17 6.94
CA ILE A 58 -8.01 7.42 6.17
C ILE A 58 -8.09 8.81 5.56
N LEU A 59 -6.98 9.54 5.69
CA LEU A 59 -6.90 10.89 5.16
C LEU A 59 -6.08 10.87 3.87
N ALA A 60 -5.19 9.90 3.79
CA ALA A 60 -4.34 9.76 2.62
C ALA A 60 -3.38 8.58 2.81
N TYR A 61 -2.40 8.48 1.92
CA TYR A 61 -1.43 7.42 2.01
C TYR A 61 -0.04 7.92 1.60
N GLN A 62 0.95 7.06 1.79
CA GLN A 62 2.32 7.41 1.45
C GLN A 62 3.01 6.22 0.76
N ILE A 63 3.69 6.54 -0.34
CA ILE A 63 4.39 5.52 -1.09
C ILE A 63 5.85 5.92 -1.26
N THR A 64 6.70 5.23 -0.53
CA THR A 64 8.13 5.50 -0.57
C THR A 64 8.83 4.52 -1.52
N HIS A 65 9.57 5.09 -2.46
CA HIS A 65 10.29 4.29 -3.43
C HIS A 65 11.80 4.54 -3.30
N ARG A 66 12.55 3.46 -3.30
CA ARG A 66 14.00 3.56 -3.17
C ARG A 66 14.66 2.26 -3.64
N LEU A 67 15.92 2.38 -4.03
CA LEU A 67 16.67 1.22 -4.50
C LEU A 67 17.21 0.46 -3.29
N ASN A 68 16.80 -0.79 -3.20
CA ASN A 68 17.23 -1.65 -2.10
C ASN A 68 18.76 -1.73 -2.11
N THR A 69 19.34 -1.35 -3.23
CA THR A 69 20.79 -1.38 -3.37
C THR A 69 21.28 -0.12 -4.10
N THR A 70 22.46 -0.24 -4.67
CA THR A 70 23.05 0.88 -5.40
C THR A 70 23.03 2.15 -4.53
N THR A 71 23.63 3.20 -5.07
CA THR A 71 23.69 4.47 -4.37
C THR A 71 22.34 5.18 -4.43
N ALA A 72 22.11 6.04 -3.45
CA ALA A 72 20.87 6.79 -3.38
C ALA A 72 20.88 7.68 -2.14
N ASN A 73 20.79 8.98 -2.39
CA ASN A 73 20.80 9.95 -1.30
C ASN A 73 19.69 9.60 -0.31
N THR A 74 18.46 9.66 -0.79
CA THR A 74 17.30 9.36 0.04
C THR A 74 16.22 8.67 -0.79
N ALA A 75 15.03 8.58 -0.20
CA ALA A 75 13.91 7.95 -0.87
C ALA A 75 12.79 8.98 -1.04
N THR A 76 12.49 9.25 -2.31
CA THR A 76 11.43 10.20 -2.63
C THR A 76 10.06 9.57 -2.42
N VAL A 77 9.46 9.90 -1.29
CA VAL A 77 8.14 9.38 -0.97
C VAL A 77 7.07 10.33 -1.49
N GLU A 78 5.91 9.77 -1.80
CA GLU A 78 4.80 10.55 -2.31
C GLU A 78 3.54 10.27 -1.51
N VAL A 79 2.82 11.34 -1.19
CA VAL A 79 1.59 11.22 -0.42
C VAL A 79 0.42 11.01 -1.39
N LEU A 80 -0.35 9.97 -1.13
CA LEU A 80 -1.50 9.66 -1.96
C LEU A 80 -2.78 9.97 -1.19
N ALA A 81 -3.89 9.89 -1.90
CA ALA A 81 -5.19 10.16 -1.30
C ALA A 81 -5.65 8.93 -0.50
N PRO A 82 -6.71 9.13 0.31
CA PRO A 82 -7.25 8.05 1.13
C PRO A 82 -8.05 7.07 0.27
N SER A 83 -8.19 7.41 -0.99
CA SER A 83 -8.93 6.57 -1.93
C SER A 83 -7.99 6.07 -3.02
N ALA A 84 -6.75 5.82 -2.63
CA ALA A 84 -5.76 5.32 -3.56
C ALA A 84 -5.58 3.82 -3.38
N ARG A 85 -5.64 3.11 -4.49
CA ARG A 85 -5.49 1.66 -4.47
C ARG A 85 -4.19 1.25 -5.16
N GLN A 86 -3.73 2.11 -6.06
CA GLN A 86 -2.51 1.85 -6.79
C GLN A 86 -1.76 3.16 -7.06
N TYR A 87 -0.48 3.01 -7.33
CA TYR A 87 0.36 4.17 -7.60
C TYR A 87 1.41 3.85 -8.67
N THR A 88 1.56 4.78 -9.60
CA THR A 88 2.51 4.61 -10.68
C THR A 88 3.86 5.26 -10.30
N ALA A 89 4.91 4.45 -10.36
CA ALA A 89 6.23 4.92 -10.04
C ALA A 89 7.03 5.12 -11.33
N THR A 90 7.36 6.38 -11.59
CA THR A 90 8.12 6.72 -12.78
C THR A 90 9.49 7.31 -12.41
N GLY A 91 10.42 7.21 -13.34
CA GLY A 91 11.76 7.73 -13.12
C GLY A 91 12.57 6.78 -12.25
N LEU A 92 12.62 5.53 -12.67
CA LEU A 92 13.36 4.51 -11.95
C LEU A 92 14.43 3.93 -12.86
N LYS A 93 15.43 3.31 -12.23
CA LYS A 93 16.52 2.69 -12.96
C LYS A 93 16.23 1.21 -13.15
N PRO A 94 16.38 0.75 -14.43
CA PRO A 94 16.14 -0.66 -14.75
C PRO A 94 17.30 -1.54 -14.26
N GLU A 95 17.01 -2.82 -14.15
CA GLU A 95 18.01 -3.77 -13.70
C GLU A 95 18.37 -3.51 -12.25
N SER A 96 17.35 -3.27 -11.44
CA SER A 96 17.55 -3.00 -10.03
C SER A 96 16.32 -3.43 -9.23
N VAL A 97 16.34 -3.12 -7.95
CA VAL A 97 15.24 -3.48 -7.07
C VAL A 97 14.79 -2.23 -6.31
N TYR A 98 13.47 -2.05 -6.27
CA TYR A 98 12.89 -0.90 -5.58
C TYR A 98 11.93 -1.35 -4.48
N LEU A 99 12.12 -0.77 -3.30
CA LEU A 99 11.27 -1.10 -2.16
C LEU A 99 10.13 -0.09 -2.08
N PHE A 100 8.91 -0.60 -2.19
CA PHE A 100 7.73 0.24 -2.12
C PHE A 100 7.05 0.13 -0.75
N ARG A 101 7.12 1.23 -0.01
CA ARG A 101 6.53 1.27 1.31
C ARG A 101 5.21 2.04 1.28
N ILE A 102 4.11 1.30 1.46
CA ILE A 102 2.80 1.90 1.45
C ILE A 102 2.35 2.16 2.89
N THR A 103 1.77 3.33 3.10
CA THR A 103 1.29 3.71 4.41
C THR A 103 0.06 4.62 4.29
N ALA A 104 -0.76 4.59 5.34
CA ALA A 104 -1.96 5.40 5.37
C ALA A 104 -1.75 6.58 6.32
N GLN A 105 -2.59 7.59 6.15
CA GLN A 105 -2.51 8.77 6.99
C GLN A 105 -3.86 9.05 7.66
N THR A 106 -3.84 9.07 8.98
CA THR A 106 -5.05 9.31 9.75
C THR A 106 -4.87 10.55 10.64
N ARG A 107 -5.83 10.73 11.54
CA ARG A 107 -5.80 11.85 12.46
C ARG A 107 -4.77 11.60 13.55
N LYS A 108 -4.13 10.45 13.48
CA LYS A 108 -3.13 10.08 14.46
C LYS A 108 -1.73 10.35 13.89
N GLY A 109 -1.53 9.90 12.66
CA GLY A 109 -0.25 10.07 11.99
C GLY A 109 -0.09 9.09 10.84
N TRP A 110 0.94 8.26 10.95
CA TRP A 110 1.21 7.27 9.93
C TRP A 110 1.40 5.92 10.61
N GLY A 111 0.41 5.05 10.44
CA GLY A 111 0.47 3.73 11.03
C GLY A 111 1.49 2.84 10.32
N GLU A 112 1.32 1.54 10.49
CA GLU A 112 2.21 0.57 9.87
C GLU A 112 2.34 0.87 8.37
N ALA A 113 3.34 0.23 7.76
CA ALA A 113 3.58 0.42 6.34
C ALA A 113 3.89 -0.94 5.70
N ALA A 114 3.45 -1.09 4.46
CA ALA A 114 3.67 -2.33 3.73
C ALA A 114 4.87 -2.15 2.79
N GLU A 115 5.89 -2.97 3.02
CA GLU A 115 7.09 -2.91 2.21
C GLU A 115 7.06 -4.00 1.13
N ALA A 116 7.12 -3.55 -0.11
CA ALA A 116 7.10 -4.48 -1.23
C ALA A 116 8.21 -4.11 -2.22
N LEU A 117 9.06 -5.08 -2.49
CA LEU A 117 10.17 -4.87 -3.41
C LEU A 117 9.72 -5.24 -4.83
N VAL A 118 10.19 -4.45 -5.79
CA VAL A 118 9.84 -4.68 -7.18
C VAL A 118 11.03 -4.29 -8.06
N VAL A 119 11.45 -5.22 -8.89
CA VAL A 119 12.56 -4.99 -9.79
C VAL A 119 12.08 -4.20 -11.01
N THR A 120 12.97 -3.38 -11.53
CA THR A 120 12.65 -2.58 -12.70
C THR A 120 13.02 -3.31 -13.98
N THR A 121 12.00 -3.86 -14.64
CA THR A 121 12.22 -4.59 -15.88
C THR A 121 10.88 -5.04 -16.46
N GLU A 122 10.94 -5.53 -17.70
CA GLU A 122 9.74 -6.01 -18.37
C GLU A 122 9.61 -7.53 -18.19
N LYS A 123 10.73 -8.16 -17.87
CA LYS A 123 10.74 -9.60 -17.68
C LYS A 123 10.24 -9.93 -16.27
N ARG A 124 9.42 -10.96 -16.20
CA ARG A 124 8.87 -11.39 -14.93
C ARG A 124 8.50 -12.86 -14.98
N SER A 125 8.99 -13.61 -13.99
CA SER A 125 8.72 -15.03 -13.92
C SER A 125 9.29 -15.74 -15.16
N GLY A 126 10.11 -16.74 -14.90
CA GLY A 126 10.71 -17.51 -15.97
C GLY A 126 10.65 -19.01 -15.69
N PRO A 127 11.70 -19.73 -16.16
CA PRO A 127 11.77 -21.17 -15.96
C PRO A 127 12.15 -21.50 -14.52
N SER A 128 11.12 -21.68 -13.70
CA SER A 128 11.34 -22.01 -12.30
C SER A 128 10.68 -23.35 -11.97
N SER A 129 11.35 -24.10 -11.11
CA SER A 129 10.83 -25.41 -10.70
C SER A 129 11.57 -25.89 -9.46
N GLY A 130 10.98 -25.62 -8.31
CA GLY A 130 11.58 -26.02 -7.04
C GLY A 130 11.72 -24.82 -6.10
N GLY A 1 -0.40 -12.01 -27.29
CA GLY A 1 -0.13 -12.83 -26.12
C GLY A 1 -1.43 -13.17 -25.38
N SER A 2 -1.48 -12.78 -24.12
CA SER A 2 -2.65 -13.05 -23.31
C SER A 2 -2.60 -12.20 -22.03
N SER A 3 -3.53 -11.26 -21.95
CA SER A 3 -3.61 -10.38 -20.80
C SER A 3 -4.70 -10.86 -19.84
N GLY A 4 -4.63 -10.35 -18.62
CA GLY A 4 -5.60 -10.72 -17.60
C GLY A 4 -5.59 -9.73 -16.44
N SER A 5 -6.53 -9.92 -15.52
CA SER A 5 -6.63 -9.06 -14.36
C SER A 5 -7.79 -9.51 -13.47
N SER A 6 -7.48 -9.71 -12.20
CA SER A 6 -8.48 -10.14 -11.24
C SER A 6 -7.89 -10.11 -9.83
N GLY A 7 -8.77 -10.26 -8.86
CA GLY A 7 -8.36 -10.27 -7.46
C GLY A 7 -9.44 -10.89 -6.57
N ARG A 8 -9.05 -11.17 -5.33
CA ARG A 8 -9.96 -11.77 -4.38
C ARG A 8 -9.66 -11.26 -2.97
N ILE A 9 -10.66 -11.37 -2.10
CA ILE A 9 -10.52 -10.93 -0.73
C ILE A 9 -10.58 -12.14 0.20
N GLY A 10 -10.34 -11.89 1.48
CA GLY A 10 -10.36 -12.94 2.47
C GLY A 10 -9.26 -12.73 3.52
N ASP A 11 -9.58 -13.12 4.75
CA ASP A 11 -8.65 -12.98 5.85
C ASP A 11 -9.28 -13.51 7.14
N GLY A 12 -8.45 -13.67 8.15
CA GLY A 12 -8.93 -14.16 9.43
C GLY A 12 -7.85 -13.98 10.51
N SER A 13 -8.29 -14.09 11.76
CA SER A 13 -7.39 -13.95 12.89
C SER A 13 -8.13 -14.22 14.20
N PRO A 14 -7.96 -15.47 14.72
CA PRO A 14 -8.61 -15.86 15.95
C PRO A 14 -7.93 -15.21 17.16
N SER A 15 -8.75 -14.80 18.12
CA SER A 15 -8.23 -14.17 19.32
C SER A 15 -9.38 -13.56 20.13
N HIS A 16 -9.18 -13.53 21.44
CA HIS A 16 -10.19 -12.98 22.34
C HIS A 16 -10.43 -11.51 21.99
N PRO A 17 -11.74 -11.16 21.86
CA PRO A 17 -12.12 -9.79 21.54
C PRO A 17 -11.97 -8.88 22.75
N PRO A 18 -11.64 -7.59 22.48
CA PRO A 18 -11.46 -6.61 23.53
C PRO A 18 -12.81 -6.18 24.11
N ILE A 19 -12.74 -5.22 25.02
CA ILE A 19 -13.95 -4.71 25.66
C ILE A 19 -14.99 -4.39 24.59
N LEU A 20 -16.24 -4.39 25.01
CA LEU A 20 -17.34 -4.10 24.10
C LEU A 20 -17.32 -2.61 23.73
N GLU A 21 -16.21 -2.20 23.13
CA GLU A 21 -16.05 -0.81 22.72
C GLU A 21 -14.69 -0.61 22.05
N ARG A 22 -14.74 -0.27 20.77
CA ARG A 22 -13.52 -0.04 20.02
C ARG A 22 -13.82 -0.05 18.52
N THR A 23 -14.01 1.14 17.98
CA THR A 23 -14.30 1.29 16.56
C THR A 23 -13.15 2.00 15.84
N LEU A 24 -12.92 3.24 16.24
CA LEU A 24 -11.86 4.03 15.65
C LEU A 24 -10.96 4.58 16.76
N ASP A 25 -9.69 4.19 16.69
CA ASP A 25 -8.72 4.64 17.67
C ASP A 25 -7.35 4.06 17.32
N ASP A 26 -6.35 4.94 17.33
CA ASP A 26 -4.99 4.53 17.02
C ASP A 26 -4.81 4.48 15.50
N VAL A 27 -3.58 4.69 15.07
CA VAL A 27 -3.26 4.68 13.67
C VAL A 27 -3.68 3.34 13.06
N PRO A 28 -3.79 3.32 11.71
CA PRO A 28 -4.18 2.11 11.00
C PRO A 28 -3.04 1.10 10.96
N GLY A 29 -3.37 -0.11 10.53
CA GLY A 29 -2.38 -1.17 10.44
C GLY A 29 -1.67 -1.14 9.08
N PRO A 30 -0.89 -2.22 8.82
CA PRO A 30 -0.15 -2.33 7.57
C PRO A 30 -1.09 -2.66 6.41
N PRO A 31 -0.87 -1.95 5.27
CA PRO A 31 -1.69 -2.16 4.08
C PRO A 31 -1.30 -3.47 3.38
N MET A 32 -2.17 -4.46 3.50
CA MET A 32 -1.93 -5.75 2.89
C MET A 32 -2.48 -5.79 1.47
N GLY A 33 -2.03 -6.78 0.71
CA GLY A 33 -2.46 -6.94 -0.67
C GLY A 33 -1.58 -6.13 -1.62
N ILE A 34 -0.28 -6.17 -1.36
CA ILE A 34 0.67 -5.45 -2.18
C ILE A 34 1.12 -6.34 -3.33
N LEU A 35 0.59 -6.05 -4.51
CA LEU A 35 0.94 -6.82 -5.70
C LEU A 35 1.42 -5.86 -6.79
N PHE A 36 2.23 -6.41 -7.69
CA PHE A 36 2.76 -5.63 -8.79
C PHE A 36 2.30 -6.18 -10.14
N PRO A 37 1.15 -5.62 -10.62
CA PRO A 37 0.59 -6.06 -11.89
C PRO A 37 1.40 -5.49 -13.06
N GLU A 38 1.60 -4.18 -13.03
CA GLU A 38 2.35 -3.51 -14.07
C GLU A 38 3.66 -2.95 -13.52
N VAL A 39 4.76 -3.53 -13.98
CA VAL A 39 6.07 -3.10 -13.54
C VAL A 39 7.03 -3.09 -14.73
N ARG A 40 7.55 -1.91 -15.02
CA ARG A 40 8.48 -1.75 -16.13
C ARG A 40 9.86 -1.35 -15.62
N THR A 41 10.69 -0.86 -16.53
CA THR A 41 12.02 -0.44 -16.19
C THR A 41 11.98 0.82 -15.30
N THR A 42 11.94 1.97 -15.97
CA THR A 42 11.90 3.23 -15.26
C THR A 42 10.44 3.65 -14.99
N SER A 43 9.58 2.64 -14.97
CA SER A 43 8.16 2.88 -14.73
C SER A 43 7.49 1.61 -14.21
N VAL A 44 6.77 1.77 -13.11
CA VAL A 44 6.07 0.64 -12.52
C VAL A 44 4.71 1.12 -11.98
N ARG A 45 3.92 0.15 -11.54
CA ARG A 45 2.60 0.45 -11.01
C ARG A 45 2.09 -0.72 -10.16
N LEU A 46 2.11 -0.51 -8.85
CA LEU A 46 1.66 -1.53 -7.92
C LEU A 46 0.30 -1.13 -7.35
N ILE A 47 -0.31 -2.08 -6.66
CA ILE A 47 -1.62 -1.84 -6.06
C ILE A 47 -1.64 -2.43 -4.65
N TRP A 48 -2.33 -1.73 -3.76
CA TRP A 48 -2.43 -2.17 -2.38
C TRP A 48 -3.90 -2.06 -1.96
N GLN A 49 -4.17 -2.53 -0.75
CA GLN A 49 -5.53 -2.49 -0.23
C GLN A 49 -5.52 -1.92 1.19
N PRO A 50 -6.73 -1.45 1.62
CA PRO A 50 -6.88 -0.88 2.95
C PRO A 50 -6.87 -1.97 4.03
N PRO A 51 -6.42 -1.58 5.24
CA PRO A 51 -6.35 -2.51 6.36
C PRO A 51 -7.75 -2.77 6.93
N ALA A 52 -8.12 -4.04 6.95
CA ALA A 52 -9.42 -4.43 7.47
C ALA A 52 -9.73 -3.61 8.73
N ALA A 53 -8.68 -3.28 9.45
CA ALA A 53 -8.82 -2.51 10.67
C ALA A 53 -8.10 -1.16 10.51
N PRO A 54 -8.81 -0.19 9.89
CA PRO A 54 -8.25 1.13 9.66
C PRO A 54 -8.21 1.93 10.96
N ASN A 55 -9.23 1.72 11.79
CA ASN A 55 -9.34 2.41 13.06
C ASN A 55 -8.90 3.87 12.86
N GLY A 56 -9.46 4.49 11.84
CA GLY A 56 -9.14 5.88 11.55
C GLY A 56 -9.41 6.20 10.07
N ILE A 57 -10.45 7.00 9.85
CA ILE A 57 -10.82 7.38 8.50
C ILE A 57 -9.56 7.79 7.72
N ILE A 58 -9.15 6.92 6.81
CA ILE A 58 -7.98 7.17 6.01
C ILE A 58 -8.10 8.55 5.35
N LEU A 59 -7.09 9.37 5.57
CA LEU A 59 -7.07 10.71 5.02
C LEU A 59 -6.21 10.72 3.75
N ALA A 60 -5.30 9.77 3.69
CA ALA A 60 -4.42 9.65 2.53
C ALA A 60 -3.44 8.50 2.77
N TYR A 61 -2.46 8.41 1.88
CA TYR A 61 -1.45 7.37 1.97
C TYR A 61 -0.07 7.90 1.57
N GLN A 62 0.93 7.06 1.78
CA GLN A 62 2.30 7.42 1.44
C GLN A 62 3.01 6.26 0.75
N ILE A 63 3.71 6.58 -0.31
CA ILE A 63 4.45 5.58 -1.07
C ILE A 63 5.91 6.01 -1.19
N THR A 64 6.79 5.16 -0.68
CA THR A 64 8.22 5.44 -0.74
C THR A 64 8.94 4.38 -1.59
N HIS A 65 9.64 4.86 -2.60
CA HIS A 65 10.37 3.98 -3.49
C HIS A 65 11.85 4.39 -3.53
N ARG A 66 12.70 3.41 -3.29
CA ARG A 66 14.14 3.66 -3.29
C ARG A 66 14.91 2.34 -3.46
N LEU A 67 15.94 2.40 -4.29
CA LEU A 67 16.75 1.23 -4.55
C LEU A 67 16.92 0.43 -3.24
N ASN A 68 16.56 -0.84 -3.32
CA ASN A 68 16.66 -1.71 -2.16
C ASN A 68 18.13 -1.83 -1.75
N THR A 69 19.00 -1.37 -2.64
CA THR A 69 20.43 -1.42 -2.38
C THR A 69 21.15 -0.27 -3.10
N THR A 70 21.37 0.80 -2.38
CA THR A 70 22.04 1.97 -2.94
C THR A 70 22.22 3.05 -1.87
N THR A 71 22.85 4.14 -2.28
CA THR A 71 23.09 5.24 -1.37
C THR A 71 22.66 6.56 -2.02
N ALA A 72 21.64 7.17 -1.43
CA ALA A 72 21.13 8.44 -1.93
C ALA A 72 20.87 9.39 -0.75
N ASN A 73 20.53 10.61 -1.10
CA ASN A 73 20.26 11.63 -0.09
C ASN A 73 19.02 11.21 0.72
N THR A 74 17.98 10.84 -0.02
CA THR A 74 16.73 10.43 0.62
C THR A 74 15.80 9.78 -0.42
N ALA A 75 14.75 9.15 0.10
CA ALA A 75 13.79 8.49 -0.76
C ALA A 75 12.63 9.45 -1.06
N THR A 76 12.31 9.57 -2.34
CA THR A 76 11.23 10.45 -2.77
C THR A 76 9.90 9.95 -2.21
N VAL A 77 9.47 10.57 -1.11
CA VAL A 77 8.22 10.20 -0.49
C VAL A 77 7.08 11.00 -1.12
N GLU A 78 6.03 10.29 -1.47
CA GLU A 78 4.86 10.90 -2.09
C GLU A 78 3.59 10.56 -1.30
N VAL A 79 2.78 11.58 -1.09
CA VAL A 79 1.53 11.40 -0.36
C VAL A 79 0.39 11.19 -1.36
N LEU A 80 -0.38 10.13 -1.13
CA LEU A 80 -1.49 9.80 -1.99
C LEU A 80 -2.80 10.09 -1.25
N ALA A 81 -3.89 9.98 -1.99
CA ALA A 81 -5.21 10.24 -1.42
C ALA A 81 -5.65 9.01 -0.61
N PRO A 82 -6.75 9.21 0.16
CA PRO A 82 -7.29 8.14 0.99
C PRO A 82 -8.02 7.10 0.13
N SER A 83 -8.19 7.44 -1.14
CA SER A 83 -8.87 6.56 -2.07
C SER A 83 -7.89 6.06 -3.13
N ALA A 84 -6.65 5.88 -2.71
CA ALA A 84 -5.61 5.41 -3.62
C ALA A 84 -5.33 3.94 -3.33
N ARG A 85 -5.57 3.12 -4.35
CA ARG A 85 -5.34 1.68 -4.23
C ARG A 85 -4.09 1.28 -5.00
N GLN A 86 -3.66 2.16 -5.89
CA GLN A 86 -2.48 1.91 -6.69
C GLN A 86 -1.75 3.22 -6.98
N TYR A 87 -0.47 3.08 -7.29
CA TYR A 87 0.37 4.23 -7.59
C TYR A 87 1.37 3.91 -8.69
N THR A 88 1.48 4.83 -9.64
CA THR A 88 2.40 4.67 -10.75
C THR A 88 3.74 5.32 -10.44
N ALA A 89 4.77 4.50 -10.38
CA ALA A 89 6.12 4.99 -10.09
C ALA A 89 6.90 5.13 -11.39
N THR A 90 7.22 6.37 -11.73
CA THR A 90 7.96 6.66 -12.94
C THR A 90 9.35 7.20 -12.60
N GLY A 91 10.26 7.06 -13.56
CA GLY A 91 11.62 7.52 -13.38
C GLY A 91 12.38 6.64 -12.38
N LEU A 92 12.53 5.38 -12.77
CA LEU A 92 13.23 4.42 -11.93
C LEU A 92 14.40 3.82 -12.71
N LYS A 93 15.35 3.28 -11.96
CA LYS A 93 16.52 2.68 -12.56
C LYS A 93 16.24 1.20 -12.83
N PRO A 94 16.44 0.80 -14.11
CA PRO A 94 16.22 -0.58 -14.51
C PRO A 94 17.35 -1.48 -14.03
N GLU A 95 17.05 -2.77 -13.97
CA GLU A 95 18.04 -3.74 -13.53
C GLU A 95 18.39 -3.50 -12.06
N SER A 96 17.37 -3.21 -11.27
CA SER A 96 17.56 -2.96 -9.85
C SER A 96 16.32 -3.41 -9.07
N VAL A 97 16.34 -3.11 -7.78
CA VAL A 97 15.24 -3.49 -6.91
C VAL A 97 14.76 -2.25 -6.14
N TYR A 98 13.48 -1.97 -6.27
CA TYR A 98 12.89 -0.82 -5.59
C TYR A 98 11.93 -1.27 -4.48
N LEU A 99 12.15 -0.70 -3.29
CA LEU A 99 11.32 -1.04 -2.16
C LEU A 99 10.17 -0.04 -2.05
N PHE A 100 8.96 -0.55 -2.20
CA PHE A 100 7.77 0.28 -2.12
C PHE A 100 7.12 0.19 -0.74
N ARG A 101 7.16 1.30 -0.03
CA ARG A 101 6.58 1.35 1.31
C ARG A 101 5.25 2.10 1.27
N ILE A 102 4.17 1.36 1.49
CA ILE A 102 2.84 1.94 1.49
C ILE A 102 2.41 2.23 2.92
N THR A 103 1.78 3.38 3.10
CA THR A 103 1.31 3.78 4.42
C THR A 103 0.05 4.63 4.30
N ALA A 104 -0.71 4.65 5.38
CA ALA A 104 -1.95 5.43 5.40
C ALA A 104 -1.78 6.62 6.35
N GLN A 105 -2.66 7.60 6.16
CA GLN A 105 -2.61 8.80 6.98
C GLN A 105 -3.96 9.02 7.67
N THR A 106 -3.92 9.07 8.99
CA THR A 106 -5.13 9.27 9.77
C THR A 106 -4.98 10.49 10.67
N ARG A 107 -5.94 10.65 11.58
CA ARG A 107 -5.92 11.77 12.50
C ARG A 107 -4.84 11.55 13.58
N LYS A 108 -4.35 10.33 13.64
CA LYS A 108 -3.33 9.98 14.61
C LYS A 108 -1.94 10.20 13.98
N GLY A 109 -1.86 9.89 12.70
CA GLY A 109 -0.60 10.04 11.97
C GLY A 109 -0.48 8.99 10.88
N TRP A 110 0.66 8.32 10.88
CA TRP A 110 0.93 7.28 9.89
C TRP A 110 1.12 5.96 10.63
N GLY A 111 0.20 5.04 10.37
CA GLY A 111 0.25 3.73 11.00
C GLY A 111 1.32 2.85 10.36
N GLU A 112 1.11 1.54 10.44
CA GLU A 112 2.04 0.59 9.87
C GLU A 112 2.30 0.91 8.40
N ALA A 113 3.30 0.25 7.85
CA ALA A 113 3.66 0.46 6.45
C ALA A 113 3.96 -0.89 5.80
N ALA A 114 3.40 -1.07 4.61
CA ALA A 114 3.60 -2.31 3.87
C ALA A 114 4.76 -2.14 2.90
N GLU A 115 5.79 -2.95 3.10
CA GLU A 115 6.97 -2.89 2.24
C GLU A 115 6.86 -3.95 1.14
N ALA A 116 7.05 -3.50 -0.09
CA ALA A 116 6.99 -4.39 -1.24
C ALA A 116 8.14 -4.05 -2.20
N LEU A 117 8.92 -5.07 -2.53
CA LEU A 117 10.04 -4.90 -3.43
C LEU A 117 9.59 -5.20 -4.86
N VAL A 118 10.18 -4.47 -5.80
CA VAL A 118 9.84 -4.65 -7.20
C VAL A 118 11.06 -4.29 -8.06
N VAL A 119 11.44 -5.23 -8.91
CA VAL A 119 12.58 -5.01 -9.79
C VAL A 119 12.11 -4.32 -11.07
N THR A 120 13.03 -3.56 -11.66
CA THR A 120 12.71 -2.84 -12.89
C THR A 120 13.23 -3.62 -14.11
N THR A 121 12.29 -4.14 -14.87
CA THR A 121 12.64 -4.90 -16.06
C THR A 121 11.38 -5.36 -16.79
N GLU A 122 11.59 -5.91 -17.99
CA GLU A 122 10.48 -6.38 -18.79
C GLU A 122 10.27 -7.88 -18.56
N LYS A 123 11.36 -8.62 -18.61
CA LYS A 123 11.31 -10.06 -18.42
C LYS A 123 10.05 -10.61 -19.08
N ARG A 124 9.62 -11.76 -18.58
CA ARG A 124 8.43 -12.40 -19.10
C ARG A 124 7.89 -13.43 -18.10
N SER A 125 8.68 -14.45 -17.85
CA SER A 125 8.29 -15.49 -16.92
C SER A 125 9.35 -15.63 -15.83
N GLY A 126 9.02 -16.42 -14.82
CA GLY A 126 9.92 -16.66 -13.70
C GLY A 126 10.02 -18.14 -13.38
N PRO A 127 11.09 -18.79 -13.94
CA PRO A 127 11.31 -20.20 -13.72
C PRO A 127 11.86 -20.45 -12.31
N SER A 128 12.10 -21.73 -12.02
CA SER A 128 12.62 -22.11 -10.73
C SER A 128 13.77 -23.12 -10.90
N SER A 129 14.80 -22.94 -10.08
CA SER A 129 15.95 -23.81 -10.14
C SER A 129 15.92 -24.79 -8.96
N GLY A 130 16.56 -25.93 -9.17
CA GLY A 130 16.61 -26.96 -8.14
C GLY A 130 17.31 -28.21 -8.66
N GLY A 1 -16.52 -31.57 45.78
CA GLY A 1 -17.82 -30.95 45.93
C GLY A 1 -18.40 -30.55 44.57
N SER A 2 -19.71 -30.37 44.55
CA SER A 2 -20.39 -30.00 43.32
C SER A 2 -21.90 -29.94 43.56
N SER A 3 -22.53 -28.94 42.95
CA SER A 3 -23.97 -28.76 43.09
C SER A 3 -24.46 -27.73 42.08
N GLY A 4 -25.78 -27.65 41.96
CA GLY A 4 -26.39 -26.72 41.03
C GLY A 4 -27.59 -27.36 40.31
N SER A 5 -28.52 -26.51 39.91
CA SER A 5 -29.71 -26.98 39.22
C SER A 5 -30.65 -25.80 38.94
N SER A 6 -31.00 -25.66 37.67
CA SER A 6 -31.89 -24.58 37.26
C SER A 6 -32.36 -24.82 35.83
N GLY A 7 -33.32 -24.01 35.42
CA GLY A 7 -33.87 -24.12 34.07
C GLY A 7 -35.04 -23.14 33.88
N ARG A 8 -35.01 -22.46 32.74
CA ARG A 8 -36.05 -21.50 32.42
C ARG A 8 -35.86 -20.96 31.00
N ILE A 9 -36.98 -20.78 30.31
CA ILE A 9 -36.95 -20.28 28.95
C ILE A 9 -37.85 -19.04 28.85
N GLY A 10 -37.57 -18.22 27.84
CA GLY A 10 -38.35 -17.01 27.62
C GLY A 10 -37.50 -15.77 27.90
N ASP A 11 -36.98 -15.19 26.83
CA ASP A 11 -36.16 -14.00 26.95
C ASP A 11 -35.71 -13.55 25.55
N GLY A 12 -35.29 -12.30 25.47
CA GLY A 12 -34.84 -11.74 24.21
C GLY A 12 -35.01 -10.22 24.19
N SER A 13 -33.88 -9.53 24.31
CA SER A 13 -33.89 -8.08 24.30
C SER A 13 -32.46 -7.55 24.42
N PRO A 14 -31.88 -7.20 23.23
CA PRO A 14 -30.52 -6.68 23.19
C PRO A 14 -30.48 -5.23 23.67
N SER A 15 -29.26 -4.73 23.84
CA SER A 15 -29.07 -3.36 24.29
C SER A 15 -28.39 -2.54 23.19
N HIS A 16 -28.57 -1.24 23.28
CA HIS A 16 -27.98 -0.34 22.31
C HIS A 16 -26.57 0.06 22.76
N PRO A 17 -25.81 0.65 21.79
CA PRO A 17 -24.45 1.08 22.08
C PRO A 17 -24.45 2.35 22.92
N PRO A 18 -23.35 2.51 23.73
CA PRO A 18 -23.22 3.67 24.59
C PRO A 18 -22.83 4.91 23.77
N ILE A 19 -22.87 6.05 24.43
CA ILE A 19 -22.52 7.31 23.78
C ILE A 19 -21.00 7.50 23.82
N LEU A 20 -20.45 7.84 22.67
CA LEU A 20 -19.02 8.05 22.56
C LEU A 20 -18.75 9.09 21.47
N GLU A 21 -18.36 10.28 21.91
CA GLU A 21 -18.07 11.36 20.99
C GLU A 21 -16.69 11.15 20.35
N ARG A 22 -16.66 10.29 19.34
CA ARG A 22 -15.42 10.01 18.64
C ARG A 22 -15.62 8.84 17.67
N THR A 23 -15.65 9.17 16.40
CA THR A 23 -15.83 8.16 15.36
C THR A 23 -14.91 6.97 15.61
N LEU A 24 -13.63 7.20 15.37
CA LEU A 24 -12.63 6.16 15.56
C LEU A 24 -11.43 6.74 16.33
N ASP A 25 -10.32 6.03 16.24
CA ASP A 25 -9.10 6.46 16.92
C ASP A 25 -7.96 5.50 16.58
N ASP A 26 -6.76 5.91 16.93
CA ASP A 26 -5.58 5.10 16.67
C ASP A 26 -5.28 5.12 15.17
N VAL A 27 -4.05 4.75 14.83
CA VAL A 27 -3.63 4.73 13.44
C VAL A 27 -3.96 3.36 12.85
N PRO A 28 -4.01 3.33 11.49
CA PRO A 28 -4.30 2.09 10.78
C PRO A 28 -3.11 1.15 10.79
N GLY A 29 -3.37 -0.11 10.42
CA GLY A 29 -2.32 -1.11 10.40
C GLY A 29 -1.58 -1.09 9.06
N PRO A 30 -0.84 -2.20 8.81
CA PRO A 30 -0.08 -2.32 7.57
C PRO A 30 -1.00 -2.63 6.39
N PRO A 31 -0.76 -1.91 5.27
CA PRO A 31 -1.56 -2.10 4.07
C PRO A 31 -1.17 -3.39 3.35
N MET A 32 -2.07 -4.36 3.43
CA MET A 32 -1.84 -5.64 2.80
C MET A 32 -2.41 -5.67 1.38
N GLY A 33 -1.96 -6.65 0.61
CA GLY A 33 -2.42 -6.79 -0.76
C GLY A 33 -1.53 -6.01 -1.72
N ILE A 34 -0.24 -6.02 -1.44
CA ILE A 34 0.72 -5.31 -2.26
C ILE A 34 1.19 -6.23 -3.39
N LEU A 35 0.68 -5.95 -4.59
CA LEU A 35 1.05 -6.75 -5.75
C LEU A 35 1.48 -5.81 -6.88
N PHE A 36 2.25 -6.38 -7.80
CA PHE A 36 2.74 -5.60 -8.93
C PHE A 36 2.28 -6.22 -10.26
N PRO A 37 1.11 -5.71 -10.75
CA PRO A 37 0.56 -6.19 -12.00
C PRO A 37 1.35 -5.66 -13.20
N GLU A 38 1.53 -4.35 -13.21
CA GLU A 38 2.26 -3.72 -14.29
C GLU A 38 3.51 -3.02 -13.74
N VAL A 39 4.66 -3.55 -14.12
CA VAL A 39 5.93 -3.00 -13.69
C VAL A 39 6.93 -3.03 -14.84
N ARG A 40 7.33 -1.85 -15.27
CA ARG A 40 8.28 -1.72 -16.36
C ARG A 40 9.66 -1.35 -15.83
N THR A 41 10.50 -0.87 -16.73
CA THR A 41 11.85 -0.48 -16.36
C THR A 41 11.83 0.82 -15.55
N THR A 42 11.78 1.93 -16.26
CA THR A 42 11.75 3.24 -15.63
C THR A 42 10.30 3.66 -15.35
N SER A 43 9.45 2.66 -15.17
CA SER A 43 8.05 2.92 -14.90
C SER A 43 7.36 1.63 -14.43
N VAL A 44 6.90 1.66 -13.19
CA VAL A 44 6.23 0.51 -12.61
C VAL A 44 4.87 0.95 -12.05
N ARG A 45 4.04 -0.05 -11.78
CA ARG A 45 2.72 0.22 -11.25
C ARG A 45 2.26 -0.93 -10.34
N LEU A 46 2.06 -0.59 -9.08
CA LEU A 46 1.63 -1.59 -8.10
C LEU A 46 0.27 -1.17 -7.52
N ILE A 47 -0.33 -2.10 -6.80
CA ILE A 47 -1.62 -1.85 -6.20
C ILE A 47 -1.62 -2.37 -4.75
N TRP A 48 -2.51 -1.81 -3.96
CA TRP A 48 -2.62 -2.20 -2.56
C TRP A 48 -4.08 -2.09 -2.14
N GLN A 49 -4.36 -2.52 -0.92
CA GLN A 49 -5.71 -2.47 -0.40
C GLN A 49 -5.71 -1.87 1.01
N PRO A 50 -6.93 -1.45 1.45
CA PRO A 50 -7.08 -0.86 2.77
C PRO A 50 -7.00 -1.93 3.87
N PRO A 51 -6.54 -1.48 5.06
CA PRO A 51 -6.42 -2.39 6.20
C PRO A 51 -7.79 -2.70 6.80
N ALA A 52 -8.14 -3.98 6.78
CA ALA A 52 -9.41 -4.43 7.32
C ALA A 52 -9.70 -3.66 8.61
N ALA A 53 -8.64 -3.29 9.31
CA ALA A 53 -8.76 -2.56 10.55
C ALA A 53 -8.11 -1.19 10.40
N PRO A 54 -8.90 -0.24 9.84
CA PRO A 54 -8.40 1.11 9.63
C PRO A 54 -8.36 1.89 10.96
N ASN A 55 -9.32 1.60 11.81
CA ASN A 55 -9.40 2.25 13.11
C ASN A 55 -9.06 3.74 12.94
N GLY A 56 -9.79 4.38 12.05
CA GLY A 56 -9.58 5.80 11.79
C GLY A 56 -9.71 6.11 10.30
N ILE A 57 -10.57 7.07 9.99
CA ILE A 57 -10.79 7.47 8.61
C ILE A 57 -9.44 7.83 7.97
N ILE A 58 -9.15 7.16 6.87
CA ILE A 58 -7.91 7.40 6.15
C ILE A 58 -7.94 8.79 5.53
N LEU A 59 -6.91 9.56 5.81
CA LEU A 59 -6.80 10.91 5.28
C LEU A 59 -6.01 10.88 3.97
N ALA A 60 -5.14 9.89 3.86
CA ALA A 60 -4.31 9.75 2.68
C ALA A 60 -3.34 8.58 2.88
N TYR A 61 -2.39 8.48 1.97
CA TYR A 61 -1.40 7.42 2.03
C TYR A 61 -0.02 7.93 1.62
N GLN A 62 0.98 7.09 1.83
CA GLN A 62 2.35 7.43 1.49
C GLN A 62 3.03 6.28 0.77
N ILE A 63 3.67 6.61 -0.34
CA ILE A 63 4.37 5.61 -1.14
C ILE A 63 5.82 6.03 -1.32
N THR A 64 6.70 5.26 -0.69
CA THR A 64 8.13 5.54 -0.76
C THR A 64 8.83 4.50 -1.64
N HIS A 65 9.65 5.00 -2.55
CA HIS A 65 10.40 4.13 -3.45
C HIS A 65 11.88 4.47 -3.39
N ARG A 66 12.70 3.43 -3.40
CA ARG A 66 14.14 3.60 -3.36
C ARG A 66 14.85 2.33 -3.82
N LEU A 67 16.06 2.52 -4.32
CA LEU A 67 16.84 1.39 -4.80
C LEU A 67 17.34 0.57 -3.60
N ASN A 68 16.75 -0.61 -3.46
CA ASN A 68 17.11 -1.49 -2.37
C ASN A 68 18.63 -1.60 -2.29
N THR A 69 19.27 -1.46 -3.45
CA THR A 69 20.72 -1.54 -3.52
C THR A 69 21.24 -0.63 -4.64
N THR A 70 22.02 0.37 -4.23
CA THR A 70 22.58 1.30 -5.19
C THR A 70 23.54 2.26 -4.48
N THR A 71 23.68 3.45 -5.06
CA THR A 71 24.55 4.47 -4.50
C THR A 71 23.74 5.49 -3.71
N ALA A 72 24.28 5.91 -2.58
CA ALA A 72 23.63 6.89 -1.73
C ALA A 72 22.44 6.22 -1.02
N ASN A 73 21.76 7.01 -0.21
CA ASN A 73 20.60 6.52 0.53
C ASN A 73 19.50 7.57 0.52
N THR A 74 18.58 7.41 -0.41
CA THR A 74 17.47 8.34 -0.54
C THR A 74 16.24 7.63 -1.11
N ALA A 75 15.09 8.00 -0.57
CA ALA A 75 13.83 7.42 -1.00
C ALA A 75 12.84 8.52 -1.34
N THR A 76 12.21 8.38 -2.49
CA THR A 76 11.23 9.37 -2.94
C THR A 76 9.88 9.10 -2.31
N VAL A 77 9.60 9.83 -1.24
CA VAL A 77 8.34 9.68 -0.53
C VAL A 77 7.26 10.50 -1.23
N GLU A 78 6.10 9.88 -1.39
CA GLU A 78 4.99 10.54 -2.05
C GLU A 78 3.70 10.30 -1.27
N VAL A 79 2.92 11.37 -1.12
CA VAL A 79 1.67 11.29 -0.40
C VAL A 79 0.52 11.06 -1.39
N LEU A 80 -0.33 10.12 -1.06
CA LEU A 80 -1.46 9.79 -1.92
C LEU A 80 -2.76 10.06 -1.15
N ALA A 81 -3.86 9.96 -1.88
CA ALA A 81 -5.17 10.20 -1.28
C ALA A 81 -5.60 8.96 -0.50
N PRO A 82 -6.65 9.14 0.35
CA PRO A 82 -7.16 8.05 1.15
C PRO A 82 -7.98 7.07 0.30
N SER A 83 -8.07 7.39 -0.98
CA SER A 83 -8.81 6.55 -1.91
C SER A 83 -7.89 6.06 -3.03
N ALA A 84 -6.63 5.84 -2.67
CA ALA A 84 -5.65 5.38 -3.64
C ALA A 84 -5.44 3.88 -3.46
N ARG A 85 -5.68 3.15 -4.55
CA ARG A 85 -5.53 1.70 -4.53
C ARG A 85 -4.22 1.31 -5.21
N GLN A 86 -3.75 2.19 -6.09
CA GLN A 86 -2.51 1.94 -6.80
C GLN A 86 -1.76 3.25 -7.05
N TYR A 87 -0.49 3.12 -7.37
CA TYR A 87 0.35 4.27 -7.63
C TYR A 87 1.43 3.96 -8.67
N THR A 88 1.47 4.78 -9.70
CA THR A 88 2.45 4.60 -10.77
C THR A 88 3.77 5.24 -10.38
N ALA A 89 4.83 4.46 -10.48
CA ALA A 89 6.16 4.94 -10.14
C ALA A 89 6.98 5.10 -11.43
N THR A 90 7.32 6.35 -11.71
CA THR A 90 8.11 6.66 -12.90
C THR A 90 9.46 7.24 -12.52
N GLY A 91 10.41 7.08 -13.42
CA GLY A 91 11.77 7.59 -13.19
C GLY A 91 12.54 6.64 -12.26
N LEU A 92 12.53 5.37 -12.62
CA LEU A 92 13.24 4.37 -11.84
C LEU A 92 14.34 3.73 -12.70
N LYS A 93 15.36 3.24 -12.01
CA LYS A 93 16.48 2.61 -12.69
C LYS A 93 16.14 1.14 -12.97
N PRO A 94 16.33 0.74 -14.26
CA PRO A 94 16.06 -0.63 -14.66
C PRO A 94 17.14 -1.59 -14.17
N GLU A 95 16.75 -2.85 -14.01
CA GLU A 95 17.68 -3.86 -13.54
C GLU A 95 18.09 -3.58 -12.10
N SER A 96 17.10 -3.23 -11.29
CA SER A 96 17.33 -2.94 -9.89
C SER A 96 16.19 -3.49 -9.04
N VAL A 97 16.20 -3.09 -7.77
CA VAL A 97 15.16 -3.53 -6.84
C VAL A 97 14.66 -2.34 -6.04
N TYR A 98 13.48 -1.86 -6.41
CA TYR A 98 12.88 -0.73 -5.73
C TYR A 98 11.89 -1.19 -4.65
N LEU A 99 12.10 -0.70 -3.45
CA LEU A 99 11.24 -1.04 -2.33
C LEU A 99 10.11 -0.02 -2.23
N PHE A 100 8.88 -0.52 -2.30
CA PHE A 100 7.71 0.33 -2.20
C PHE A 100 7.08 0.26 -0.81
N ARG A 101 7.16 1.37 -0.10
CA ARG A 101 6.60 1.44 1.23
C ARG A 101 5.27 2.19 1.21
N ILE A 102 4.20 1.44 1.47
CA ILE A 102 2.87 2.02 1.49
C ILE A 102 2.45 2.28 2.94
N THR A 103 1.81 3.43 3.14
CA THR A 103 1.35 3.81 4.46
C THR A 103 0.07 4.64 4.36
N ALA A 104 -0.63 4.73 5.48
CA ALA A 104 -1.87 5.49 5.54
C ALA A 104 -1.73 6.61 6.58
N GLN A 105 -2.53 7.65 6.38
CA GLN A 105 -2.52 8.78 7.29
C GLN A 105 -3.90 8.99 7.91
N THR A 106 -3.92 9.04 9.22
CA THR A 106 -5.16 9.24 9.95
C THR A 106 -5.08 10.48 10.84
N ARG A 107 -6.09 10.63 11.68
CA ARG A 107 -6.13 11.77 12.59
C ARG A 107 -5.17 11.56 13.75
N LYS A 108 -4.52 10.41 13.75
CA LYS A 108 -3.58 10.08 14.80
C LYS A 108 -2.15 10.19 14.25
N GLY A 109 -1.97 9.67 13.04
CA GLY A 109 -0.67 9.72 12.39
C GLY A 109 -0.54 8.61 11.35
N TRP A 110 0.70 8.35 10.97
CA TRP A 110 0.97 7.31 9.97
C TRP A 110 1.18 5.99 10.72
N GLY A 111 0.32 5.03 10.41
CA GLY A 111 0.41 3.73 11.03
C GLY A 111 1.49 2.87 10.39
N GLU A 112 1.29 1.56 10.44
CA GLU A 112 2.24 0.63 9.87
C GLU A 112 2.52 0.99 8.41
N ALA A 113 3.46 0.27 7.83
CA ALA A 113 3.82 0.50 6.44
C ALA A 113 4.14 -0.84 5.76
N ALA A 114 3.51 -1.05 4.62
CA ALA A 114 3.71 -2.28 3.88
C ALA A 114 4.84 -2.08 2.87
N GLU A 115 5.89 -2.88 3.04
CA GLU A 115 7.04 -2.79 2.15
C GLU A 115 6.95 -3.87 1.06
N ALA A 116 7.05 -3.42 -0.18
CA ALA A 116 6.98 -4.33 -1.32
C ALA A 116 8.11 -4.01 -2.29
N LEU A 117 8.94 -5.01 -2.54
CA LEU A 117 10.06 -4.85 -3.45
C LEU A 117 9.63 -5.23 -4.87
N VAL A 118 10.09 -4.45 -5.83
CA VAL A 118 9.75 -4.69 -7.22
C VAL A 118 10.94 -4.32 -8.10
N VAL A 119 11.38 -5.29 -8.90
CA VAL A 119 12.50 -5.08 -9.79
C VAL A 119 12.01 -4.47 -11.10
N THR A 120 12.86 -3.63 -11.68
CA THR A 120 12.52 -2.98 -12.93
C THR A 120 13.12 -3.75 -14.11
N THR A 121 12.23 -4.24 -14.96
CA THR A 121 12.66 -4.99 -16.13
C THR A 121 11.45 -5.36 -17.00
N GLU A 122 11.75 -5.85 -18.20
CA GLU A 122 10.71 -6.24 -19.13
C GLU A 122 10.43 -7.74 -19.01
N LYS A 123 11.39 -8.45 -18.46
CA LYS A 123 11.26 -9.88 -18.29
C LYS A 123 10.49 -10.17 -17.00
N ARG A 124 9.65 -11.19 -17.07
CA ARG A 124 8.85 -11.58 -15.92
C ARG A 124 9.72 -11.69 -14.67
N SER A 125 9.12 -11.36 -13.54
CA SER A 125 9.82 -11.41 -12.27
C SER A 125 8.85 -11.24 -11.11
N GLY A 126 8.95 -12.13 -10.14
CA GLY A 126 8.08 -12.07 -8.98
C GLY A 126 7.18 -13.31 -8.91
N PRO A 127 7.62 -14.31 -8.10
CA PRO A 127 6.86 -15.53 -7.94
C PRO A 127 5.62 -15.31 -7.06
N SER A 128 4.78 -16.33 -7.01
CA SER A 128 3.56 -16.25 -6.22
C SER A 128 3.34 -17.57 -5.48
N SER A 129 2.79 -17.46 -4.28
CA SER A 129 2.53 -18.63 -3.46
C SER A 129 1.29 -18.38 -2.60
N GLY A 130 0.68 -19.48 -2.17
CA GLY A 130 -0.51 -19.40 -1.34
C GLY A 130 -0.41 -20.34 -0.14
N GLY A 1 -54.94 -41.07 -8.17
CA GLY A 1 -54.49 -41.57 -6.88
C GLY A 1 -53.09 -41.03 -6.55
N SER A 2 -53.07 -39.94 -5.81
CA SER A 2 -51.82 -39.32 -5.42
C SER A 2 -52.08 -38.19 -4.42
N SER A 3 -51.00 -37.70 -3.84
CA SER A 3 -51.09 -36.62 -2.87
C SER A 3 -49.70 -36.24 -2.37
N GLY A 4 -49.60 -35.03 -1.83
CA GLY A 4 -48.34 -34.55 -1.30
C GLY A 4 -47.71 -33.51 -2.25
N SER A 5 -47.11 -32.50 -1.65
CA SER A 5 -46.47 -31.45 -2.42
C SER A 5 -44.97 -31.42 -2.12
N SER A 6 -44.64 -31.22 -0.85
CA SER A 6 -43.26 -31.17 -0.44
C SER A 6 -43.17 -30.87 1.06
N GLY A 7 -43.73 -29.73 1.44
CA GLY A 7 -43.73 -29.32 2.83
C GLY A 7 -43.17 -27.91 2.98
N ARG A 8 -42.22 -27.77 3.89
CA ARG A 8 -41.59 -26.48 4.14
C ARG A 8 -40.44 -26.63 5.14
N ILE A 9 -39.29 -26.11 4.75
CA ILE A 9 -38.11 -26.18 5.60
C ILE A 9 -37.82 -24.80 6.18
N GLY A 10 -37.18 -23.97 5.38
CA GLY A 10 -36.85 -22.61 5.80
C GLY A 10 -35.66 -22.62 6.76
N ASP A 11 -34.67 -21.80 6.45
CA ASP A 11 -33.49 -21.70 7.27
C ASP A 11 -32.59 -20.59 6.74
N GLY A 12 -32.10 -19.77 7.66
CA GLY A 12 -31.22 -18.67 7.30
C GLY A 12 -30.21 -18.38 8.41
N SER A 13 -28.94 -18.51 8.06
CA SER A 13 -27.87 -18.26 9.01
C SER A 13 -26.52 -18.33 8.31
N PRO A 14 -25.95 -17.13 8.05
CA PRO A 14 -24.66 -17.03 7.38
C PRO A 14 -23.53 -17.40 8.33
N SER A 15 -23.56 -16.79 9.51
CA SER A 15 -22.54 -17.05 10.52
C SER A 15 -22.72 -16.09 11.69
N HIS A 16 -22.48 -14.81 11.42
CA HIS A 16 -22.60 -13.78 12.44
C HIS A 16 -22.51 -12.40 11.80
N PRO A 17 -23.11 -11.40 12.49
CA PRO A 17 -23.09 -10.04 12.00
C PRO A 17 -21.72 -9.39 12.18
N PRO A 18 -21.43 -8.38 11.32
CA PRO A 18 -20.15 -7.68 11.38
C PRO A 18 -20.12 -6.72 12.57
N ILE A 19 -18.90 -6.38 12.97
CA ILE A 19 -18.71 -5.48 14.09
C ILE A 19 -19.09 -4.05 13.66
N LEU A 20 -19.27 -3.20 14.66
CA LEU A 20 -19.64 -1.82 14.41
C LEU A 20 -18.46 -1.09 13.75
N GLU A 21 -18.11 0.05 14.34
CA GLU A 21 -17.01 0.84 13.84
C GLU A 21 -16.17 1.38 15.00
N ARG A 22 -15.03 1.96 14.65
CA ARG A 22 -14.14 2.53 15.65
C ARG A 22 -13.91 1.52 16.78
N THR A 23 -12.92 0.66 16.57
CA THR A 23 -12.60 -0.35 17.57
C THR A 23 -11.62 0.22 18.60
N LEU A 24 -10.42 0.52 18.13
CA LEU A 24 -9.40 1.06 19.00
C LEU A 24 -8.74 2.26 18.32
N ASP A 25 -8.93 3.42 18.93
CA ASP A 25 -8.37 4.66 18.40
C ASP A 25 -6.85 4.51 18.28
N ASP A 26 -6.36 4.63 17.05
CA ASP A 26 -4.95 4.51 16.79
C ASP A 26 -4.72 4.35 15.28
N VAL A 27 -3.55 4.79 14.84
CA VAL A 27 -3.20 4.70 13.43
C VAL A 27 -3.65 3.35 12.88
N PRO A 28 -3.78 3.30 11.53
CA PRO A 28 -4.21 2.07 10.87
C PRO A 28 -3.09 1.04 10.82
N GLY A 29 -3.43 -0.16 10.41
CA GLY A 29 -2.47 -1.24 10.32
C GLY A 29 -1.74 -1.21 8.97
N PRO A 30 -0.96 -2.31 8.73
CA PRO A 30 -0.22 -2.42 7.49
C PRO A 30 -1.14 -2.76 6.32
N PRO A 31 -0.91 -2.05 5.17
CA PRO A 31 -1.72 -2.27 3.99
C PRO A 31 -1.32 -3.57 3.29
N MET A 32 -2.24 -4.53 3.31
CA MET A 32 -2.00 -5.81 2.69
C MET A 32 -2.51 -5.83 1.25
N GLY A 33 -2.04 -6.82 0.50
CA GLY A 33 -2.44 -6.95 -0.89
C GLY A 33 -1.53 -6.14 -1.81
N ILE A 34 -0.24 -6.20 -1.52
CA ILE A 34 0.74 -5.47 -2.31
C ILE A 34 1.23 -6.36 -3.46
N LEU A 35 0.66 -6.11 -4.62
CA LEU A 35 1.04 -6.88 -5.81
C LEU A 35 1.49 -5.92 -6.91
N PHE A 36 2.38 -6.41 -7.75
CA PHE A 36 2.90 -5.63 -8.85
C PHE A 36 2.48 -6.21 -10.19
N PRO A 37 1.31 -5.72 -10.70
CA PRO A 37 0.79 -6.18 -11.97
C PRO A 37 1.58 -5.59 -13.14
N GLU A 38 1.75 -4.27 -13.07
CA GLU A 38 2.49 -3.57 -14.12
C GLU A 38 3.81 -3.03 -13.56
N VAL A 39 4.90 -3.54 -14.12
CA VAL A 39 6.22 -3.12 -13.70
C VAL A 39 7.14 -3.05 -14.92
N ARG A 40 7.82 -1.92 -15.06
CA ARG A 40 8.72 -1.72 -16.17
C ARG A 40 10.10 -1.25 -15.65
N THR A 41 10.94 -0.83 -16.59
CA THR A 41 12.27 -0.37 -16.25
C THR A 41 12.19 0.92 -15.43
N THR A 42 11.60 1.94 -16.04
CA THR A 42 11.45 3.22 -15.39
C THR A 42 9.99 3.64 -15.35
N SER A 43 9.13 2.66 -15.08
CA SER A 43 7.70 2.90 -15.02
C SER A 43 6.97 1.67 -14.50
N VAL A 44 6.70 1.67 -13.21
CA VAL A 44 6.01 0.55 -12.58
C VAL A 44 4.65 1.01 -12.08
N ARG A 45 3.88 0.05 -11.58
CA ARG A 45 2.55 0.35 -11.06
C ARG A 45 2.04 -0.82 -10.22
N LEU A 46 2.08 -0.62 -8.91
CA LEU A 46 1.62 -1.64 -7.98
C LEU A 46 0.22 -1.29 -7.48
N ILE A 47 -0.39 -2.25 -6.81
CA ILE A 47 -1.73 -2.05 -6.28
C ILE A 47 -1.81 -2.63 -4.86
N TRP A 48 -2.35 -1.84 -3.95
CA TRP A 48 -2.48 -2.26 -2.58
C TRP A 48 -3.96 -2.14 -2.18
N GLN A 49 -4.22 -2.43 -0.92
CA GLN A 49 -5.59 -2.36 -0.41
C GLN A 49 -5.59 -1.79 1.01
N PRO A 50 -6.80 -1.34 1.44
CA PRO A 50 -6.96 -0.78 2.77
C PRO A 50 -6.93 -1.87 3.84
N PRO A 51 -6.44 -1.47 5.05
CA PRO A 51 -6.37 -2.41 6.16
C PRO A 51 -7.74 -2.65 6.77
N ALA A 52 -8.15 -3.92 6.73
CA ALA A 52 -9.43 -4.31 7.28
C ALA A 52 -9.68 -3.55 8.59
N ALA A 53 -8.59 -3.24 9.26
CA ALA A 53 -8.68 -2.51 10.51
C ALA A 53 -7.99 -1.14 10.37
N PRO A 54 -8.78 -0.16 9.87
CA PRO A 54 -8.27 1.19 9.68
C PRO A 54 -8.14 1.92 11.01
N ASN A 55 -9.06 1.63 11.91
CA ASN A 55 -9.06 2.25 13.22
C ASN A 55 -8.66 3.72 13.08
N GLY A 56 -9.22 4.36 12.06
CA GLY A 56 -8.94 5.76 11.80
C GLY A 56 -9.42 6.18 10.41
N ILE A 57 -9.78 7.44 10.30
CA ILE A 57 -10.27 7.98 9.04
C ILE A 57 -9.08 8.25 8.11
N ILE A 58 -8.95 7.39 7.11
CA ILE A 58 -7.86 7.52 6.15
C ILE A 58 -7.95 8.90 5.49
N LEU A 59 -6.90 9.69 5.71
CA LEU A 59 -6.84 11.02 5.15
C LEU A 59 -6.04 10.98 3.84
N ALA A 60 -5.15 10.00 3.76
CA ALA A 60 -4.32 9.83 2.58
C ALA A 60 -3.34 8.68 2.80
N TYR A 61 -2.46 8.50 1.83
CA TYR A 61 -1.47 7.43 1.91
C TYR A 61 -0.09 7.95 1.53
N GLN A 62 0.90 7.07 1.67
CA GLN A 62 2.27 7.42 1.33
C GLN A 62 2.96 6.25 0.64
N ILE A 63 3.66 6.57 -0.44
CA ILE A 63 4.37 5.55 -1.21
C ILE A 63 5.83 5.97 -1.36
N THR A 64 6.69 5.23 -0.70
CA THR A 64 8.12 5.51 -0.74
C THR A 64 8.83 4.51 -1.66
N HIS A 65 9.61 5.05 -2.59
CA HIS A 65 10.35 4.20 -3.52
C HIS A 65 11.83 4.57 -3.47
N ARG A 66 12.66 3.56 -3.23
CA ARG A 66 14.09 3.77 -3.16
C ARG A 66 14.83 2.45 -3.38
N LEU A 67 15.86 2.50 -4.22
CA LEU A 67 16.65 1.33 -4.51
C LEU A 67 16.84 0.51 -3.23
N ASN A 68 16.56 -0.79 -3.34
CA ASN A 68 16.69 -1.68 -2.21
C ASN A 68 18.18 -1.84 -1.86
N THR A 69 19.02 -1.30 -2.73
CA THR A 69 20.46 -1.36 -2.53
C THR A 69 21.14 -0.16 -3.16
N THR A 70 21.28 0.90 -2.38
CA THR A 70 21.92 2.11 -2.84
C THR A 70 21.97 3.16 -1.73
N THR A 71 22.55 4.30 -2.05
CA THR A 71 22.67 5.38 -1.09
C THR A 71 22.41 6.73 -1.76
N ALA A 72 22.06 7.71 -0.93
CA ALA A 72 21.77 9.04 -1.43
C ALA A 72 21.62 10.00 -0.25
N ASN A 73 20.55 9.80 0.49
CA ASN A 73 20.27 10.64 1.65
C ASN A 73 18.87 10.34 2.17
N THR A 74 17.96 10.15 1.23
CA THR A 74 16.58 9.85 1.58
C THR A 74 15.89 9.09 0.44
N ALA A 75 14.57 9.01 0.53
CA ALA A 75 13.79 8.32 -0.48
C ALA A 75 12.66 9.25 -0.95
N THR A 76 12.55 9.35 -2.27
CA THR A 76 11.52 10.19 -2.87
C THR A 76 10.14 9.57 -2.65
N VAL A 77 9.54 9.92 -1.52
CA VAL A 77 8.22 9.41 -1.18
C VAL A 77 7.17 10.36 -1.72
N GLU A 78 5.96 9.83 -1.89
CA GLU A 78 4.85 10.61 -2.39
C GLU A 78 3.57 10.32 -1.61
N VAL A 79 2.86 11.38 -1.26
CA VAL A 79 1.63 11.23 -0.51
C VAL A 79 0.47 11.01 -1.49
N LEU A 80 -0.35 10.01 -1.17
CA LEU A 80 -1.49 9.68 -2.01
C LEU A 80 -2.79 9.98 -1.24
N ALA A 81 -3.89 9.88 -1.95
CA ALA A 81 -5.19 10.14 -1.36
C ALA A 81 -5.63 8.92 -0.55
N PRO A 82 -6.69 9.14 0.29
CA PRO A 82 -7.21 8.07 1.13
C PRO A 82 -8.02 7.07 0.29
N SER A 83 -8.13 7.38 -0.99
CA SER A 83 -8.88 6.53 -1.90
C SER A 83 -7.95 6.00 -3.00
N ALA A 84 -6.71 5.78 -2.63
CA ALA A 84 -5.72 5.28 -3.57
C ALA A 84 -5.48 3.79 -3.31
N ARG A 85 -5.77 2.99 -4.33
CA ARG A 85 -5.60 1.55 -4.23
C ARG A 85 -4.36 1.11 -5.02
N GLN A 86 -3.89 2.00 -5.87
CA GLN A 86 -2.72 1.72 -6.69
C GLN A 86 -1.97 3.01 -7.00
N TYR A 87 -0.71 2.86 -7.35
CA TYR A 87 0.13 4.00 -7.68
C TYR A 87 1.13 3.65 -8.79
N THR A 88 1.45 4.65 -9.59
CA THR A 88 2.38 4.46 -10.69
C THR A 88 3.69 5.21 -10.41
N ALA A 89 4.78 4.45 -10.44
CA ALA A 89 6.09 5.02 -10.19
C ALA A 89 6.82 5.22 -11.53
N THR A 90 7.37 6.41 -11.70
CA THR A 90 8.08 6.73 -12.92
C THR A 90 9.51 7.20 -12.59
N GLY A 91 10.41 6.96 -13.53
CA GLY A 91 11.80 7.34 -13.36
C GLY A 91 12.48 6.46 -12.32
N LEU A 92 12.43 5.17 -12.56
CA LEU A 92 13.04 4.21 -11.64
C LEU A 92 14.22 3.53 -12.34
N LYS A 93 15.23 3.22 -11.56
CA LYS A 93 16.42 2.57 -12.08
C LYS A 93 16.07 1.14 -12.50
N PRO A 94 16.34 0.83 -13.79
CA PRO A 94 16.06 -0.50 -14.32
C PRO A 94 17.09 -1.51 -13.82
N GLU A 95 16.74 -2.79 -13.97
CA GLU A 95 17.61 -3.86 -13.54
C GLU A 95 18.04 -3.65 -12.09
N SER A 96 17.11 -3.11 -11.31
CA SER A 96 17.38 -2.85 -9.90
C SER A 96 16.20 -3.33 -9.05
N VAL A 97 16.26 -3.00 -7.76
CA VAL A 97 15.22 -3.39 -6.84
C VAL A 97 14.70 -2.15 -6.12
N TYR A 98 13.39 -1.97 -6.17
CA TYR A 98 12.75 -0.84 -5.53
C TYR A 98 11.80 -1.30 -4.43
N LEU A 99 12.00 -0.73 -3.24
CA LEU A 99 11.17 -1.07 -2.09
C LEU A 99 10.03 -0.06 -1.98
N PHE A 100 8.82 -0.54 -2.24
CA PHE A 100 7.64 0.30 -2.18
C PHE A 100 6.99 0.21 -0.79
N ARG A 101 7.04 1.34 -0.08
CA ARG A 101 6.46 1.39 1.25
C ARG A 101 5.12 2.14 1.21
N ILE A 102 4.06 1.39 1.44
CA ILE A 102 2.72 1.96 1.42
C ILE A 102 2.27 2.23 2.86
N THR A 103 1.66 3.39 3.06
CA THR A 103 1.18 3.77 4.37
C THR A 103 -0.08 4.63 4.25
N ALA A 104 -0.82 4.69 5.34
CA ALA A 104 -2.06 5.46 5.38
C ALA A 104 -1.94 6.55 6.45
N GLN A 105 -2.46 7.72 6.12
CA GLN A 105 -2.43 8.84 7.04
C GLN A 105 -3.81 9.05 7.68
N THR A 106 -3.82 9.06 9.00
CA THR A 106 -5.06 9.25 9.73
C THR A 106 -4.94 10.44 10.69
N ARG A 107 -5.91 10.55 11.57
CA ARG A 107 -5.94 11.65 12.54
C ARG A 107 -4.89 11.40 13.62
N LYS A 108 -4.32 10.21 13.60
CA LYS A 108 -3.31 9.84 14.57
C LYS A 108 -1.92 10.05 13.96
N GLY A 109 -1.83 9.75 12.67
CA GLY A 109 -0.56 9.89 11.96
C GLY A 109 -0.41 8.81 10.89
N TRP A 110 0.80 8.29 10.80
CA TRP A 110 1.10 7.25 9.83
C TRP A 110 1.31 5.94 10.60
N GLY A 111 0.38 5.02 10.40
CA GLY A 111 0.45 3.72 11.06
C GLY A 111 1.46 2.81 10.36
N GLU A 112 1.19 1.51 10.43
CA GLU A 112 2.06 0.53 9.82
C GLU A 112 2.31 0.88 8.35
N ALA A 113 3.30 0.22 7.78
CA ALA A 113 3.65 0.46 6.39
C ALA A 113 4.01 -0.88 5.72
N ALA A 114 3.35 -1.14 4.60
CA ALA A 114 3.59 -2.37 3.87
C ALA A 114 4.74 -2.16 2.89
N GLU A 115 5.81 -2.92 3.10
CA GLU A 115 6.98 -2.82 2.25
C GLU A 115 6.96 -3.92 1.19
N ALA A 116 7.05 -3.50 -0.06
CA ALA A 116 7.03 -4.45 -1.16
C ALA A 116 8.16 -4.09 -2.14
N LEU A 117 9.01 -5.08 -2.39
CA LEU A 117 10.13 -4.89 -3.31
C LEU A 117 9.72 -5.28 -4.71
N VAL A 118 10.09 -4.45 -5.67
CA VAL A 118 9.76 -4.70 -7.06
C VAL A 118 10.97 -4.36 -7.94
N VAL A 119 11.38 -5.34 -8.74
CA VAL A 119 12.51 -5.16 -9.63
C VAL A 119 12.02 -4.59 -10.96
N THR A 120 12.80 -3.65 -11.48
CA THR A 120 12.46 -3.03 -12.74
C THR A 120 13.15 -3.75 -13.91
N THR A 121 12.32 -4.21 -14.84
CA THR A 121 12.82 -4.93 -15.99
C THR A 121 11.67 -5.25 -16.96
N GLU A 122 12.05 -5.69 -18.15
CA GLU A 122 11.07 -6.04 -19.17
C GLU A 122 10.61 -7.48 -18.98
N LYS A 123 11.58 -8.36 -18.76
CA LYS A 123 11.28 -9.78 -18.56
C LYS A 123 10.46 -9.94 -17.27
N ARG A 124 9.44 -10.78 -17.37
CA ARG A 124 8.58 -11.03 -16.23
C ARG A 124 7.71 -9.80 -15.92
N SER A 125 6.80 -9.97 -14.99
CA SER A 125 5.91 -8.89 -14.60
C SER A 125 5.04 -8.48 -15.77
N GLY A 126 3.99 -9.26 -16.00
CA GLY A 126 3.06 -8.99 -17.09
C GLY A 126 2.27 -10.23 -17.46
N PRO A 127 2.96 -11.18 -18.15
CA PRO A 127 2.33 -12.42 -18.58
C PRO A 127 2.16 -13.38 -17.39
N SER A 128 0.97 -13.35 -16.81
CA SER A 128 0.67 -14.20 -15.68
C SER A 128 1.71 -14.00 -14.59
N SER A 129 1.48 -14.66 -13.46
CA SER A 129 2.38 -14.57 -12.33
C SER A 129 2.69 -15.96 -11.78
N GLY A 130 1.64 -16.66 -11.40
CA GLY A 130 1.79 -18.00 -10.86
C GLY A 130 1.06 -18.13 -9.52
N GLY A 1 -13.80 -0.74 -40.97
CA GLY A 1 -13.41 -0.80 -39.58
C GLY A 1 -14.01 -2.01 -38.89
N SER A 2 -13.43 -2.35 -37.74
CA SER A 2 -13.91 -3.50 -36.98
C SER A 2 -13.05 -3.67 -35.72
N SER A 3 -13.70 -4.12 -34.66
CA SER A 3 -13.01 -4.35 -33.40
C SER A 3 -13.96 -5.00 -32.39
N GLY A 4 -13.38 -5.47 -31.30
CA GLY A 4 -14.15 -6.12 -30.26
C GLY A 4 -13.24 -6.70 -29.17
N SER A 5 -13.77 -6.77 -27.96
CA SER A 5 -13.02 -7.30 -26.84
C SER A 5 -13.89 -7.28 -25.57
N SER A 6 -13.46 -8.05 -24.59
CA SER A 6 -14.17 -8.13 -23.33
C SER A 6 -13.31 -8.81 -22.28
N GLY A 7 -13.70 -8.62 -21.02
CA GLY A 7 -12.97 -9.21 -19.91
C GLY A 7 -13.21 -8.42 -18.62
N ARG A 8 -13.03 -9.11 -17.50
CA ARG A 8 -13.22 -8.48 -16.21
C ARG A 8 -12.87 -9.47 -15.09
N ILE A 9 -11.68 -9.28 -14.53
CA ILE A 9 -11.20 -10.14 -13.46
C ILE A 9 -11.19 -9.35 -12.15
N GLY A 10 -11.68 -10.00 -11.10
CA GLY A 10 -11.72 -9.37 -9.79
C GLY A 10 -12.13 -10.38 -8.71
N ASP A 11 -11.71 -10.09 -7.49
CA ASP A 11 -12.03 -10.96 -6.37
C ASP A 11 -11.57 -10.30 -5.07
N GLY A 12 -12.11 -10.79 -3.96
CA GLY A 12 -11.76 -10.26 -2.66
C GLY A 12 -13.03 -10.01 -1.83
N SER A 13 -12.93 -10.34 -0.55
CA SER A 13 -14.05 -10.15 0.36
C SER A 13 -13.58 -10.30 1.81
N PRO A 14 -12.98 -9.19 2.33
CA PRO A 14 -12.47 -9.20 3.69
C PRO A 14 -13.63 -9.07 4.69
N SER A 15 -13.63 -10.00 5.64
CA SER A 15 -14.66 -10.01 6.66
C SER A 15 -14.07 -9.61 8.02
N HIS A 16 -13.14 -10.43 8.49
CA HIS A 16 -12.48 -10.17 9.76
C HIS A 16 -13.50 -10.31 10.89
N PRO A 17 -13.01 -10.83 12.05
CA PRO A 17 -13.86 -11.01 13.21
C PRO A 17 -14.16 -9.67 13.90
N PRO A 18 -15.27 -9.67 14.67
CA PRO A 18 -15.68 -8.46 15.38
C PRO A 18 -14.79 -8.22 16.59
N ILE A 19 -14.10 -7.08 16.57
CA ILE A 19 -13.22 -6.71 17.67
C ILE A 19 -14.00 -5.90 18.69
N LEU A 20 -13.67 -6.13 19.95
CA LEU A 20 -14.33 -5.42 21.04
C LEU A 20 -13.26 -4.86 21.99
N GLU A 21 -12.64 -3.78 21.56
CA GLU A 21 -11.62 -3.15 22.37
C GLU A 21 -10.99 -1.97 21.60
N ARG A 22 -11.66 -0.83 21.69
CA ARG A 22 -11.19 0.36 21.01
C ARG A 22 -11.55 1.61 21.81
N THR A 23 -10.67 1.96 22.74
CA THR A 23 -10.88 3.12 23.59
C THR A 23 -10.50 4.40 22.84
N LEU A 24 -9.20 4.64 22.76
CA LEU A 24 -8.69 5.81 22.09
C LEU A 24 -8.24 5.43 20.67
N ASP A 25 -8.56 6.30 19.72
CA ASP A 25 -8.20 6.07 18.34
C ASP A 25 -6.69 5.82 18.24
N ASP A 26 -6.28 5.34 17.08
CA ASP A 26 -4.87 5.06 16.84
C ASP A 26 -4.65 4.83 15.34
N VAL A 27 -3.42 5.07 14.93
CA VAL A 27 -3.06 4.90 13.53
C VAL A 27 -3.57 3.54 13.03
N PRO A 28 -3.69 3.43 11.68
CA PRO A 28 -4.17 2.19 11.08
C PRO A 28 -3.09 1.11 11.11
N GLY A 29 -3.35 0.03 10.39
CA GLY A 29 -2.42 -1.07 10.32
C GLY A 29 -1.69 -1.09 8.97
N PRO A 30 -0.93 -2.19 8.75
CA PRO A 30 -0.18 -2.35 7.52
C PRO A 30 -1.11 -2.71 6.36
N PRO A 31 -0.91 -2.00 5.21
CA PRO A 31 -1.72 -2.23 4.02
C PRO A 31 -1.31 -3.53 3.33
N MET A 32 -2.17 -4.53 3.46
CA MET A 32 -1.91 -5.82 2.84
C MET A 32 -2.46 -5.87 1.42
N GLY A 33 -1.95 -6.83 0.65
CA GLY A 33 -2.37 -6.99 -0.73
C GLY A 33 -1.52 -6.15 -1.68
N ILE A 34 -0.22 -6.19 -1.43
CA ILE A 34 0.72 -5.44 -2.25
C ILE A 34 1.22 -6.33 -3.40
N LEU A 35 0.68 -6.06 -4.58
CA LEU A 35 1.06 -6.83 -5.75
C LEU A 35 1.47 -5.87 -6.87
N PHE A 36 2.29 -6.38 -7.77
CA PHE A 36 2.77 -5.59 -8.89
C PHE A 36 2.33 -6.19 -10.23
N PRO A 37 1.16 -5.71 -10.73
CA PRO A 37 0.63 -6.19 -11.99
C PRO A 37 1.41 -5.63 -13.17
N GLU A 38 1.55 -4.30 -13.17
CA GLU A 38 2.27 -3.63 -14.23
C GLU A 38 3.51 -2.93 -13.67
N VAL A 39 4.67 -3.46 -14.04
CA VAL A 39 5.93 -2.88 -13.59
C VAL A 39 6.94 -2.91 -14.73
N ARG A 40 7.39 -1.72 -15.11
CA ARG A 40 8.36 -1.59 -16.19
C ARG A 40 9.71 -1.17 -15.63
N THR A 41 10.56 -0.68 -16.53
CA THR A 41 11.88 -0.23 -16.15
C THR A 41 11.80 1.02 -15.27
N THR A 42 11.80 2.16 -15.93
CA THR A 42 11.72 3.43 -15.24
C THR A 42 10.26 3.83 -15.02
N SER A 43 9.40 2.83 -15.00
CA SER A 43 7.98 3.05 -14.80
C SER A 43 7.30 1.76 -14.33
N VAL A 44 6.76 1.81 -13.13
CA VAL A 44 6.08 0.66 -12.56
C VAL A 44 4.72 1.09 -12.03
N ARG A 45 3.89 0.09 -11.73
CA ARG A 45 2.56 0.35 -11.22
C ARG A 45 2.10 -0.80 -10.32
N LEU A 46 2.12 -0.54 -9.03
CA LEU A 46 1.71 -1.56 -8.06
C LEU A 46 0.33 -1.18 -7.50
N ILE A 47 -0.25 -2.13 -6.77
CA ILE A 47 -1.56 -1.92 -6.18
C ILE A 47 -1.55 -2.44 -4.74
N TRP A 48 -2.43 -1.88 -3.93
CA TRP A 48 -2.54 -2.29 -2.54
C TRP A 48 -4.02 -2.22 -2.13
N GLN A 49 -4.27 -2.56 -0.89
CA GLN A 49 -5.63 -2.54 -0.36
C GLN A 49 -5.66 -1.93 1.03
N PRO A 50 -6.88 -1.53 1.47
CA PRO A 50 -7.05 -0.93 2.77
C PRO A 50 -6.98 -1.99 3.88
N PRO A 51 -6.49 -1.55 5.07
CA PRO A 51 -6.37 -2.45 6.20
C PRO A 51 -7.74 -2.74 6.83
N ALA A 52 -8.09 -4.01 6.84
CA ALA A 52 -9.37 -4.44 7.39
C ALA A 52 -9.61 -3.69 8.70
N ALA A 53 -8.52 -3.31 9.34
CA ALA A 53 -8.61 -2.58 10.61
C ALA A 53 -8.02 -1.19 10.43
N PRO A 54 -8.89 -0.25 9.97
CA PRO A 54 -8.46 1.12 9.75
C PRO A 54 -8.31 1.87 11.08
N ASN A 55 -9.14 1.49 12.04
CA ASN A 55 -9.10 2.10 13.35
C ASN A 55 -8.84 3.60 13.20
N GLY A 56 -9.42 4.16 12.15
CA GLY A 56 -9.26 5.59 11.89
C GLY A 56 -9.43 5.88 10.39
N ILE A 57 -10.26 6.87 10.12
CA ILE A 57 -10.52 7.27 8.74
C ILE A 57 -9.20 7.63 8.06
N ILE A 58 -9.02 7.12 6.86
CA ILE A 58 -7.81 7.38 6.10
C ILE A 58 -7.93 8.75 5.42
N LEU A 59 -6.88 9.55 5.59
CA LEU A 59 -6.86 10.88 5.01
C LEU A 59 -6.05 10.85 3.71
N ALA A 60 -5.20 9.84 3.61
CA ALA A 60 -4.36 9.68 2.43
C ALA A 60 -3.39 8.52 2.65
N TYR A 61 -2.46 8.38 1.72
CA TYR A 61 -1.48 7.31 1.80
C TYR A 61 -0.10 7.82 1.36
N GLN A 62 0.91 7.00 1.64
CA GLN A 62 2.27 7.34 1.29
C GLN A 62 2.96 6.16 0.61
N ILE A 63 3.66 6.46 -0.48
CA ILE A 63 4.37 5.44 -1.22
C ILE A 63 5.83 5.83 -1.37
N THR A 64 6.68 5.12 -0.65
CA THR A 64 8.11 5.39 -0.69
C THR A 64 8.83 4.33 -1.52
N HIS A 65 9.70 4.80 -2.39
CA HIS A 65 10.47 3.91 -3.25
C HIS A 65 11.94 4.29 -3.21
N ARG A 66 12.78 3.28 -3.06
CA ARG A 66 14.21 3.49 -3.01
C ARG A 66 14.96 2.17 -3.26
N LEU A 67 15.96 2.25 -4.12
CA LEU A 67 16.76 1.08 -4.46
C LEU A 67 16.96 0.23 -3.21
N ASN A 68 16.60 -1.04 -3.34
CA ASN A 68 16.75 -1.97 -2.22
C ASN A 68 18.23 -2.25 -1.98
N THR A 69 19.05 -1.71 -2.87
CA THR A 69 20.49 -1.90 -2.76
C THR A 69 21.23 -0.71 -3.37
N THR A 70 21.13 0.42 -2.68
CA THR A 70 21.77 1.65 -3.14
C THR A 70 21.36 2.83 -2.25
N THR A 71 20.13 2.78 -1.79
CA THR A 71 19.60 3.84 -0.94
C THR A 71 20.15 5.19 -1.38
N ALA A 72 20.15 6.13 -0.44
CA ALA A 72 20.63 7.47 -0.71
C ALA A 72 20.43 8.35 0.52
N ASN A 73 20.72 9.63 0.35
CA ASN A 73 20.57 10.58 1.43
C ASN A 73 19.13 10.53 1.97
N THR A 74 18.22 10.20 1.06
CA THR A 74 16.82 10.11 1.42
C THR A 74 16.06 9.26 0.40
N ALA A 75 14.74 9.25 0.55
CA ALA A 75 13.90 8.49 -0.36
C ALA A 75 12.79 9.39 -0.90
N THR A 76 12.58 9.31 -2.21
CA THR A 76 11.56 10.10 -2.86
C THR A 76 10.19 9.48 -2.68
N VAL A 77 9.56 9.79 -1.55
CA VAL A 77 8.24 9.26 -1.25
C VAL A 77 7.19 10.17 -1.86
N GLU A 78 6.00 9.59 -2.06
CA GLU A 78 4.90 10.34 -2.64
C GLU A 78 3.62 10.09 -1.84
N VAL A 79 2.90 11.18 -1.58
CA VAL A 79 1.66 11.09 -0.83
C VAL A 79 0.49 10.88 -1.79
N LEU A 80 -0.40 9.99 -1.42
CA LEU A 80 -1.56 9.69 -2.24
C LEU A 80 -2.84 10.02 -1.45
N ALA A 81 -3.96 9.95 -2.15
CA ALA A 81 -5.25 10.23 -1.54
C ALA A 81 -5.69 9.02 -0.71
N PRO A 82 -6.73 9.25 0.12
CA PRO A 82 -7.27 8.19 0.97
C PRO A 82 -8.08 7.19 0.14
N SER A 83 -8.31 7.55 -1.10
CA SER A 83 -9.07 6.69 -2.00
C SER A 83 -8.17 6.16 -3.11
N ALA A 84 -6.91 5.97 -2.76
CA ALA A 84 -5.93 5.47 -3.72
C ALA A 84 -5.73 3.97 -3.51
N ARG A 85 -5.94 3.23 -4.58
CA ARG A 85 -5.79 1.78 -4.53
C ARG A 85 -4.47 1.36 -5.17
N GLN A 86 -4.01 2.19 -6.10
CA GLN A 86 -2.76 1.92 -6.79
C GLN A 86 -2.02 3.23 -7.08
N TYR A 87 -0.73 3.08 -7.36
CA TYR A 87 0.11 4.23 -7.65
C TYR A 87 1.07 3.94 -8.80
N THR A 88 1.54 5.01 -9.43
CA THR A 88 2.47 4.87 -10.53
C THR A 88 3.83 5.48 -10.17
N ALA A 89 4.86 4.67 -10.30
CA ALA A 89 6.21 5.12 -9.98
C ALA A 89 6.98 5.34 -11.29
N THR A 90 7.33 6.59 -11.54
CA THR A 90 8.07 6.94 -12.74
C THR A 90 9.47 7.44 -12.38
N GLY A 91 10.39 7.25 -13.30
CA GLY A 91 11.76 7.68 -13.10
C GLY A 91 12.49 6.74 -12.14
N LEU A 92 12.53 5.47 -12.52
CA LEU A 92 13.19 4.47 -11.71
C LEU A 92 14.34 3.85 -12.50
N LYS A 93 15.33 3.36 -11.76
CA LYS A 93 16.48 2.75 -12.38
C LYS A 93 16.17 1.28 -12.70
N PRO A 94 16.36 0.93 -14.01
CA PRO A 94 16.09 -0.43 -14.45
C PRO A 94 17.19 -1.38 -13.99
N GLU A 95 16.87 -2.67 -14.02
CA GLU A 95 17.82 -3.69 -13.61
C GLU A 95 18.19 -3.51 -12.14
N SER A 96 17.19 -3.15 -11.35
CA SER A 96 17.39 -2.94 -9.93
C SER A 96 16.14 -3.36 -9.15
N VAL A 97 16.19 -3.13 -7.85
CA VAL A 97 15.06 -3.48 -6.99
C VAL A 97 14.64 -2.24 -6.19
N TYR A 98 13.34 -1.97 -6.24
CA TYR A 98 12.79 -0.82 -5.54
C TYR A 98 11.85 -1.27 -4.42
N LEU A 99 12.10 -0.75 -3.23
CA LEU A 99 11.29 -1.09 -2.07
C LEU A 99 10.12 -0.10 -1.97
N PHE A 100 8.93 -0.60 -2.23
CA PHE A 100 7.74 0.23 -2.17
C PHE A 100 7.07 0.13 -0.79
N ARG A 101 7.11 1.25 -0.07
CA ARG A 101 6.52 1.30 1.25
C ARG A 101 5.19 2.05 1.21
N ILE A 102 4.11 1.31 1.45
CA ILE A 102 2.78 1.90 1.45
C ILE A 102 2.34 2.18 2.88
N THR A 103 1.72 3.33 3.07
CA THR A 103 1.25 3.73 4.38
C THR A 103 -0.01 4.59 4.26
N ALA A 104 -0.74 4.66 5.36
CA ALA A 104 -1.98 5.43 5.39
C ALA A 104 -1.82 6.60 6.37
N GLN A 105 -2.56 7.66 6.10
CA GLN A 105 -2.51 8.85 6.94
C GLN A 105 -3.86 9.05 7.64
N THR A 106 -3.79 9.12 8.96
CA THR A 106 -4.99 9.31 9.76
C THR A 106 -4.84 10.54 10.65
N ARG A 107 -5.77 10.67 11.59
CA ARG A 107 -5.76 11.79 12.51
C ARG A 107 -4.73 11.56 13.61
N LYS A 108 -4.03 10.44 13.51
CA LYS A 108 -3.02 10.08 14.48
C LYS A 108 -1.64 10.22 13.85
N GLY A 109 -1.59 9.97 12.55
CA GLY A 109 -0.34 10.07 11.81
C GLY A 109 -0.24 8.96 10.76
N TRP A 110 0.93 8.35 10.70
CA TRP A 110 1.17 7.29 9.74
C TRP A 110 1.39 5.98 10.52
N GLY A 111 0.43 5.07 10.37
CA GLY A 111 0.51 3.79 11.05
C GLY A 111 1.48 2.85 10.35
N GLU A 112 1.22 1.55 10.51
CA GLU A 112 2.07 0.55 9.89
C GLU A 112 2.32 0.89 8.42
N ALA A 113 3.28 0.19 7.84
CA ALA A 113 3.62 0.40 6.45
C ALA A 113 3.93 -0.94 5.78
N ALA A 114 3.37 -1.12 4.59
CA ALA A 114 3.56 -2.35 3.85
C ALA A 114 4.73 -2.17 2.87
N GLU A 115 5.75 -2.99 3.07
CA GLU A 115 6.93 -2.93 2.22
C GLU A 115 6.84 -4.01 1.13
N ALA A 116 6.99 -3.55 -0.11
CA ALA A 116 6.94 -4.46 -1.25
C ALA A 116 8.07 -4.12 -2.21
N LEU A 117 8.83 -5.16 -2.57
CA LEU A 117 9.95 -4.98 -3.47
C LEU A 117 9.49 -5.28 -4.90
N VAL A 118 9.99 -4.50 -5.83
CA VAL A 118 9.65 -4.66 -7.23
C VAL A 118 10.85 -4.30 -8.10
N VAL A 119 11.28 -5.27 -8.90
CA VAL A 119 12.42 -5.06 -9.77
C VAL A 119 11.94 -4.38 -11.06
N THR A 120 12.83 -3.56 -11.61
CA THR A 120 12.51 -2.83 -12.84
C THR A 120 13.11 -3.56 -14.05
N THR A 121 12.23 -4.01 -14.92
CA THR A 121 12.66 -4.72 -16.12
C THR A 121 11.45 -5.09 -16.98
N GLU A 122 11.75 -5.58 -18.18
CA GLU A 122 10.69 -5.97 -19.10
C GLU A 122 10.37 -7.46 -18.93
N LYS A 123 11.32 -8.17 -18.34
CA LYS A 123 11.14 -9.60 -18.12
C LYS A 123 10.35 -9.81 -16.83
N ARG A 124 9.81 -11.01 -16.68
CA ARG A 124 9.03 -11.35 -15.50
C ARG A 124 9.54 -12.65 -14.89
N SER A 125 9.25 -12.83 -13.60
CA SER A 125 9.67 -14.01 -12.88
C SER A 125 8.52 -14.55 -12.05
N GLY A 126 8.74 -15.73 -11.48
CA GLY A 126 7.73 -16.36 -10.65
C GLY A 126 8.37 -17.34 -9.66
N PRO A 127 7.65 -17.56 -8.53
CA PRO A 127 8.14 -18.45 -7.49
C PRO A 127 7.96 -19.92 -7.91
N SER A 128 8.96 -20.72 -7.58
CA SER A 128 8.92 -22.13 -7.92
C SER A 128 9.86 -22.92 -7.00
N SER A 129 9.33 -23.28 -5.84
CA SER A 129 10.10 -24.04 -4.87
C SER A 129 11.12 -23.12 -4.19
N GLY A 130 11.98 -22.53 -5.02
CA GLY A 130 13.00 -21.63 -4.51
C GLY A 130 14.36 -21.94 -5.13
N GLY A 1 -57.10 32.01 -13.03
CA GLY A 1 -56.14 31.44 -13.96
C GLY A 1 -56.74 30.23 -14.68
N SER A 2 -55.92 29.63 -15.54
CA SER A 2 -56.34 28.48 -16.30
C SER A 2 -55.20 27.97 -17.17
N SER A 3 -55.19 26.66 -17.39
CA SER A 3 -54.15 26.04 -18.21
C SER A 3 -54.36 24.53 -18.25
N GLY A 4 -53.60 23.89 -19.13
CA GLY A 4 -53.70 22.45 -19.28
C GLY A 4 -52.33 21.85 -19.66
N SER A 5 -52.16 20.58 -19.30
CA SER A 5 -50.92 19.89 -19.60
C SER A 5 -50.98 18.46 -19.07
N SER A 6 -50.02 17.66 -19.50
CA SER A 6 -49.95 16.27 -19.07
C SER A 6 -48.54 15.71 -19.31
N GLY A 7 -48.27 14.61 -18.65
CA GLY A 7 -46.96 13.97 -18.78
C GLY A 7 -46.27 13.87 -17.43
N ARG A 8 -44.98 14.20 -17.43
CA ARG A 8 -44.19 14.16 -16.22
C ARG A 8 -44.33 12.80 -15.53
N ILE A 9 -43.46 11.88 -15.92
CA ILE A 9 -43.48 10.54 -15.35
C ILE A 9 -42.10 10.23 -14.75
N GLY A 10 -42.07 9.16 -13.97
CA GLY A 10 -40.84 8.74 -13.34
C GLY A 10 -40.91 8.93 -11.81
N ASP A 11 -40.53 7.89 -11.10
CA ASP A 11 -40.54 7.92 -9.65
C ASP A 11 -40.01 6.60 -9.11
N GLY A 12 -39.19 6.70 -8.07
CA GLY A 12 -38.61 5.52 -7.45
C GLY A 12 -37.08 5.53 -7.57
N SER A 13 -36.43 5.38 -6.43
CA SER A 13 -34.97 5.37 -6.40
C SER A 13 -34.49 5.19 -4.96
N PRO A 14 -34.39 3.89 -4.55
CA PRO A 14 -33.95 3.57 -3.20
C PRO A 14 -32.44 3.74 -3.08
N SER A 15 -31.96 3.66 -1.84
CA SER A 15 -30.54 3.82 -1.57
C SER A 15 -30.30 3.84 -0.06
N HIS A 16 -29.05 3.57 0.31
CA HIS A 16 -28.68 3.57 1.71
C HIS A 16 -27.28 4.17 1.88
N PRO A 17 -27.08 4.85 3.04
CA PRO A 17 -25.79 5.46 3.32
C PRO A 17 -24.75 4.42 3.71
N PRO A 18 -23.48 4.69 3.31
CA PRO A 18 -22.38 3.78 3.61
C PRO A 18 -21.98 3.88 5.08
N ILE A 19 -21.31 2.84 5.55
CA ILE A 19 -20.86 2.80 6.93
C ILE A 19 -19.61 3.67 7.07
N LEU A 20 -19.63 4.51 8.09
CA LEU A 20 -18.51 5.40 8.35
C LEU A 20 -18.65 6.00 9.75
N GLU A 21 -17.81 5.51 10.66
CA GLU A 21 -17.84 5.98 12.03
C GLU A 21 -16.84 5.19 12.88
N ARG A 22 -15.67 5.81 13.08
CA ARG A 22 -14.63 5.17 13.87
C ARG A 22 -14.44 5.91 15.20
N THR A 23 -14.99 5.31 16.24
CA THR A 23 -14.90 5.90 17.57
C THR A 23 -13.46 5.85 18.08
N LEU A 24 -12.86 4.69 17.94
CA LEU A 24 -11.48 4.50 18.37
C LEU A 24 -10.61 5.59 17.76
N ASP A 25 -9.52 5.90 18.45
CA ASP A 25 -8.60 6.92 17.99
C ASP A 25 -7.18 6.35 17.94
N ASP A 26 -6.75 6.02 16.73
CA ASP A 26 -5.42 5.47 16.54
C ASP A 26 -5.10 5.43 15.04
N VAL A 27 -3.91 4.94 14.73
CA VAL A 27 -3.48 4.85 13.35
C VAL A 27 -3.89 3.49 12.77
N PRO A 28 -3.92 3.42 11.42
CA PRO A 28 -4.29 2.19 10.74
C PRO A 28 -3.15 1.16 10.80
N GLY A 29 -3.42 0.00 10.22
CA GLY A 29 -2.44 -1.06 10.21
C GLY A 29 -1.70 -1.12 8.87
N PRO A 30 -0.95 -2.23 8.66
CA PRO A 30 -0.20 -2.41 7.44
C PRO A 30 -1.12 -2.77 6.27
N PRO A 31 -0.90 -2.08 5.12
CA PRO A 31 -1.70 -2.33 3.93
C PRO A 31 -1.32 -3.65 3.26
N MET A 32 -2.19 -4.63 3.42
CA MET A 32 -1.94 -5.94 2.84
C MET A 32 -2.48 -6.01 1.40
N GLY A 33 -1.96 -6.98 0.66
CA GLY A 33 -2.38 -7.16 -0.72
C GLY A 33 -1.51 -6.33 -1.67
N ILE A 34 -0.21 -6.39 -1.42
CA ILE A 34 0.74 -5.64 -2.25
C ILE A 34 1.22 -6.54 -3.39
N LEU A 35 0.88 -6.12 -4.61
CA LEU A 35 1.27 -6.87 -5.78
C LEU A 35 1.67 -5.89 -6.89
N PHE A 36 2.46 -6.40 -7.83
CA PHE A 36 2.92 -5.58 -8.94
C PHE A 36 2.49 -6.19 -10.28
N PRO A 37 1.32 -5.71 -10.78
CA PRO A 37 0.79 -6.20 -12.04
C PRO A 37 1.57 -5.61 -13.22
N GLU A 38 1.74 -4.30 -13.20
CA GLU A 38 2.45 -3.62 -14.25
C GLU A 38 3.69 -2.92 -13.68
N VAL A 39 4.85 -3.44 -14.06
CA VAL A 39 6.10 -2.87 -13.60
C VAL A 39 7.12 -2.88 -14.76
N ARG A 40 7.48 -1.68 -15.17
CA ARG A 40 8.44 -1.54 -16.27
C ARG A 40 9.82 -1.18 -15.71
N THR A 41 10.66 -0.67 -16.59
CA THR A 41 12.02 -0.29 -16.21
C THR A 41 12.00 1.01 -15.42
N THR A 42 11.94 2.11 -16.16
CA THR A 42 11.91 3.43 -15.54
C THR A 42 10.48 3.84 -15.19
N SER A 43 9.63 2.82 -15.05
CA SER A 43 8.23 3.07 -14.73
C SER A 43 7.57 1.77 -14.29
N VAL A 44 6.91 1.84 -13.13
CA VAL A 44 6.24 0.67 -12.58
C VAL A 44 4.88 1.09 -12.04
N ARG A 45 4.07 0.09 -11.72
CA ARG A 45 2.74 0.35 -11.19
C ARG A 45 2.29 -0.81 -10.30
N LEU A 46 2.24 -0.55 -9.00
CA LEU A 46 1.83 -1.56 -8.04
C LEU A 46 0.46 -1.21 -7.49
N ILE A 47 -0.13 -2.15 -6.77
CA ILE A 47 -1.43 -1.96 -6.18
C ILE A 47 -1.42 -2.45 -4.73
N TRP A 48 -2.44 -2.06 -3.99
CA TRP A 48 -2.56 -2.46 -2.60
C TRP A 48 -4.03 -2.31 -2.19
N GLN A 49 -4.30 -2.68 -0.94
CA GLN A 49 -5.65 -2.59 -0.42
C GLN A 49 -5.63 -1.97 0.99
N PRO A 50 -6.83 -1.52 1.43
CA PRO A 50 -6.96 -0.90 2.74
C PRO A 50 -6.93 -1.97 3.84
N PRO A 51 -6.48 -1.53 5.04
CA PRO A 51 -6.39 -2.43 6.18
C PRO A 51 -7.77 -2.70 6.77
N ALA A 52 -8.10 -3.98 6.86
CA ALA A 52 -9.38 -4.39 7.40
C ALA A 52 -9.64 -3.64 8.71
N ALA A 53 -8.55 -3.29 9.37
CA ALA A 53 -8.64 -2.57 10.64
C ALA A 53 -7.98 -1.19 10.49
N PRO A 54 -8.79 -0.23 9.99
CA PRO A 54 -8.30 1.12 9.78
C PRO A 54 -8.19 1.87 11.12
N ASN A 55 -9.14 1.59 12.00
CA ASN A 55 -9.16 2.21 13.31
C ASN A 55 -8.82 3.70 13.16
N GLY A 56 -9.44 4.32 12.17
CA GLY A 56 -9.21 5.73 11.91
C GLY A 56 -9.41 6.06 10.43
N ILE A 57 -10.24 7.06 10.18
CA ILE A 57 -10.51 7.47 8.81
C ILE A 57 -9.19 7.83 8.12
N ILE A 58 -9.01 7.27 6.93
CA ILE A 58 -7.81 7.52 6.15
C ILE A 58 -7.91 8.89 5.49
N LEU A 59 -6.87 9.69 5.66
CA LEU A 59 -6.83 11.02 5.08
C LEU A 59 -6.05 10.97 3.77
N ALA A 60 -5.17 9.99 3.67
CA ALA A 60 -4.35 9.82 2.48
C ALA A 60 -3.42 8.61 2.67
N TYR A 61 -2.41 8.57 1.82
CA TYR A 61 -1.44 7.48 1.88
C TYR A 61 -0.06 7.96 1.44
N GLN A 62 0.92 7.09 1.63
CA GLN A 62 2.29 7.40 1.27
C GLN A 62 2.96 6.19 0.60
N ILE A 63 3.61 6.46 -0.53
CA ILE A 63 4.30 5.41 -1.27
C ILE A 63 5.76 5.80 -1.47
N THR A 64 6.63 5.12 -0.75
CA THR A 64 8.05 5.38 -0.84
C THR A 64 8.73 4.38 -1.77
N HIS A 65 9.90 4.75 -2.26
CA HIS A 65 10.64 3.88 -3.15
C HIS A 65 12.14 4.26 -3.10
N ARG A 66 12.97 3.24 -2.94
CA ARG A 66 14.40 3.45 -2.88
C ARG A 66 15.13 2.13 -3.14
N LEU A 67 16.11 2.20 -4.03
CA LEU A 67 16.90 1.03 -4.38
C LEU A 67 17.12 0.18 -3.13
N ASN A 68 16.63 -1.05 -3.19
CA ASN A 68 16.77 -1.97 -2.07
C ASN A 68 18.24 -2.00 -1.63
N THR A 69 19.11 -1.59 -2.54
CA THR A 69 20.53 -1.57 -2.26
C THR A 69 21.20 -0.42 -3.00
N THR A 70 22.24 -0.76 -3.74
CA THR A 70 22.98 0.23 -4.51
C THR A 70 23.28 1.46 -3.64
N THR A 71 23.83 2.47 -4.28
CA THR A 71 24.17 3.70 -3.58
C THR A 71 22.89 4.44 -3.17
N ALA A 72 22.47 4.17 -1.95
CA ALA A 72 21.26 4.80 -1.42
C ALA A 72 21.41 6.31 -1.50
N ASN A 73 20.28 6.98 -1.64
CA ASN A 73 20.27 8.43 -1.73
C ASN A 73 18.84 8.95 -1.53
N THR A 74 18.54 9.27 -0.27
CA THR A 74 17.21 9.78 0.06
C THR A 74 16.13 8.86 -0.51
N ALA A 75 14.90 9.15 -0.13
CA ALA A 75 13.78 8.36 -0.60
C ALA A 75 12.69 9.29 -1.15
N THR A 76 12.35 9.07 -2.41
CA THR A 76 11.34 9.87 -3.07
C THR A 76 9.95 9.29 -2.82
N VAL A 77 9.36 9.69 -1.71
CA VAL A 77 8.04 9.23 -1.35
C VAL A 77 6.99 10.20 -1.88
N GLU A 78 5.79 9.67 -2.12
CA GLU A 78 4.70 10.49 -2.63
C GLU A 78 3.43 10.24 -1.81
N VAL A 79 2.75 11.33 -1.49
CA VAL A 79 1.52 11.25 -0.72
C VAL A 79 0.35 10.98 -1.67
N LEU A 80 -0.45 10.00 -1.30
CA LEU A 80 -1.61 9.64 -2.11
C LEU A 80 -2.89 9.95 -1.32
N ALA A 81 -4.01 9.86 -2.02
CA ALA A 81 -5.30 10.13 -1.41
C ALA A 81 -5.74 8.91 -0.59
N PRO A 82 -6.78 9.13 0.26
CA PRO A 82 -7.29 8.07 1.11
C PRO A 82 -8.13 7.08 0.29
N SER A 83 -8.25 7.38 -1.00
CA SER A 83 -9.01 6.53 -1.89
C SER A 83 -8.13 6.03 -3.03
N ALA A 84 -6.87 5.78 -2.68
CA ALA A 84 -5.92 5.30 -3.66
C ALA A 84 -5.69 3.79 -3.46
N ARG A 85 -5.85 3.04 -4.53
CA ARG A 85 -5.67 1.61 -4.48
C ARG A 85 -4.35 1.22 -5.15
N GLN A 86 -3.93 2.04 -6.10
CA GLN A 86 -2.70 1.79 -6.82
C GLN A 86 -1.97 3.11 -7.10
N TYR A 87 -0.70 2.99 -7.41
CA TYR A 87 0.12 4.16 -7.70
C TYR A 87 1.13 3.87 -8.82
N THR A 88 1.46 4.92 -9.56
CA THR A 88 2.40 4.79 -10.66
C THR A 88 3.73 5.44 -10.30
N ALA A 89 4.79 4.65 -10.41
CA ALA A 89 6.12 5.13 -10.11
C ALA A 89 6.90 5.34 -11.41
N THR A 90 7.28 6.59 -11.63
CA THR A 90 8.03 6.94 -12.84
C THR A 90 9.41 7.49 -12.46
N GLY A 91 10.34 7.34 -13.39
CA GLY A 91 11.69 7.82 -13.18
C GLY A 91 12.46 6.90 -12.22
N LEU A 92 12.54 5.63 -12.60
CA LEU A 92 13.23 4.66 -11.79
C LEU A 92 14.40 4.06 -12.58
N LYS A 93 15.29 3.40 -11.86
CA LYS A 93 16.46 2.80 -12.49
C LYS A 93 16.14 1.33 -12.83
N PRO A 94 16.39 0.98 -14.12
CA PRO A 94 16.13 -0.37 -14.58
C PRO A 94 17.19 -1.35 -14.07
N GLU A 95 16.86 -2.63 -14.12
CA GLU A 95 17.77 -3.66 -13.66
C GLU A 95 18.14 -3.42 -12.19
N SER A 96 17.13 -3.10 -11.40
CA SER A 96 17.34 -2.84 -9.99
C SER A 96 16.09 -3.20 -9.19
N VAL A 97 16.24 -3.26 -7.88
CA VAL A 97 15.13 -3.59 -7.00
C VAL A 97 14.71 -2.34 -6.23
N TYR A 98 13.41 -2.06 -6.28
CA TYR A 98 12.87 -0.91 -5.59
C TYR A 98 11.93 -1.33 -4.46
N LEU A 99 12.23 -0.87 -3.25
CA LEU A 99 11.43 -1.19 -2.10
C LEU A 99 10.27 -0.20 -1.99
N PHE A 100 9.07 -0.70 -2.26
CA PHE A 100 7.88 0.14 -2.20
C PHE A 100 7.21 0.04 -0.82
N ARG A 101 7.23 1.16 -0.12
CA ARG A 101 6.63 1.22 1.21
C ARG A 101 5.30 1.97 1.15
N ILE A 102 4.22 1.25 1.41
CA ILE A 102 2.90 1.83 1.39
C ILE A 102 2.46 2.14 2.83
N THR A 103 1.85 3.30 2.99
CA THR A 103 1.38 3.72 4.31
C THR A 103 0.13 4.59 4.16
N ALA A 104 -0.61 4.68 5.27
CA ALA A 104 -1.83 5.46 5.29
C ALA A 104 -1.66 6.64 6.26
N GLN A 105 -2.49 7.66 6.05
CA GLN A 105 -2.44 8.84 6.89
C GLN A 105 -3.79 9.04 7.60
N THR A 106 -3.71 9.15 8.92
CA THR A 106 -4.91 9.34 9.72
C THR A 106 -4.77 10.60 10.59
N ARG A 107 -5.73 10.76 11.48
CA ARG A 107 -5.73 11.92 12.37
C ARG A 107 -4.77 11.68 13.54
N LYS A 108 -4.08 10.54 13.49
CA LYS A 108 -3.14 10.19 14.53
C LYS A 108 -1.72 10.23 13.96
N GLY A 109 -1.63 9.97 12.66
CA GLY A 109 -0.35 9.96 11.97
C GLY A 109 -0.30 8.87 10.91
N TRP A 110 0.87 8.28 10.76
CA TRP A 110 1.07 7.23 9.77
C TRP A 110 1.23 5.91 10.53
N GLY A 111 0.30 4.99 10.26
CA GLY A 111 0.33 3.69 10.90
C GLY A 111 1.38 2.79 10.26
N GLU A 112 1.12 1.49 10.34
CA GLU A 112 2.03 0.50 9.77
C GLU A 112 2.32 0.85 8.30
N ALA A 113 3.26 0.10 7.74
CA ALA A 113 3.64 0.32 6.36
C ALA A 113 3.97 -1.03 5.71
N ALA A 114 3.38 -1.25 4.54
CA ALA A 114 3.60 -2.49 3.81
C ALA A 114 4.77 -2.31 2.84
N GLU A 115 5.81 -3.10 3.06
CA GLU A 115 6.98 -3.04 2.21
C GLU A 115 6.90 -4.10 1.11
N ALA A 116 7.08 -3.65 -0.13
CA ALA A 116 7.02 -4.54 -1.27
C ALA A 116 8.18 -4.21 -2.21
N LEU A 117 8.94 -5.24 -2.55
CA LEU A 117 10.08 -5.08 -3.45
C LEU A 117 9.64 -5.39 -4.88
N VAL A 118 10.09 -4.56 -5.80
CA VAL A 118 9.75 -4.73 -7.21
C VAL A 118 10.95 -4.36 -8.07
N VAL A 119 11.37 -5.31 -8.89
CA VAL A 119 12.51 -5.09 -9.77
C VAL A 119 12.05 -4.31 -11.00
N THR A 120 12.98 -3.50 -11.52
CA THR A 120 12.69 -2.69 -12.69
C THR A 120 13.15 -3.42 -13.96
N THR A 121 12.16 -3.91 -14.71
CA THR A 121 12.44 -4.62 -15.95
C THR A 121 11.14 -4.95 -16.67
N GLU A 122 11.30 -5.56 -17.84
CA GLU A 122 10.15 -5.94 -18.65
C GLU A 122 9.68 -7.35 -18.27
N LYS A 123 10.64 -8.20 -17.97
CA LYS A 123 10.34 -9.57 -17.59
C LYS A 123 9.65 -9.57 -16.23
N ARG A 124 9.29 -10.77 -15.79
CA ARG A 124 8.62 -10.92 -14.51
C ARG A 124 7.27 -10.21 -14.52
N SER A 125 6.32 -10.78 -13.78
CA SER A 125 5.00 -10.21 -13.71
C SER A 125 4.21 -10.85 -12.56
N GLY A 126 4.32 -10.23 -11.39
CA GLY A 126 3.63 -10.74 -10.22
C GLY A 126 2.21 -11.21 -10.57
N PRO A 127 2.09 -12.56 -10.70
CA PRO A 127 0.81 -13.16 -11.04
C PRO A 127 -0.12 -13.16 -9.82
N SER A 128 -1.33 -13.65 -10.05
CA SER A 128 -2.33 -13.71 -8.99
C SER A 128 -3.08 -15.05 -9.05
N SER A 129 -3.71 -15.39 -7.94
CA SER A 129 -4.45 -16.62 -7.84
C SER A 129 -5.11 -16.74 -6.46
N GLY A 130 -6.13 -17.59 -6.39
CA GLY A 130 -6.84 -17.80 -5.14
C GLY A 130 -6.42 -19.12 -4.49
N GLY A 1 32.40 2.18 21.36
CA GLY A 1 32.26 1.97 19.93
C GLY A 1 31.88 0.52 19.62
N SER A 2 30.82 0.37 18.83
CA SER A 2 30.34 -0.95 18.47
C SER A 2 29.35 -0.84 17.30
N SER A 3 29.50 -1.75 16.35
CA SER A 3 28.63 -1.76 15.18
C SER A 3 29.00 -2.93 14.26
N GLY A 4 28.02 -3.39 13.51
CA GLY A 4 28.23 -4.48 12.59
C GLY A 4 27.19 -5.59 12.81
N SER A 5 26.33 -5.76 11.81
CA SER A 5 25.30 -6.78 11.88
C SER A 5 24.42 -6.71 10.63
N SER A 6 24.75 -7.58 9.67
CA SER A 6 24.01 -7.63 8.42
C SER A 6 23.77 -9.08 8.02
N GLY A 7 22.66 -9.30 7.33
CA GLY A 7 22.31 -10.63 6.89
C GLY A 7 21.81 -10.61 5.44
N ARG A 8 21.55 -11.81 4.92
CA ARG A 8 21.08 -11.94 3.55
C ARG A 8 19.89 -12.89 3.49
N ILE A 9 18.98 -12.60 2.57
CA ILE A 9 17.79 -13.43 2.39
C ILE A 9 16.93 -13.33 3.66
N GLY A 10 15.73 -12.81 3.47
CA GLY A 10 14.80 -12.66 4.59
C GLY A 10 13.53 -11.94 4.14
N ASP A 11 12.64 -12.70 3.52
CA ASP A 11 11.38 -12.17 3.04
C ASP A 11 10.39 -12.09 4.20
N GLY A 12 9.48 -11.14 4.09
CA GLY A 12 8.47 -10.95 5.12
C GLY A 12 7.18 -11.70 4.78
N SER A 13 6.36 -11.90 5.79
CA SER A 13 5.09 -12.60 5.61
C SER A 13 4.01 -11.96 6.48
N PRO A 14 3.26 -11.00 5.85
CA PRO A 14 2.20 -10.31 6.55
C PRO A 14 0.97 -11.20 6.71
N SER A 15 0.14 -10.85 7.67
CA SER A 15 -1.07 -11.61 7.93
C SER A 15 -2.28 -10.68 8.01
N HIS A 16 -3.46 -11.28 7.93
CA HIS A 16 -4.69 -10.51 7.99
C HIS A 16 -4.97 -10.09 9.44
N PRO A 17 -5.40 -8.81 9.59
CA PRO A 17 -5.71 -8.28 10.91
C PRO A 17 -7.04 -8.82 11.43
N PRO A 18 -7.14 -8.90 12.78
CA PRO A 18 -8.35 -9.41 13.41
C PRO A 18 -9.46 -8.36 13.36
N ILE A 19 -10.51 -8.70 12.63
CA ILE A 19 -11.65 -7.81 12.50
C ILE A 19 -11.94 -7.15 13.85
N LEU A 20 -12.18 -5.85 13.80
CA LEU A 20 -12.47 -5.09 15.00
C LEU A 20 -12.79 -3.64 14.62
N GLU A 21 -14.05 -3.28 14.79
CA GLU A 21 -14.50 -1.94 14.47
C GLU A 21 -13.57 -0.90 15.13
N ARG A 22 -13.79 0.35 14.76
CA ARG A 22 -12.99 1.43 15.30
C ARG A 22 -13.45 1.79 16.71
N THR A 23 -13.03 0.96 17.66
CA THR A 23 -13.39 1.18 19.05
C THR A 23 -12.43 2.17 19.72
N LEU A 24 -11.16 1.82 19.67
CA LEU A 24 -10.13 2.66 20.26
C LEU A 24 -9.57 3.60 19.19
N ASP A 25 -8.75 4.54 19.64
CA ASP A 25 -8.14 5.50 18.73
C ASP A 25 -6.65 5.19 18.60
N ASP A 26 -6.20 5.08 17.36
CA ASP A 26 -4.80 4.79 17.08
C ASP A 26 -4.61 4.65 15.58
N VAL A 27 -3.37 4.89 15.16
CA VAL A 27 -3.04 4.80 13.74
C VAL A 27 -3.59 3.49 13.18
N PRO A 28 -3.74 3.45 11.83
CA PRO A 28 -4.25 2.27 11.16
C PRO A 28 -3.20 1.16 11.11
N GLY A 29 -3.54 0.09 10.40
CA GLY A 29 -2.62 -1.03 10.27
C GLY A 29 -1.90 -0.99 8.91
N PRO A 30 -1.09 -2.05 8.67
CA PRO A 30 -0.34 -2.14 7.44
C PRO A 30 -1.25 -2.52 6.26
N PRO A 31 -1.01 -1.85 5.11
CA PRO A 31 -1.80 -2.11 3.91
C PRO A 31 -1.39 -3.44 3.27
N MET A 32 -2.28 -4.42 3.41
CA MET A 32 -2.03 -5.74 2.85
C MET A 32 -2.56 -5.84 1.41
N GLY A 33 -2.07 -6.83 0.70
CA GLY A 33 -2.48 -7.04 -0.68
C GLY A 33 -1.62 -6.24 -1.64
N ILE A 34 -0.31 -6.31 -1.41
CA ILE A 34 0.64 -5.60 -2.25
C ILE A 34 1.07 -6.51 -3.41
N LEU A 35 0.70 -6.11 -4.61
CA LEU A 35 1.04 -6.88 -5.80
C LEU A 35 1.51 -5.93 -6.89
N PHE A 36 2.33 -6.47 -7.78
CA PHE A 36 2.86 -5.68 -8.89
C PHE A 36 2.41 -6.24 -10.24
N PRO A 37 1.27 -5.69 -10.73
CA PRO A 37 0.72 -6.13 -12.00
C PRO A 37 1.53 -5.58 -13.17
N GLU A 38 1.74 -4.27 -13.14
CA GLU A 38 2.49 -3.61 -14.19
C GLU A 38 3.80 -3.06 -13.63
N VAL A 39 4.90 -3.60 -14.13
CA VAL A 39 6.22 -3.17 -13.68
C VAL A 39 7.17 -3.14 -14.89
N ARG A 40 7.50 -1.92 -15.31
CA ARG A 40 8.39 -1.74 -16.44
C ARG A 40 9.80 -1.41 -15.95
N THR A 41 10.63 -0.96 -16.89
CA THR A 41 11.99 -0.60 -16.56
C THR A 41 12.03 0.68 -15.72
N THR A 42 11.86 1.81 -16.40
CA THR A 42 11.88 3.10 -15.73
C THR A 42 10.45 3.55 -15.43
N SER A 43 9.58 2.57 -15.19
CA SER A 43 8.19 2.85 -14.89
C SER A 43 7.51 1.58 -14.37
N VAL A 44 6.95 1.69 -13.17
CA VAL A 44 6.26 0.57 -12.56
C VAL A 44 4.89 1.03 -12.04
N ARG A 45 4.07 0.06 -11.68
CA ARG A 45 2.74 0.35 -11.16
C ARG A 45 2.24 -0.81 -10.31
N LEU A 46 2.25 -0.57 -9.00
CA LEU A 46 1.80 -1.59 -8.06
C LEU A 46 0.42 -1.18 -7.51
N ILE A 47 -0.19 -2.12 -6.81
CA ILE A 47 -1.50 -1.88 -6.22
C ILE A 47 -1.53 -2.43 -4.79
N TRP A 48 -2.45 -1.91 -4.00
CA TRP A 48 -2.60 -2.35 -2.62
C TRP A 48 -4.07 -2.22 -2.24
N GLN A 49 -4.37 -2.65 -1.02
CA GLN A 49 -5.73 -2.60 -0.52
C GLN A 49 -5.76 -1.95 0.86
N PRO A 50 -6.99 -1.52 1.27
CA PRO A 50 -7.16 -0.88 2.56
C PRO A 50 -7.11 -1.91 3.69
N PRO A 51 -6.65 -1.44 4.87
CA PRO A 51 -6.55 -2.31 6.05
C PRO A 51 -7.92 -2.57 6.64
N ALA A 52 -8.33 -3.84 6.61
CA ALA A 52 -9.60 -4.23 7.15
C ALA A 52 -9.84 -3.51 8.48
N ALA A 53 -8.74 -3.21 9.15
CA ALA A 53 -8.81 -2.53 10.43
C ALA A 53 -8.13 -1.16 10.32
N PRO A 54 -8.92 -0.16 9.85
CA PRO A 54 -8.41 1.19 9.69
C PRO A 54 -8.26 1.88 11.04
N ASN A 55 -9.16 1.55 11.94
CA ASN A 55 -9.15 2.13 13.28
C ASN A 55 -8.80 3.62 13.17
N GLY A 56 -9.41 4.27 12.20
CA GLY A 56 -9.18 5.69 11.98
C GLY A 56 -9.44 6.07 10.52
N ILE A 57 -10.32 7.03 10.33
CA ILE A 57 -10.65 7.49 8.99
C ILE A 57 -9.36 7.87 8.25
N ILE A 58 -9.16 7.20 7.13
CA ILE A 58 -7.98 7.45 6.32
C ILE A 58 -8.10 8.84 5.65
N LEU A 59 -7.02 9.60 5.75
CA LEU A 59 -7.00 10.93 5.17
C LEU A 59 -6.15 10.91 3.89
N ALA A 60 -5.29 9.91 3.81
CA ALA A 60 -4.43 9.76 2.65
C ALA A 60 -3.45 8.60 2.88
N TYR A 61 -2.46 8.51 2.00
CA TYR A 61 -1.47 7.46 2.10
C TYR A 61 -0.09 7.97 1.69
N GLN A 62 0.91 7.13 1.90
CA GLN A 62 2.27 7.49 1.56
C GLN A 62 2.98 6.31 0.88
N ILE A 63 3.66 6.62 -0.21
CA ILE A 63 4.38 5.61 -0.97
C ILE A 63 5.84 6.00 -1.08
N THR A 64 6.69 5.20 -0.44
CA THR A 64 8.12 5.47 -0.45
C THR A 64 8.84 4.41 -1.29
N HIS A 65 9.54 4.88 -2.32
CA HIS A 65 10.27 3.99 -3.19
C HIS A 65 11.77 4.32 -3.14
N ARG A 66 12.56 3.28 -2.95
CA ARG A 66 14.00 3.45 -2.87
C ARG A 66 14.71 2.19 -3.36
N LEU A 67 15.63 2.38 -4.29
CA LEU A 67 16.39 1.28 -4.86
C LEU A 67 16.89 0.39 -3.72
N ASN A 68 16.78 -0.92 -3.94
CA ASN A 68 17.21 -1.89 -2.95
C ASN A 68 18.73 -2.05 -3.04
N THR A 69 19.33 -1.26 -3.90
CA THR A 69 20.77 -1.30 -4.10
C THR A 69 21.32 0.10 -4.36
N THR A 70 21.22 0.96 -3.36
CA THR A 70 21.70 2.31 -3.47
C THR A 70 21.91 2.93 -2.09
N THR A 71 20.88 2.81 -1.26
CA THR A 71 20.94 3.34 0.10
C THR A 71 21.50 4.76 0.09
N ALA A 72 20.59 5.72 0.10
CA ALA A 72 20.97 7.12 0.09
C ALA A 72 20.43 7.80 1.34
N ASN A 73 20.63 9.11 1.40
CA ASN A 73 20.16 9.90 2.54
C ASN A 73 18.70 9.54 2.82
N THR A 74 17.85 9.83 1.84
CA THR A 74 16.43 9.56 1.96
C THR A 74 15.91 8.90 0.68
N ALA A 75 14.58 8.78 0.63
CA ALA A 75 13.94 8.17 -0.52
C ALA A 75 12.83 9.08 -1.03
N THR A 76 12.38 8.81 -2.24
CA THR A 76 11.33 9.61 -2.85
C THR A 76 9.97 9.23 -2.25
N VAL A 77 9.52 10.05 -1.30
CA VAL A 77 8.25 9.81 -0.65
C VAL A 77 7.16 10.63 -1.36
N GLU A 78 5.95 10.08 -1.33
CA GLU A 78 4.83 10.74 -1.97
C GLU A 78 3.54 10.45 -1.18
N VAL A 79 2.77 11.51 -0.99
CA VAL A 79 1.51 11.39 -0.26
C VAL A 79 0.37 11.16 -1.26
N LEU A 80 -0.39 10.11 -1.01
CA LEU A 80 -1.51 9.78 -1.88
C LEU A 80 -2.82 10.10 -1.14
N ALA A 81 -3.92 10.02 -1.90
CA ALA A 81 -5.23 10.30 -1.34
C ALA A 81 -5.68 9.09 -0.52
N PRO A 82 -6.76 9.32 0.28
CA PRO A 82 -7.30 8.26 1.12
C PRO A 82 -8.10 7.25 0.28
N SER A 83 -8.19 7.54 -1.00
CA SER A 83 -8.92 6.67 -1.92
C SER A 83 -7.96 6.15 -3.01
N ALA A 84 -6.73 5.92 -2.60
CA ALA A 84 -5.71 5.42 -3.52
C ALA A 84 -5.55 3.92 -3.32
N ARG A 85 -5.72 3.19 -4.42
CA ARG A 85 -5.61 1.74 -4.38
C ARG A 85 -4.32 1.30 -5.09
N GLN A 86 -3.78 2.21 -5.90
CA GLN A 86 -2.56 1.92 -6.62
C GLN A 86 -1.77 3.21 -6.86
N TYR A 87 -0.52 3.03 -7.26
CA TYR A 87 0.35 4.17 -7.52
C TYR A 87 1.40 3.82 -8.57
N THR A 88 1.54 4.71 -9.54
CA THR A 88 2.50 4.51 -10.61
C THR A 88 3.83 5.19 -10.26
N ALA A 89 4.90 4.45 -10.49
CA ALA A 89 6.23 4.97 -10.20
C ALA A 89 7.00 5.14 -11.51
N THR A 90 7.31 6.40 -11.81
CA THR A 90 8.04 6.72 -13.03
C THR A 90 9.40 7.33 -12.69
N GLY A 91 10.32 7.21 -13.64
CA GLY A 91 11.66 7.76 -13.46
C GLY A 91 12.50 6.84 -12.57
N LEU A 92 12.55 5.58 -12.97
CA LEU A 92 13.32 4.59 -12.22
C LEU A 92 14.39 3.98 -13.13
N LYS A 93 15.41 3.43 -12.49
CA LYS A 93 16.50 2.82 -13.24
C LYS A 93 16.21 1.32 -13.42
N PRO A 94 16.43 0.83 -14.67
CA PRO A 94 16.20 -0.57 -14.97
C PRO A 94 17.31 -1.45 -14.40
N GLU A 95 17.02 -2.74 -14.32
CA GLU A 95 17.98 -3.69 -13.80
C GLU A 95 18.27 -3.40 -12.33
N SER A 96 17.20 -3.28 -11.56
CA SER A 96 17.32 -3.02 -10.14
C SER A 96 16.00 -3.34 -9.43
N VAL A 97 15.97 -3.01 -8.14
CA VAL A 97 14.78 -3.26 -7.35
C VAL A 97 14.49 -2.03 -6.48
N TYR A 98 13.20 -1.82 -6.23
CA TYR A 98 12.78 -0.69 -5.42
C TYR A 98 11.86 -1.13 -4.29
N LEU A 99 12.10 -0.58 -3.12
CA LEU A 99 11.31 -0.91 -1.94
C LEU A 99 10.13 0.06 -1.84
N PHE A 100 8.94 -0.47 -2.11
CA PHE A 100 7.73 0.33 -2.05
C PHE A 100 7.06 0.22 -0.68
N ARG A 101 7.08 1.32 0.05
CA ARG A 101 6.49 1.35 1.37
C ARG A 101 5.17 2.13 1.34
N ILE A 102 4.08 1.40 1.58
CA ILE A 102 2.76 2.01 1.58
C ILE A 102 2.33 2.29 3.01
N THR A 103 1.71 3.45 3.20
CA THR A 103 1.24 3.83 4.53
C THR A 103 -0.03 4.68 4.41
N ALA A 104 -0.76 4.75 5.51
CA ALA A 104 -1.99 5.52 5.56
C ALA A 104 -1.83 6.67 6.54
N GLN A 105 -2.64 7.71 6.33
CA GLN A 105 -2.60 8.88 7.19
C GLN A 105 -3.97 9.13 7.81
N THR A 106 -4.00 9.13 9.14
CA THR A 106 -5.23 9.35 9.86
C THR A 106 -5.08 10.53 10.84
N ARG A 107 -6.06 10.66 11.72
CA ARG A 107 -6.05 11.74 12.70
C ARG A 107 -5.01 11.43 13.79
N LYS A 108 -4.43 10.25 13.70
CA LYS A 108 -3.43 9.84 14.67
C LYS A 108 -2.03 10.06 14.09
N GLY A 109 -1.91 9.74 12.81
CA GLY A 109 -0.64 9.91 12.13
C GLY A 109 -0.45 8.82 11.05
N TRP A 110 0.78 8.34 10.95
CA TRP A 110 1.10 7.32 9.98
C TRP A 110 1.35 6.01 10.74
N GLY A 111 0.42 5.08 10.57
CA GLY A 111 0.53 3.79 11.23
C GLY A 111 1.50 2.88 10.49
N GLU A 112 1.27 1.58 10.63
CA GLU A 112 2.11 0.59 9.98
C GLU A 112 2.25 0.92 8.49
N ALA A 113 3.23 0.26 7.86
CA ALA A 113 3.49 0.48 6.45
C ALA A 113 3.82 -0.86 5.79
N ALA A 114 3.28 -1.04 4.60
CA ALA A 114 3.50 -2.27 3.85
C ALA A 114 4.71 -2.07 2.92
N GLU A 115 5.70 -2.93 3.12
CA GLU A 115 6.91 -2.87 2.32
C GLU A 115 6.87 -3.94 1.22
N ALA A 116 7.00 -3.47 -0.01
CA ALA A 116 6.98 -4.37 -1.15
C ALA A 116 8.11 -3.99 -2.12
N LEU A 117 8.86 -5.01 -2.51
CA LEU A 117 9.98 -4.80 -3.43
C LEU A 117 9.55 -5.17 -4.84
N VAL A 118 10.13 -4.47 -5.80
CA VAL A 118 9.81 -4.72 -7.20
C VAL A 118 11.05 -4.41 -8.06
N VAL A 119 11.39 -5.36 -8.91
CA VAL A 119 12.54 -5.22 -9.79
C VAL A 119 12.09 -4.59 -11.11
N THR A 120 12.98 -3.79 -11.68
CA THR A 120 12.69 -3.13 -12.94
C THR A 120 13.34 -3.87 -14.10
N THR A 121 12.48 -4.37 -14.99
CA THR A 121 12.96 -5.11 -16.15
C THR A 121 11.78 -5.54 -17.03
N GLU A 122 12.11 -6.04 -18.21
CA GLU A 122 11.10 -6.49 -19.14
C GLU A 122 10.87 -8.00 -18.99
N LYS A 123 11.87 -8.66 -18.43
CA LYS A 123 11.80 -10.10 -18.22
C LYS A 123 10.90 -10.39 -17.02
N ARG A 124 9.77 -11.01 -17.31
CA ARG A 124 8.81 -11.35 -16.27
C ARG A 124 9.29 -12.58 -15.49
N SER A 125 8.72 -12.75 -14.31
CA SER A 125 9.08 -13.89 -13.46
C SER A 125 7.87 -14.80 -13.28
N GLY A 126 6.83 -14.25 -12.69
CA GLY A 126 5.61 -15.01 -12.43
C GLY A 126 5.35 -15.15 -10.94
N PRO A 127 4.06 -15.44 -10.61
CA PRO A 127 3.66 -15.60 -9.21
C PRO A 127 4.14 -16.94 -8.66
N SER A 128 4.62 -16.91 -7.43
CA SER A 128 5.11 -18.11 -6.78
C SER A 128 3.93 -18.93 -6.23
N SER A 129 3.14 -18.28 -5.39
CA SER A 129 1.99 -18.93 -4.80
C SER A 129 2.41 -20.23 -4.11
N GLY A 130 2.64 -20.12 -2.81
CA GLY A 130 3.06 -21.27 -2.02
C GLY A 130 3.72 -20.83 -0.71
N GLY A 1 26.73 -52.30 12.76
CA GLY A 1 26.18 -53.49 12.17
C GLY A 1 25.00 -53.16 11.25
N SER A 2 25.27 -53.19 9.96
CA SER A 2 24.24 -52.89 8.97
C SER A 2 23.74 -51.46 9.15
N SER A 3 22.96 -51.02 8.18
CA SER A 3 22.42 -49.67 8.22
C SER A 3 21.50 -49.44 7.01
N GLY A 4 20.80 -48.32 7.04
CA GLY A 4 19.90 -47.97 5.95
C GLY A 4 18.58 -47.42 6.50
N SER A 5 18.04 -46.45 5.79
CA SER A 5 16.79 -45.82 6.19
C SER A 5 16.42 -44.71 5.20
N SER A 6 15.21 -44.19 5.36
CA SER A 6 14.71 -43.14 4.50
C SER A 6 13.74 -42.24 5.27
N GLY A 7 13.38 -41.14 4.64
CA GLY A 7 12.45 -40.20 5.25
C GLY A 7 11.78 -39.32 4.19
N ARG A 8 11.00 -38.36 4.67
CA ARG A 8 10.30 -37.45 3.78
C ARG A 8 10.29 -36.04 4.37
N ILE A 9 10.25 -35.06 3.48
CA ILE A 9 10.24 -33.67 3.89
C ILE A 9 8.82 -33.10 3.70
N GLY A 10 8.32 -32.48 4.76
CA GLY A 10 6.99 -31.88 4.72
C GLY A 10 6.70 -31.13 6.01
N ASP A 11 6.25 -29.90 5.84
CA ASP A 11 5.92 -29.05 6.98
C ASP A 11 5.25 -27.77 6.49
N GLY A 12 4.72 -27.01 7.44
CA GLY A 12 4.06 -25.77 7.12
C GLY A 12 3.63 -25.03 8.39
N SER A 13 3.20 -23.79 8.21
CA SER A 13 2.75 -22.97 9.32
C SER A 13 1.95 -21.78 8.81
N PRO A 14 0.62 -22.02 8.63
CA PRO A 14 -0.27 -20.98 8.14
C PRO A 14 -0.58 -19.96 9.24
N SER A 15 -1.13 -18.83 8.83
CA SER A 15 -1.47 -17.78 9.77
C SER A 15 -2.94 -17.38 9.59
N HIS A 16 -3.44 -16.61 10.55
CA HIS A 16 -4.81 -16.14 10.50
C HIS A 16 -4.87 -14.67 10.92
N PRO A 17 -5.85 -13.95 10.30
CA PRO A 17 -6.02 -12.54 10.60
C PRO A 17 -6.67 -12.33 11.97
N PRO A 18 -6.48 -11.11 12.52
CA PRO A 18 -7.05 -10.78 13.82
C PRO A 18 -8.55 -10.54 13.72
N ILE A 19 -9.23 -10.66 14.85
CA ILE A 19 -10.66 -10.46 14.91
C ILE A 19 -10.96 -8.97 15.07
N LEU A 20 -10.47 -8.19 14.12
CA LEU A 20 -10.67 -6.75 14.15
C LEU A 20 -10.54 -6.25 15.59
N GLU A 21 -11.69 -5.93 16.17
CA GLU A 21 -11.71 -5.43 17.53
C GLU A 21 -11.00 -4.08 17.63
N ARG A 22 -11.77 -3.06 18.00
CA ARG A 22 -11.22 -1.72 18.13
C ARG A 22 -11.50 -1.18 19.53
N THR A 23 -10.55 -1.44 20.43
CA THR A 23 -10.68 -0.98 21.80
C THR A 23 -10.37 0.52 21.89
N LEU A 24 -9.18 0.88 21.44
CA LEU A 24 -8.76 2.26 21.46
C LEU A 24 -8.31 2.68 20.06
N ASP A 25 -8.57 3.94 19.74
CA ASP A 25 -8.21 4.48 18.44
C ASP A 25 -6.69 4.46 18.30
N ASP A 26 -6.24 4.65 17.06
CA ASP A 26 -4.81 4.66 16.78
C ASP A 26 -4.60 4.49 15.27
N VAL A 27 -3.45 4.96 14.81
CA VAL A 27 -3.11 4.85 13.40
C VAL A 27 -3.56 3.49 12.87
N PRO A 28 -3.71 3.41 11.52
CA PRO A 28 -4.12 2.18 10.88
C PRO A 28 -2.96 1.17 10.84
N GLY A 29 -3.30 -0.06 10.47
CA GLY A 29 -2.31 -1.11 10.40
C GLY A 29 -1.63 -1.12 9.03
N PRO A 30 -0.86 -2.21 8.77
CA PRO A 30 -0.15 -2.34 7.51
C PRO A 30 -1.11 -2.71 6.38
N PRO A 31 -0.93 -2.01 5.22
CA PRO A 31 -1.76 -2.24 4.06
C PRO A 31 -1.38 -3.55 3.37
N MET A 32 -2.25 -4.54 3.52
CA MET A 32 -2.02 -5.84 2.91
C MET A 32 -2.59 -5.89 1.49
N GLY A 33 -2.12 -6.89 0.74
CA GLY A 33 -2.58 -7.06 -0.63
C GLY A 33 -1.69 -6.26 -1.60
N ILE A 34 -0.39 -6.39 -1.40
CA ILE A 34 0.57 -5.69 -2.24
C ILE A 34 0.98 -6.60 -3.40
N LEU A 35 0.73 -6.12 -4.62
CA LEU A 35 1.06 -6.87 -5.81
C LEU A 35 1.50 -5.91 -6.91
N PHE A 36 2.38 -6.41 -7.77
CA PHE A 36 2.89 -5.61 -8.86
C PHE A 36 2.44 -6.17 -10.21
N PRO A 37 1.24 -5.70 -10.66
CA PRO A 37 0.69 -6.14 -11.93
C PRO A 37 1.42 -5.50 -13.10
N GLU A 38 1.74 -4.23 -12.94
CA GLU A 38 2.44 -3.49 -13.98
C GLU A 38 3.78 -2.98 -13.45
N VAL A 39 4.85 -3.45 -14.07
CA VAL A 39 6.19 -3.05 -13.69
C VAL A 39 7.07 -2.92 -14.93
N ARG A 40 7.55 -1.71 -15.16
CA ARG A 40 8.40 -1.45 -16.31
C ARG A 40 9.84 -1.19 -15.85
N THR A 41 10.63 -0.67 -16.78
CA THR A 41 12.03 -0.38 -16.49
C THR A 41 12.14 0.86 -15.60
N THR A 42 11.98 2.01 -16.23
CA THR A 42 12.06 3.27 -15.51
C THR A 42 10.67 3.72 -15.05
N SER A 43 9.82 2.73 -14.82
CA SER A 43 8.46 3.00 -14.38
C SER A 43 7.78 1.70 -13.95
N VAL A 44 6.91 1.82 -12.94
CA VAL A 44 6.19 0.67 -12.44
C VAL A 44 4.86 1.12 -11.84
N ARG A 45 4.03 0.15 -11.52
CA ARG A 45 2.72 0.44 -10.94
C ARG A 45 2.23 -0.76 -10.12
N LEU A 46 2.12 -0.54 -8.82
CA LEU A 46 1.66 -1.58 -7.93
C LEU A 46 0.25 -1.25 -7.45
N ILE A 47 -0.35 -2.22 -6.77
CA ILE A 47 -1.71 -2.04 -6.25
C ILE A 47 -1.80 -2.68 -4.87
N TRP A 48 -2.28 -1.89 -3.91
CA TRP A 48 -2.42 -2.37 -2.55
C TRP A 48 -3.90 -2.30 -2.19
N GLN A 49 -4.18 -2.61 -0.93
CA GLN A 49 -5.55 -2.59 -0.44
C GLN A 49 -5.62 -1.93 0.94
N PRO A 50 -6.86 -1.53 1.33
CA PRO A 50 -7.06 -0.88 2.61
C PRO A 50 -7.01 -1.91 3.74
N PRO A 51 -6.57 -1.42 4.94
CA PRO A 51 -6.46 -2.27 6.10
C PRO A 51 -7.84 -2.56 6.70
N ALA A 52 -8.15 -3.84 6.82
CA ALA A 52 -9.43 -4.27 7.37
C ALA A 52 -9.68 -3.52 8.67
N ALA A 53 -8.59 -3.15 9.33
CA ALA A 53 -8.68 -2.43 10.59
C ALA A 53 -8.05 -1.05 10.43
N PRO A 54 -8.88 -0.10 9.94
CA PRO A 54 -8.41 1.27 9.74
C PRO A 54 -8.28 2.02 11.06
N ASN A 55 -9.19 1.69 11.97
CA ASN A 55 -9.20 2.31 13.29
C ASN A 55 -8.91 3.81 13.14
N GLY A 56 -9.54 4.40 12.14
CA GLY A 56 -9.35 5.82 11.87
C GLY A 56 -9.66 6.15 10.41
N ILE A 57 -10.44 7.21 10.23
CA ILE A 57 -10.82 7.64 8.89
C ILE A 57 -9.57 8.00 8.11
N ILE A 58 -9.28 7.20 7.09
CA ILE A 58 -8.12 7.42 6.26
C ILE A 58 -8.21 8.83 5.65
N LEU A 59 -7.06 9.51 5.66
CA LEU A 59 -7.00 10.85 5.10
C LEU A 59 -6.17 10.83 3.82
N ALA A 60 -5.31 9.82 3.72
CA ALA A 60 -4.45 9.67 2.56
C ALA A 60 -3.49 8.51 2.78
N TYR A 61 -2.53 8.39 1.88
CA TYR A 61 -1.54 7.34 1.97
C TYR A 61 -0.16 7.84 1.53
N GLN A 62 0.83 7.00 1.74
CA GLN A 62 2.21 7.34 1.38
C GLN A 62 2.88 6.15 0.70
N ILE A 63 3.62 6.46 -0.36
CA ILE A 63 4.33 5.43 -1.10
C ILE A 63 5.80 5.85 -1.27
N THR A 64 6.66 5.11 -0.60
CA THR A 64 8.09 5.38 -0.66
C THR A 64 8.80 4.33 -1.52
N HIS A 65 9.57 4.82 -2.48
CA HIS A 65 10.30 3.95 -3.37
C HIS A 65 11.80 4.27 -3.30
N ARG A 66 12.60 3.22 -3.31
CA ARG A 66 14.05 3.39 -3.25
C ARG A 66 14.74 2.11 -3.72
N LEU A 67 15.94 2.28 -4.25
CA LEU A 67 16.72 1.16 -4.74
C LEU A 67 17.29 0.39 -3.54
N ASN A 68 16.74 -0.81 -3.34
CA ASN A 68 17.18 -1.65 -2.24
C ASN A 68 18.71 -1.72 -2.24
N THR A 69 19.28 -1.49 -3.41
CA THR A 69 20.72 -1.52 -3.55
C THR A 69 21.22 -0.28 -4.30
N THR A 70 22.42 -0.39 -4.85
CA THR A 70 23.01 0.71 -5.59
C THR A 70 23.03 1.98 -4.74
N THR A 71 23.66 3.00 -5.28
CA THR A 71 23.76 4.27 -4.59
C THR A 71 22.46 4.56 -3.82
N ALA A 72 22.63 4.93 -2.55
CA ALA A 72 21.50 5.22 -1.70
C ALA A 72 21.50 6.72 -1.36
N ASN A 73 20.33 7.32 -1.43
CA ASN A 73 20.19 8.74 -1.13
C ASN A 73 18.71 9.07 -0.96
N THR A 74 18.27 9.05 0.30
CA THR A 74 16.88 9.35 0.62
C THR A 74 15.95 8.53 -0.28
N ALA A 75 14.67 8.61 0.04
CA ALA A 75 13.66 7.89 -0.72
C ALA A 75 12.54 8.85 -1.12
N THR A 76 12.28 8.89 -2.43
CA THR A 76 11.24 9.76 -2.95
C THR A 76 9.87 9.34 -2.41
N VAL A 77 9.47 10.00 -1.34
CA VAL A 77 8.19 9.71 -0.72
C VAL A 77 7.09 10.48 -1.45
N GLU A 78 5.94 9.84 -1.55
CA GLU A 78 4.80 10.45 -2.22
C GLU A 78 3.52 10.22 -1.42
N VAL A 79 2.75 11.29 -1.26
CA VAL A 79 1.51 11.21 -0.52
C VAL A 79 0.34 11.02 -1.49
N LEU A 80 -0.47 10.02 -1.19
CA LEU A 80 -1.62 9.71 -2.03
C LEU A 80 -2.90 10.07 -1.29
N ALA A 81 -4.02 9.99 -2.00
CA ALA A 81 -5.31 10.30 -1.42
C ALA A 81 -5.77 9.11 -0.57
N PRO A 82 -6.85 9.37 0.23
CA PRO A 82 -7.40 8.33 1.09
C PRO A 82 -8.21 7.32 0.28
N SER A 83 -8.26 7.56 -1.03
CA SER A 83 -9.00 6.69 -1.91
C SER A 83 -8.07 6.17 -3.02
N ALA A 84 -6.81 6.01 -2.67
CA ALA A 84 -5.81 5.52 -3.61
C ALA A 84 -5.45 4.08 -3.28
N ARG A 85 -5.83 3.19 -4.17
CA ARG A 85 -5.55 1.77 -3.99
C ARG A 85 -4.30 1.36 -4.76
N GLN A 86 -4.00 2.15 -5.79
CA GLN A 86 -2.84 1.88 -6.62
C GLN A 86 -1.97 3.14 -6.75
N TYR A 87 -0.83 2.98 -7.40
CA TYR A 87 0.09 4.09 -7.59
C TYR A 87 1.05 3.79 -8.74
N THR A 88 1.45 4.86 -9.42
CA THR A 88 2.37 4.73 -10.54
C THR A 88 3.72 5.37 -10.18
N ALA A 89 4.78 4.59 -10.37
CA ALA A 89 6.11 5.05 -10.08
C ALA A 89 6.87 5.30 -11.38
N THR A 90 7.37 6.52 -11.53
CA THR A 90 8.10 6.89 -12.72
C THR A 90 9.47 7.47 -12.35
N GLY A 91 10.42 7.31 -13.27
CA GLY A 91 11.76 7.81 -13.05
C GLY A 91 12.57 6.84 -12.19
N LEU A 92 12.64 5.60 -12.65
CA LEU A 92 13.38 4.57 -11.94
C LEU A 92 14.47 4.01 -12.83
N LYS A 93 15.40 3.29 -12.21
CA LYS A 93 16.50 2.68 -12.95
C LYS A 93 16.19 1.21 -13.21
N PRO A 94 16.38 0.80 -14.49
CA PRO A 94 16.13 -0.57 -14.88
C PRO A 94 17.24 -1.50 -14.39
N GLU A 95 16.89 -2.78 -14.29
CA GLU A 95 17.85 -3.77 -13.83
C GLU A 95 18.22 -3.51 -12.37
N SER A 96 17.20 -3.27 -11.56
CA SER A 96 17.39 -3.01 -10.15
C SER A 96 16.15 -3.41 -9.35
N VAL A 97 16.22 -3.20 -8.06
CA VAL A 97 15.10 -3.53 -7.18
C VAL A 97 14.67 -2.28 -6.41
N TYR A 98 13.37 -2.12 -6.30
CA TYR A 98 12.81 -0.97 -5.58
C TYR A 98 11.84 -1.43 -4.49
N LEU A 99 12.03 -0.86 -3.31
CA LEU A 99 11.19 -1.19 -2.17
C LEU A 99 10.06 -0.17 -2.07
N PHE A 100 8.84 -0.66 -2.23
CA PHE A 100 7.67 0.21 -2.15
C PHE A 100 7.00 0.10 -0.78
N ARG A 101 7.07 1.19 -0.03
CA ARG A 101 6.48 1.24 1.29
C ARG A 101 5.14 1.99 1.25
N ILE A 102 4.07 1.26 1.48
CA ILE A 102 2.74 1.85 1.48
C ILE A 102 2.32 2.15 2.92
N THR A 103 1.71 3.32 3.09
CA THR A 103 1.26 3.73 4.41
C THR A 103 -0.01 4.59 4.28
N ALA A 104 -0.74 4.67 5.38
CA ALA A 104 -1.97 5.45 5.42
C ALA A 104 -1.78 6.66 6.33
N GLN A 105 -2.64 7.64 6.14
CA GLN A 105 -2.58 8.85 6.95
C GLN A 105 -3.93 9.11 7.64
N THR A 106 -3.89 9.13 8.96
CA THR A 106 -5.08 9.35 9.74
C THR A 106 -4.89 10.57 10.67
N ARG A 107 -5.83 10.70 11.59
CA ARG A 107 -5.79 11.81 12.54
C ARG A 107 -4.68 11.58 13.56
N LYS A 108 -4.25 10.34 13.65
CA LYS A 108 -3.19 9.97 14.58
C LYS A 108 -1.83 10.19 13.92
N GLY A 109 -1.75 9.81 12.66
CA GLY A 109 -0.52 9.96 11.91
C GLY A 109 -0.36 8.85 10.87
N TRP A 110 0.86 8.38 10.72
CA TRP A 110 1.15 7.33 9.77
C TRP A 110 1.39 6.03 10.56
N GLY A 111 0.45 5.11 10.40
CA GLY A 111 0.55 3.83 11.09
C GLY A 111 1.51 2.88 10.38
N GLU A 112 1.25 1.59 10.52
CA GLU A 112 2.09 0.59 9.89
C GLU A 112 2.26 0.89 8.41
N ALA A 113 3.27 0.25 7.81
CA ALA A 113 3.54 0.45 6.40
C ALA A 113 3.85 -0.91 5.76
N ALA A 114 3.32 -1.10 4.56
CA ALA A 114 3.55 -2.33 3.83
C ALA A 114 4.72 -2.16 2.88
N GLU A 115 5.73 -3.01 3.07
CA GLU A 115 6.92 -2.97 2.23
C GLU A 115 6.85 -4.04 1.15
N ALA A 116 7.00 -3.59 -0.09
CA ALA A 116 6.96 -4.49 -1.23
C ALA A 116 8.07 -4.12 -2.22
N LEU A 117 8.91 -5.10 -2.50
CA LEU A 117 10.01 -4.89 -3.42
C LEU A 117 9.55 -5.23 -4.85
N VAL A 118 10.12 -4.52 -5.81
CA VAL A 118 9.78 -4.72 -7.20
C VAL A 118 10.99 -4.40 -8.07
N VAL A 119 11.34 -5.35 -8.94
CA VAL A 119 12.47 -5.18 -9.83
C VAL A 119 12.01 -4.44 -11.09
N THR A 120 12.96 -3.74 -11.71
CA THR A 120 12.67 -2.99 -12.91
C THR A 120 13.26 -3.71 -14.13
N THR A 121 12.35 -4.19 -14.98
CA THR A 121 12.76 -4.89 -16.19
C THR A 121 11.54 -5.27 -17.02
N GLU A 122 11.80 -5.70 -18.24
CA GLU A 122 10.74 -6.10 -19.15
C GLU A 122 10.45 -7.59 -19.01
N LYS A 123 11.49 -8.33 -18.63
CA LYS A 123 11.36 -9.77 -18.46
C LYS A 123 10.62 -10.06 -17.14
N ARG A 124 9.83 -11.12 -17.16
CA ARG A 124 9.07 -11.51 -15.98
C ARG A 124 9.99 -12.13 -14.94
N SER A 125 10.02 -11.51 -13.78
CA SER A 125 10.85 -11.98 -12.68
C SER A 125 10.03 -12.02 -11.39
N GLY A 126 9.69 -13.24 -10.99
CA GLY A 126 8.93 -13.43 -9.77
C GLY A 126 8.89 -14.91 -9.36
N PRO A 127 9.72 -15.25 -8.35
CA PRO A 127 9.80 -16.62 -7.87
C PRO A 127 8.58 -16.97 -7.03
N SER A 128 8.48 -18.25 -6.67
CA SER A 128 7.37 -18.72 -5.87
C SER A 128 7.79 -18.83 -4.41
N SER A 129 6.85 -18.55 -3.52
CA SER A 129 7.11 -18.61 -2.10
C SER A 129 6.17 -19.62 -1.44
N GLY A 130 6.45 -19.90 -0.17
CA GLY A 130 5.64 -20.85 0.57
C GLY A 130 5.71 -22.25 -0.04
N GLY A 1 -4.63 22.25 -39.74
CA GLY A 1 -5.05 22.13 -38.36
C GLY A 1 -5.66 20.76 -38.09
N SER A 2 -6.98 20.71 -38.17
CA SER A 2 -7.69 19.46 -37.93
C SER A 2 -7.30 18.88 -36.56
N SER A 3 -8.04 17.86 -36.17
CA SER A 3 -7.78 17.21 -34.88
C SER A 3 -8.87 16.18 -34.59
N GLY A 4 -8.62 15.37 -33.57
CA GLY A 4 -9.57 14.35 -33.17
C GLY A 4 -9.25 13.81 -31.78
N SER A 5 -10.16 12.98 -31.27
CA SER A 5 -9.98 12.40 -29.96
C SER A 5 -11.06 11.34 -29.71
N SER A 6 -10.84 10.55 -28.67
CA SER A 6 -11.77 9.50 -28.32
C SER A 6 -11.61 9.12 -26.85
N GLY A 7 -12.56 8.34 -26.36
CA GLY A 7 -12.53 7.91 -24.97
C GLY A 7 -13.43 8.79 -24.10
N ARG A 8 -14.44 8.16 -23.51
CA ARG A 8 -15.37 8.88 -22.66
C ARG A 8 -16.15 7.89 -21.78
N ILE A 9 -16.47 8.35 -20.58
CA ILE A 9 -17.22 7.51 -19.64
C ILE A 9 -16.40 6.27 -19.30
N GLY A 10 -16.56 5.81 -18.07
CA GLY A 10 -15.84 4.64 -17.61
C GLY A 10 -16.53 4.01 -16.39
N ASP A 11 -16.54 4.76 -15.30
CA ASP A 11 -17.15 4.30 -14.08
C ASP A 11 -16.46 3.02 -13.62
N GLY A 12 -16.71 2.67 -12.36
CA GLY A 12 -16.11 1.48 -11.78
C GLY A 12 -15.63 1.74 -10.35
N SER A 13 -16.52 1.48 -9.41
CA SER A 13 -16.21 1.67 -8.01
C SER A 13 -17.15 0.85 -7.13
N PRO A 14 -16.56 -0.17 -6.45
CA PRO A 14 -17.33 -1.04 -5.58
C PRO A 14 -17.69 -0.33 -4.28
N SER A 15 -16.80 0.55 -3.85
CA SER A 15 -17.01 1.30 -2.62
C SER A 15 -17.13 0.34 -1.44
N HIS A 16 -17.11 0.93 -0.25
CA HIS A 16 -17.21 0.13 0.97
C HIS A 16 -17.81 0.98 2.09
N PRO A 17 -18.51 0.30 3.03
CA PRO A 17 -19.14 0.98 4.15
C PRO A 17 -18.10 1.41 5.19
N PRO A 18 -18.42 2.51 5.90
CA PRO A 18 -17.52 3.03 6.93
C PRO A 18 -17.56 2.16 8.18
N ILE A 19 -16.38 1.75 8.61
CA ILE A 19 -16.25 0.92 9.80
C ILE A 19 -16.28 1.81 11.05
N LEU A 20 -16.98 1.32 12.06
CA LEU A 20 -17.09 2.04 13.32
C LEU A 20 -17.10 1.06 14.48
N GLU A 21 -15.97 0.40 14.65
CA GLU A 21 -15.82 -0.57 15.72
C GLU A 21 -14.43 -0.48 16.35
N ARG A 22 -14.27 0.49 17.24
CA ARG A 22 -13.00 0.70 17.90
C ARG A 22 -13.10 1.86 18.89
N THR A 23 -13.17 1.52 20.17
CA THR A 23 -13.26 2.53 21.21
C THR A 23 -11.99 3.37 21.25
N LEU A 24 -10.85 2.68 21.20
CA LEU A 24 -9.57 3.36 21.24
C LEU A 24 -9.13 3.66 19.81
N ASP A 25 -8.85 4.94 19.57
CA ASP A 25 -8.42 5.38 18.25
C ASP A 25 -6.91 5.19 18.13
N ASP A 26 -6.50 4.56 17.03
CA ASP A 26 -5.09 4.32 16.79
C ASP A 26 -4.86 4.19 15.29
N VAL A 27 -3.70 4.70 14.85
CA VAL A 27 -3.35 4.65 13.45
C VAL A 27 -3.74 3.29 12.87
N PRO A 28 -3.87 3.26 11.52
CA PRO A 28 -4.24 2.03 10.83
C PRO A 28 -3.06 1.05 10.77
N GLY A 29 -3.37 -0.19 10.47
CA GLY A 29 -2.36 -1.23 10.38
C GLY A 29 -1.63 -1.17 9.03
N PRO A 30 -0.84 -2.23 8.75
CA PRO A 30 -0.09 -2.31 7.51
C PRO A 30 -1.02 -2.65 6.34
N PRO A 31 -0.78 -1.96 5.20
CA PRO A 31 -1.58 -2.18 4.01
C PRO A 31 -1.19 -3.49 3.33
N MET A 32 -2.10 -4.46 3.43
CA MET A 32 -1.86 -5.77 2.83
C MET A 32 -2.37 -5.81 1.40
N GLY A 33 -1.87 -6.79 0.65
CA GLY A 33 -2.27 -6.94 -0.74
C GLY A 33 -1.36 -6.14 -1.67
N ILE A 34 -0.07 -6.19 -1.37
CA ILE A 34 0.91 -5.48 -2.17
C ILE A 34 1.37 -6.36 -3.33
N LEU A 35 0.76 -6.14 -4.49
CA LEU A 35 1.10 -6.91 -5.67
C LEU A 35 1.56 -5.95 -6.77
N PHE A 36 2.42 -6.47 -7.64
CA PHE A 36 2.96 -5.68 -8.74
C PHE A 36 2.50 -6.25 -10.08
N PRO A 37 1.36 -5.70 -10.57
CA PRO A 37 0.80 -6.14 -11.84
C PRO A 37 1.61 -5.58 -13.02
N GLU A 38 1.82 -4.27 -12.97
CA GLU A 38 2.57 -3.60 -14.02
C GLU A 38 3.88 -3.05 -13.45
N VAL A 39 4.97 -3.58 -13.98
CA VAL A 39 6.29 -3.15 -13.54
C VAL A 39 7.23 -3.07 -14.74
N ARG A 40 7.56 -1.83 -15.12
CA ARG A 40 8.44 -1.60 -16.25
C ARG A 40 9.87 -1.34 -15.76
N THR A 41 10.70 -0.88 -16.70
CA THR A 41 12.09 -0.59 -16.38
C THR A 41 12.19 0.71 -15.58
N THR A 42 12.05 1.82 -16.29
CA THR A 42 12.12 3.13 -15.66
C THR A 42 10.74 3.57 -15.18
N SER A 43 9.89 2.58 -14.93
CA SER A 43 8.54 2.86 -14.47
C SER A 43 7.89 1.57 -13.99
N VAL A 44 7.01 1.72 -13.00
CA VAL A 44 6.31 0.59 -12.43
C VAL A 44 4.94 1.04 -11.91
N ARG A 45 4.14 0.06 -11.51
CA ARG A 45 2.81 0.35 -10.99
C ARG A 45 2.32 -0.82 -10.14
N LEU A 46 2.30 -0.58 -8.83
CA LEU A 46 1.85 -1.59 -7.89
C LEU A 46 0.47 -1.21 -7.36
N ILE A 47 -0.15 -2.15 -6.65
CA ILE A 47 -1.46 -1.92 -6.08
C ILE A 47 -1.50 -2.51 -4.67
N TRP A 48 -2.28 -1.85 -3.82
CA TRP A 48 -2.42 -2.28 -2.44
C TRP A 48 -3.89 -2.18 -2.05
N GLN A 49 -4.18 -2.61 -0.84
CA GLN A 49 -5.54 -2.57 -0.34
C GLN A 49 -5.58 -1.95 1.06
N PRO A 50 -6.81 -1.54 1.47
CA PRO A 50 -7.00 -0.92 2.78
C PRO A 50 -6.95 -1.98 3.89
N PRO A 51 -6.53 -1.52 5.10
CA PRO A 51 -6.44 -2.41 6.24
C PRO A 51 -7.83 -2.73 6.80
N ALA A 52 -8.16 -4.01 6.78
CA ALA A 52 -9.45 -4.47 7.28
C ALA A 52 -9.78 -3.71 8.57
N ALA A 53 -8.73 -3.34 9.29
CA ALA A 53 -8.90 -2.62 10.54
C ALA A 53 -8.24 -1.25 10.42
N PRO A 54 -9.01 -0.29 9.84
CA PRO A 54 -8.52 1.07 9.66
C PRO A 54 -8.50 1.82 10.99
N ASN A 55 -9.50 1.54 11.81
CA ASN A 55 -9.61 2.19 13.11
C ASN A 55 -9.38 3.70 12.94
N GLY A 56 -10.00 4.25 11.91
CA GLY A 56 -9.86 5.67 11.64
C GLY A 56 -9.99 5.95 10.15
N ILE A 57 -10.71 7.02 9.83
CA ILE A 57 -10.92 7.40 8.45
C ILE A 57 -9.56 7.73 7.81
N ILE A 58 -9.31 7.12 6.67
CA ILE A 58 -8.07 7.34 5.95
C ILE A 58 -8.08 8.74 5.33
N LEU A 59 -7.04 9.50 5.64
CA LEU A 59 -6.91 10.85 5.12
C LEU A 59 -6.08 10.82 3.84
N ALA A 60 -5.22 9.82 3.75
CA ALA A 60 -4.36 9.68 2.59
C ALA A 60 -3.41 8.50 2.80
N TYR A 61 -2.45 8.39 1.90
CA TYR A 61 -1.47 7.33 1.98
C TYR A 61 -0.07 7.84 1.64
N GLN A 62 0.93 7.00 1.90
CA GLN A 62 2.30 7.35 1.62
C GLN A 62 3.01 6.21 0.89
N ILE A 63 3.65 6.56 -0.22
CA ILE A 63 4.36 5.59 -1.02
C ILE A 63 5.81 6.05 -1.21
N THR A 64 6.72 5.29 -0.64
CA THR A 64 8.14 5.60 -0.74
C THR A 64 8.86 4.53 -1.55
N HIS A 65 9.61 4.98 -2.55
CA HIS A 65 10.36 4.08 -3.40
C HIS A 65 11.85 4.38 -3.29
N ARG A 66 12.61 3.36 -2.91
CA ARG A 66 14.04 3.51 -2.76
C ARG A 66 14.76 2.29 -3.34
N LEU A 67 15.91 2.56 -3.95
CA LEU A 67 16.71 1.50 -4.55
C LEU A 67 17.35 0.66 -3.46
N ASN A 68 16.96 -0.61 -3.42
CA ASN A 68 17.50 -1.53 -2.43
C ASN A 68 19.01 -1.43 -2.40
N THR A 69 19.59 -1.20 -3.58
CA THR A 69 21.02 -1.07 -3.70
C THR A 69 21.38 0.18 -4.52
N THR A 70 21.83 1.21 -3.81
CA THR A 70 22.20 2.45 -4.46
C THR A 70 22.77 3.42 -3.43
N THR A 71 22.65 4.71 -3.74
CA THR A 71 23.15 5.75 -2.86
C THR A 71 22.10 6.84 -2.68
N ALA A 72 22.35 7.97 -3.32
CA ALA A 72 21.44 9.10 -3.25
C ALA A 72 21.50 9.70 -1.85
N ASN A 73 20.55 10.58 -1.57
CA ASN A 73 20.49 11.23 -0.26
C ASN A 73 19.34 10.65 0.54
N THR A 74 18.24 10.37 -0.16
CA THR A 74 17.07 9.80 0.48
C THR A 74 16.20 9.06 -0.55
N ALA A 75 14.98 8.76 -0.13
CA ALA A 75 14.06 8.05 -1.00
C ALA A 75 12.95 9.01 -1.44
N THR A 76 12.38 8.71 -2.61
CA THR A 76 11.32 9.54 -3.15
C THR A 76 10.00 9.27 -2.41
N VAL A 77 9.70 10.14 -1.47
CA VAL A 77 8.49 10.01 -0.69
C VAL A 77 7.35 10.77 -1.38
N GLU A 78 6.27 10.05 -1.62
CA GLU A 78 5.11 10.65 -2.27
C GLU A 78 3.82 10.30 -1.51
N VAL A 79 3.04 11.33 -1.25
CA VAL A 79 1.79 11.15 -0.53
C VAL A 79 0.66 10.90 -1.52
N LEU A 80 -0.27 10.04 -1.11
CA LEU A 80 -1.40 9.69 -1.96
C LEU A 80 -2.69 10.01 -1.21
N ALA A 81 -3.80 9.89 -1.93
CA ALA A 81 -5.11 10.15 -1.36
C ALA A 81 -5.60 8.91 -0.61
N PRO A 82 -6.67 9.10 0.19
CA PRO A 82 -7.24 8.01 0.96
C PRO A 82 -8.06 7.08 0.06
N SER A 83 -8.08 7.43 -1.22
CA SER A 83 -8.83 6.64 -2.19
C SER A 83 -7.87 6.12 -3.28
N ALA A 84 -6.63 5.91 -2.87
CA ALA A 84 -5.62 5.41 -3.80
C ALA A 84 -5.32 3.95 -3.49
N ARG A 85 -5.84 3.09 -4.36
CA ARG A 85 -5.64 1.65 -4.20
C ARG A 85 -4.33 1.22 -4.87
N GLN A 86 -3.82 2.11 -5.71
CA GLN A 86 -2.58 1.83 -6.43
C GLN A 86 -1.79 3.12 -6.64
N TYR A 87 -0.64 2.97 -7.28
CA TYR A 87 0.22 4.11 -7.55
C TYR A 87 1.17 3.81 -8.71
N THR A 88 1.55 4.87 -9.41
CA THR A 88 2.45 4.74 -10.54
C THR A 88 3.81 5.37 -10.22
N ALA A 89 4.86 4.59 -10.45
CA ALA A 89 6.21 5.07 -10.19
C ALA A 89 6.95 5.27 -11.52
N THR A 90 7.36 6.50 -11.75
CA THR A 90 8.06 6.84 -12.97
C THR A 90 9.42 7.47 -12.65
N GLY A 91 10.34 7.34 -13.59
CA GLY A 91 11.67 7.90 -13.41
C GLY A 91 12.52 7.01 -12.50
N LEU A 92 12.64 5.75 -12.89
CA LEU A 92 13.42 4.80 -12.12
C LEU A 92 14.50 4.18 -13.01
N LYS A 93 15.41 3.46 -12.37
CA LYS A 93 16.48 2.82 -13.09
C LYS A 93 16.17 1.33 -13.26
N PRO A 94 16.43 0.83 -14.51
CA PRO A 94 16.18 -0.56 -14.81
C PRO A 94 17.23 -1.47 -14.18
N GLU A 95 16.97 -2.77 -14.24
CA GLU A 95 17.89 -3.74 -13.67
C GLU A 95 18.25 -3.37 -12.24
N SER A 96 17.21 -3.16 -11.44
CA SER A 96 17.40 -2.79 -10.04
C SER A 96 16.20 -3.23 -9.22
N VAL A 97 16.18 -2.80 -7.97
CA VAL A 97 15.09 -3.14 -7.07
C VAL A 97 14.69 -1.90 -6.28
N TYR A 98 13.38 -1.69 -6.16
CA TYR A 98 12.86 -0.56 -5.44
C TYR A 98 11.90 -1.00 -4.33
N LEU A 99 12.15 -0.48 -3.14
CA LEU A 99 11.32 -0.82 -1.99
C LEU A 99 10.15 0.15 -1.91
N PHE A 100 8.96 -0.40 -2.05
CA PHE A 100 7.74 0.41 -1.99
C PHE A 100 7.09 0.32 -0.61
N ARG A 101 7.12 1.43 0.10
CA ARG A 101 6.54 1.49 1.43
C ARG A 101 5.18 2.20 1.38
N ILE A 102 4.13 1.41 1.57
CA ILE A 102 2.78 1.94 1.55
C ILE A 102 2.31 2.19 2.99
N THR A 103 1.67 3.34 3.17
CA THR A 103 1.18 3.70 4.49
C THR A 103 -0.10 4.54 4.35
N ALA A 104 -0.82 4.64 5.47
CA ALA A 104 -2.06 5.40 5.49
C ALA A 104 -1.91 6.58 6.46
N GLN A 105 -2.71 7.61 6.23
CA GLN A 105 -2.68 8.79 7.07
C GLN A 105 -4.04 9.01 7.71
N THR A 106 -4.04 9.06 9.04
CA THR A 106 -5.27 9.26 9.78
C THR A 106 -5.14 10.49 10.69
N ARG A 107 -6.10 10.62 11.59
CA ARG A 107 -6.11 11.74 12.52
C ARG A 107 -5.06 11.52 13.61
N LYS A 108 -4.38 10.39 13.52
CA LYS A 108 -3.35 10.05 14.50
C LYS A 108 -1.97 10.35 13.90
N GLY A 109 -1.79 9.89 12.67
CA GLY A 109 -0.53 10.10 11.98
C GLY A 109 -0.35 9.08 10.85
N TRP A 110 0.72 8.30 10.96
CA TRP A 110 1.01 7.29 9.97
C TRP A 110 1.21 5.95 10.68
N GLY A 111 0.27 5.05 10.47
CA GLY A 111 0.33 3.73 11.08
C GLY A 111 1.39 2.86 10.40
N GLU A 112 1.20 1.56 10.54
CA GLU A 112 2.12 0.60 9.94
C GLU A 112 2.39 0.97 8.48
N ALA A 113 3.32 0.24 7.88
CA ALA A 113 3.70 0.48 6.50
C ALA A 113 4.07 -0.84 5.84
N ALA A 114 3.50 -1.07 4.66
CA ALA A 114 3.76 -2.28 3.92
C ALA A 114 4.93 -2.05 2.97
N GLU A 115 5.98 -2.85 3.18
CA GLU A 115 7.17 -2.74 2.34
C GLU A 115 7.17 -3.84 1.29
N ALA A 116 7.26 -3.41 0.04
CA ALA A 116 7.27 -4.35 -1.08
C ALA A 116 8.36 -3.93 -2.07
N LEU A 117 9.28 -4.84 -2.31
CA LEU A 117 10.37 -4.58 -3.24
C LEU A 117 9.97 -5.07 -4.64
N VAL A 118 10.26 -4.24 -5.63
CA VAL A 118 9.95 -4.58 -7.00
C VAL A 118 11.16 -4.27 -7.89
N VAL A 119 11.62 -5.31 -8.58
CA VAL A 119 12.76 -5.17 -9.47
C VAL A 119 12.31 -4.57 -10.79
N THR A 120 13.18 -3.76 -11.37
CA THR A 120 12.89 -3.12 -12.64
C THR A 120 13.45 -3.95 -13.80
N THR A 121 12.53 -4.42 -14.64
CA THR A 121 12.92 -5.22 -15.79
C THR A 121 11.68 -5.61 -16.60
N GLU A 122 11.94 -6.18 -17.77
CA GLU A 122 10.86 -6.60 -18.65
C GLU A 122 10.67 -8.12 -18.56
N LYS A 123 9.60 -8.52 -17.90
CA LYS A 123 9.29 -9.93 -17.73
C LYS A 123 7.99 -10.25 -18.48
N ARG A 124 7.70 -11.55 -18.54
CA ARG A 124 6.49 -12.00 -19.21
C ARG A 124 5.34 -12.14 -18.21
N SER A 125 4.19 -11.62 -18.61
CA SER A 125 3.01 -11.68 -17.77
C SER A 125 2.50 -13.11 -17.68
N GLY A 126 1.76 -13.38 -16.61
CA GLY A 126 1.21 -14.70 -16.39
C GLY A 126 1.03 -14.98 -14.90
N PRO A 127 -0.09 -14.45 -14.35
CA PRO A 127 -0.40 -14.63 -12.94
C PRO A 127 -0.91 -16.05 -12.67
N SER A 128 -1.04 -16.36 -11.39
CA SER A 128 -1.53 -17.67 -10.98
C SER A 128 -2.31 -17.56 -9.68
N SER A 129 -3.36 -18.37 -9.58
CA SER A 129 -4.20 -18.38 -8.40
C SER A 129 -4.91 -17.04 -8.26
N GLY A 130 -5.90 -17.01 -7.38
CA GLY A 130 -6.66 -15.80 -7.15
C GLY A 130 -5.85 -14.78 -6.35
N GLY A 1 -63.75 -3.06 -15.10
CA GLY A 1 -63.66 -4.24 -14.27
C GLY A 1 -62.20 -4.68 -14.10
N SER A 2 -61.90 -5.85 -14.64
CA SER A 2 -60.56 -6.40 -14.55
C SER A 2 -60.22 -6.72 -13.10
N SER A 3 -59.41 -7.77 -12.93
CA SER A 3 -59.01 -8.20 -11.61
C SER A 3 -58.05 -9.39 -11.71
N GLY A 4 -57.31 -9.60 -10.64
CA GLY A 4 -56.34 -10.70 -10.60
C GLY A 4 -55.25 -10.42 -9.57
N SER A 5 -54.53 -11.47 -9.21
CA SER A 5 -53.45 -11.36 -8.25
C SER A 5 -52.75 -12.71 -8.09
N SER A 6 -51.43 -12.64 -7.93
CA SER A 6 -50.63 -13.84 -7.77
C SER A 6 -49.18 -13.46 -7.49
N GLY A 7 -48.44 -14.41 -6.94
CA GLY A 7 -47.04 -14.20 -6.61
C GLY A 7 -46.38 -15.50 -6.15
N ARG A 8 -45.18 -15.36 -5.61
CA ARG A 8 -44.43 -16.50 -5.13
C ARG A 8 -43.80 -16.19 -3.77
N ILE A 9 -43.37 -17.24 -3.10
CA ILE A 9 -42.75 -17.11 -1.79
C ILE A 9 -41.28 -16.71 -1.97
N GLY A 10 -40.67 -16.30 -0.87
CA GLY A 10 -39.27 -15.90 -0.89
C GLY A 10 -38.47 -16.65 0.19
N ASP A 11 -37.40 -16.00 0.62
CA ASP A 11 -36.54 -16.58 1.64
C ASP A 11 -35.38 -15.64 1.91
N GLY A 12 -34.96 -15.61 3.18
CA GLY A 12 -33.86 -14.76 3.58
C GLY A 12 -34.19 -13.99 4.86
N SER A 13 -33.22 -13.94 5.76
CA SER A 13 -33.40 -13.25 7.02
C SER A 13 -32.08 -13.19 7.79
N PRO A 14 -31.26 -12.15 7.45
CA PRO A 14 -29.97 -11.97 8.09
C PRO A 14 -30.14 -11.43 9.52
N SER A 15 -29.29 -11.92 10.40
CA SER A 15 -29.33 -11.49 11.79
C SER A 15 -27.93 -11.59 12.41
N HIS A 16 -27.23 -10.47 12.35
CA HIS A 16 -25.88 -10.42 12.90
C HIS A 16 -25.68 -9.09 13.63
N PRO A 17 -24.85 -9.14 14.71
CA PRO A 17 -24.57 -7.95 15.50
C PRO A 17 -23.61 -7.02 14.76
N PRO A 18 -23.51 -5.77 15.28
CA PRO A 18 -22.64 -4.77 14.68
C PRO A 18 -21.17 -5.06 15.01
N ILE A 19 -20.35 -5.00 13.97
CA ILE A 19 -18.92 -5.25 14.14
C ILE A 19 -18.30 -4.11 14.96
N LEU A 20 -17.52 -4.51 15.95
CA LEU A 20 -16.86 -3.53 16.82
C LEU A 20 -15.49 -4.09 17.25
N GLU A 21 -14.45 -3.44 16.74
CA GLU A 21 -13.09 -3.86 17.07
C GLU A 21 -12.27 -2.65 17.52
N ARG A 22 -11.38 -2.90 18.46
CA ARG A 22 -10.52 -1.85 18.98
C ARG A 22 -11.36 -0.77 19.66
N THR A 23 -11.26 -0.73 20.98
CA THR A 23 -12.00 0.26 21.76
C THR A 23 -11.44 1.67 21.53
N LEU A 24 -10.15 1.80 21.83
CA LEU A 24 -9.48 3.08 21.66
C LEU A 24 -9.00 3.22 20.21
N ASP A 25 -9.13 4.43 19.69
CA ASP A 25 -8.70 4.70 18.33
C ASP A 25 -7.18 4.70 18.25
N ASP A 26 -6.67 4.65 17.03
CA ASP A 26 -5.24 4.64 16.81
C ASP A 26 -4.96 4.46 15.32
N VAL A 27 -3.81 4.98 14.89
CA VAL A 27 -3.42 4.89 13.50
C VAL A 27 -3.77 3.50 12.96
N PRO A 28 -3.87 3.41 11.61
CA PRO A 28 -4.20 2.15 10.96
C PRO A 28 -3.00 1.21 10.96
N GLY A 29 -3.25 -0.02 10.53
CA GLY A 29 -2.20 -1.02 10.47
C GLY A 29 -1.48 -0.99 9.12
N PRO A 30 -0.68 -2.06 8.87
CA PRO A 30 0.06 -2.17 7.62
C PRO A 30 -0.87 -2.56 6.46
N PRO A 31 -0.65 -1.87 5.31
CA PRO A 31 -1.46 -2.14 4.13
C PRO A 31 -1.06 -3.46 3.47
N MET A 32 -1.93 -4.44 3.61
CA MET A 32 -1.68 -5.76 3.05
C MET A 32 -2.24 -5.86 1.63
N GLY A 33 -1.85 -6.91 0.93
CA GLY A 33 -2.31 -7.13 -0.42
C GLY A 33 -1.49 -6.31 -1.43
N ILE A 34 -0.17 -6.41 -1.27
CA ILE A 34 0.74 -5.68 -2.15
C ILE A 34 1.15 -6.59 -3.31
N LEU A 35 0.72 -6.21 -4.50
CA LEU A 35 1.04 -6.98 -5.69
C LEU A 35 1.51 -6.02 -6.80
N PHE A 36 2.36 -6.56 -7.67
CA PHE A 36 2.88 -5.77 -8.77
C PHE A 36 2.41 -6.32 -10.12
N PRO A 37 1.26 -5.76 -10.59
CA PRO A 37 0.68 -6.19 -11.86
C PRO A 37 1.49 -5.63 -13.03
N GLU A 38 1.71 -4.32 -12.99
CA GLU A 38 2.45 -3.66 -14.05
C GLU A 38 3.78 -3.11 -13.50
N VAL A 39 4.87 -3.65 -14.02
CA VAL A 39 6.19 -3.24 -13.58
C VAL A 39 7.12 -3.18 -14.80
N ARG A 40 7.59 -1.97 -15.09
CA ARG A 40 8.49 -1.77 -16.22
C ARG A 40 9.89 -1.42 -15.72
N THR A 41 10.70 -0.93 -16.65
CA THR A 41 12.07 -0.56 -16.32
C THR A 41 12.09 0.72 -15.48
N THR A 42 11.99 1.85 -16.17
CA THR A 42 11.99 3.13 -15.51
C THR A 42 10.57 3.55 -15.16
N SER A 43 9.71 2.56 -14.99
CA SER A 43 8.32 2.81 -14.66
C SER A 43 7.66 1.52 -14.15
N VAL A 44 6.90 1.67 -13.07
CA VAL A 44 6.22 0.54 -12.47
C VAL A 44 4.86 1.00 -11.94
N ARG A 45 4.06 0.02 -11.54
CA ARG A 45 2.74 0.31 -11.00
C ARG A 45 2.25 -0.86 -10.14
N LEU A 46 2.23 -0.63 -8.84
CA LEU A 46 1.78 -1.65 -7.91
C LEU A 46 0.41 -1.26 -7.35
N ILE A 47 -0.20 -2.21 -6.65
CA ILE A 47 -1.50 -1.99 -6.06
C ILE A 47 -1.53 -2.56 -4.65
N TRP A 48 -2.20 -1.85 -3.76
CA TRP A 48 -2.30 -2.27 -2.37
C TRP A 48 -3.78 -2.20 -1.96
N GLN A 49 -4.04 -2.58 -0.72
CA GLN A 49 -5.39 -2.56 -0.20
C GLN A 49 -5.40 -1.91 1.19
N PRO A 50 -6.63 -1.48 1.60
CA PRO A 50 -6.80 -0.85 2.90
C PRO A 50 -6.75 -1.89 4.03
N PRO A 51 -6.33 -1.41 5.23
CA PRO A 51 -6.23 -2.28 6.39
C PRO A 51 -7.61 -2.60 6.96
N ALA A 52 -7.92 -3.89 7.00
CA ALA A 52 -9.20 -4.34 7.51
C ALA A 52 -9.54 -3.57 8.78
N ALA A 53 -8.48 -3.16 9.48
CA ALA A 53 -8.66 -2.42 10.72
C ALA A 53 -8.05 -1.02 10.55
N PRO A 54 -8.88 -0.10 9.99
CA PRO A 54 -8.44 1.27 9.76
C PRO A 54 -8.41 2.06 11.08
N ASN A 55 -9.36 1.74 11.94
CA ASN A 55 -9.45 2.40 13.23
C ASN A 55 -9.17 3.89 13.05
N GLY A 56 -9.71 4.45 11.98
CA GLY A 56 -9.53 5.85 11.69
C GLY A 56 -9.83 6.15 10.21
N ILE A 57 -10.62 7.19 10.02
CA ILE A 57 -10.99 7.60 8.66
C ILE A 57 -9.73 8.00 7.89
N ILE A 58 -9.36 7.14 6.95
CA ILE A 58 -8.19 7.38 6.14
C ILE A 58 -8.29 8.77 5.49
N LEU A 59 -7.22 9.53 5.61
CA LEU A 59 -7.19 10.87 5.04
C LEU A 59 -6.32 10.86 3.77
N ALA A 60 -5.44 9.87 3.70
CA ALA A 60 -4.56 9.74 2.56
C ALA A 60 -3.57 8.60 2.80
N TYR A 61 -2.59 8.51 1.92
CA TYR A 61 -1.58 7.47 2.04
C TYR A 61 -0.20 8.01 1.66
N GLN A 62 0.81 7.17 1.88
CA GLN A 62 2.18 7.56 1.56
C GLN A 62 2.90 6.41 0.84
N ILE A 63 3.59 6.76 -0.22
CA ILE A 63 4.33 5.78 -1.00
C ILE A 63 5.77 6.25 -1.17
N THR A 64 6.69 5.42 -0.70
CA THR A 64 8.10 5.74 -0.80
C THR A 64 8.83 4.70 -1.66
N HIS A 65 9.66 5.21 -2.57
CA HIS A 65 10.40 4.35 -3.46
C HIS A 65 11.90 4.52 -3.21
N ARG A 66 12.59 3.40 -3.06
CA ARG A 66 14.01 3.41 -2.81
C ARG A 66 14.65 2.09 -3.26
N LEU A 67 15.77 2.22 -3.96
CA LEU A 67 16.47 1.05 -4.46
C LEU A 67 16.92 0.20 -3.27
N ASN A 68 16.76 -1.10 -3.43
CA ASN A 68 17.14 -2.04 -2.38
C ASN A 68 18.65 -2.25 -2.42
N THR A 69 19.30 -1.53 -3.34
CA THR A 69 20.74 -1.62 -3.50
C THR A 69 21.33 -0.26 -3.83
N THR A 70 21.45 0.57 -2.80
CA THR A 70 22.00 1.90 -2.97
C THR A 70 22.51 2.44 -1.64
N THR A 71 22.98 3.69 -1.68
CA THR A 71 23.48 4.33 -0.48
C THR A 71 22.33 4.83 0.40
N ALA A 72 21.12 4.55 -0.07
CA ALA A 72 19.93 4.96 0.66
C ALA A 72 19.87 6.49 0.69
N ASN A 73 20.41 7.05 1.77
CA ASN A 73 20.41 8.50 1.93
C ASN A 73 18.99 8.98 2.23
N THR A 74 18.12 8.78 1.24
CA THR A 74 16.73 9.19 1.39
C THR A 74 15.86 8.45 0.37
N ALA A 75 14.56 8.52 0.60
CA ALA A 75 13.61 7.86 -0.28
C ALA A 75 12.52 8.87 -0.70
N THR A 76 12.29 8.93 -2.00
CA THR A 76 11.29 9.84 -2.53
C THR A 76 9.90 9.47 -2.02
N VAL A 77 9.50 10.13 -0.95
CA VAL A 77 8.20 9.88 -0.35
C VAL A 77 7.14 10.67 -1.11
N GLU A 78 5.95 10.07 -1.19
CA GLU A 78 4.84 10.71 -1.89
C GLU A 78 3.53 10.46 -1.14
N VAL A 79 2.76 11.51 -1.00
CA VAL A 79 1.49 11.42 -0.31
C VAL A 79 0.37 11.19 -1.33
N LEU A 80 -0.46 10.19 -1.04
CA LEU A 80 -1.56 9.86 -1.93
C LEU A 80 -2.88 10.17 -1.22
N ALA A 81 -3.96 10.04 -1.98
CA ALA A 81 -5.29 10.30 -1.44
C ALA A 81 -5.75 9.09 -0.63
N PRO A 82 -6.84 9.31 0.15
CA PRO A 82 -7.39 8.24 0.98
C PRO A 82 -8.16 7.23 0.13
N SER A 83 -8.20 7.50 -1.17
CA SER A 83 -8.89 6.62 -2.10
C SER A 83 -7.91 6.12 -3.17
N ALA A 84 -6.68 5.93 -2.75
CA ALA A 84 -5.64 5.46 -3.65
C ALA A 84 -5.39 3.97 -3.41
N ARG A 85 -5.72 3.17 -4.42
CA ARG A 85 -5.54 1.73 -4.32
C ARG A 85 -4.23 1.31 -5.01
N GLN A 86 -3.78 2.17 -5.90
CA GLN A 86 -2.55 1.90 -6.63
C GLN A 86 -1.78 3.21 -6.89
N TYR A 87 -0.52 3.06 -7.23
CA TYR A 87 0.33 4.21 -7.50
C TYR A 87 1.36 3.89 -8.58
N THR A 88 1.56 4.85 -9.46
CA THR A 88 2.52 4.68 -10.55
C THR A 88 3.88 5.27 -10.15
N ALA A 89 4.91 4.45 -10.34
CA ALA A 89 6.26 4.87 -10.00
C ALA A 89 7.07 5.03 -11.29
N THR A 90 7.47 6.27 -11.55
CA THR A 90 8.25 6.56 -12.74
C THR A 90 9.60 7.16 -12.36
N GLY A 91 10.51 7.18 -13.33
CA GLY A 91 11.84 7.71 -13.11
C GLY A 91 12.67 6.77 -12.22
N LEU A 92 12.70 5.51 -12.63
CA LEU A 92 13.45 4.51 -11.90
C LEU A 92 14.52 3.91 -12.81
N LYS A 93 15.53 3.32 -12.17
CA LYS A 93 16.63 2.72 -12.91
C LYS A 93 16.32 1.24 -13.14
N PRO A 94 16.53 0.79 -14.40
CA PRO A 94 16.28 -0.60 -14.77
C PRO A 94 17.38 -1.51 -14.22
N GLU A 95 17.07 -2.80 -14.19
CA GLU A 95 18.02 -3.79 -13.70
C GLU A 95 18.32 -3.54 -12.22
N SER A 96 17.26 -3.27 -11.47
CA SER A 96 17.38 -3.01 -10.05
C SER A 96 16.06 -3.31 -9.34
N VAL A 97 16.08 -3.14 -8.03
CA VAL A 97 14.90 -3.39 -7.23
C VAL A 97 14.53 -2.12 -6.45
N TYR A 98 13.24 -1.83 -6.42
CA TYR A 98 12.76 -0.64 -5.72
C TYR A 98 11.72 -1.03 -4.66
N LEU A 99 12.02 -0.66 -3.42
CA LEU A 99 11.13 -0.95 -2.32
C LEU A 99 9.98 0.05 -2.32
N PHE A 100 8.79 -0.45 -2.00
CA PHE A 100 7.60 0.39 -1.96
C PHE A 100 6.97 0.36 -0.57
N ARG A 101 7.08 1.49 0.11
CA ARG A 101 6.52 1.62 1.45
C ARG A 101 5.17 2.32 1.40
N ILE A 102 4.12 1.55 1.61
CA ILE A 102 2.77 2.09 1.60
C ILE A 102 2.32 2.37 3.03
N THR A 103 1.66 3.51 3.20
CA THR A 103 1.17 3.90 4.52
C THR A 103 -0.11 4.72 4.37
N ALA A 104 -0.87 4.77 5.47
CA ALA A 104 -2.11 5.52 5.49
C ALA A 104 -2.00 6.66 6.49
N GLN A 105 -2.82 7.69 6.27
CA GLN A 105 -2.82 8.85 7.14
C GLN A 105 -4.20 9.05 7.76
N THR A 106 -4.23 9.08 9.08
CA THR A 106 -5.48 9.26 9.80
C THR A 106 -5.38 10.47 10.72
N ARG A 107 -6.37 10.59 11.60
CA ARG A 107 -6.41 11.69 12.55
C ARG A 107 -5.38 11.48 13.65
N LYS A 108 -4.79 10.30 13.65
CA LYS A 108 -3.79 9.96 14.65
C LYS A 108 -2.39 10.20 14.06
N GLY A 109 -2.21 9.74 12.83
CA GLY A 109 -0.94 9.91 12.15
C GLY A 109 -0.74 8.81 11.09
N TRP A 110 0.51 8.40 10.94
CA TRP A 110 0.85 7.38 9.97
C TRP A 110 1.12 6.08 10.73
N GLY A 111 0.33 5.06 10.42
CA GLY A 111 0.48 3.77 11.06
C GLY A 111 1.55 2.93 10.37
N GLU A 112 1.45 1.62 10.56
CA GLU A 112 2.40 0.71 9.96
C GLU A 112 2.59 1.03 8.47
N ALA A 113 3.57 0.37 7.88
CA ALA A 113 3.87 0.58 6.47
C ALA A 113 4.20 -0.77 5.82
N ALA A 114 3.61 -0.99 4.66
CA ALA A 114 3.84 -2.23 3.93
C ALA A 114 4.98 -2.02 2.93
N GLU A 115 6.04 -2.79 3.13
CA GLU A 115 7.20 -2.71 2.26
C GLU A 115 7.13 -3.79 1.18
N ALA A 116 7.14 -3.35 -0.07
CA ALA A 116 7.08 -4.26 -1.19
C ALA A 116 8.18 -3.91 -2.19
N LEU A 117 9.03 -4.90 -2.46
CA LEU A 117 10.13 -4.71 -3.39
C LEU A 117 9.68 -5.14 -4.79
N VAL A 118 10.22 -4.45 -5.79
CA VAL A 118 9.89 -4.75 -7.17
C VAL A 118 11.11 -4.46 -8.05
N VAL A 119 11.48 -5.45 -8.85
CA VAL A 119 12.61 -5.31 -9.74
C VAL A 119 12.14 -4.71 -11.06
N THR A 120 12.99 -3.88 -11.64
CA THR A 120 12.68 -3.23 -12.90
C THR A 120 13.38 -3.95 -14.05
N THR A 121 12.58 -4.52 -14.94
CA THR A 121 13.10 -5.23 -16.09
C THR A 121 11.96 -5.73 -16.99
N GLU A 122 12.33 -6.19 -18.17
CA GLU A 122 11.36 -6.69 -19.12
C GLU A 122 11.40 -8.21 -19.17
N LYS A 123 10.39 -8.81 -18.54
CA LYS A 123 10.30 -10.26 -18.51
C LYS A 123 9.01 -10.71 -19.20
N ARG A 124 9.18 -11.24 -20.41
CA ARG A 124 8.04 -11.71 -21.18
C ARG A 124 7.65 -13.12 -20.75
N SER A 125 6.72 -13.18 -19.80
CA SER A 125 6.26 -14.46 -19.30
C SER A 125 4.83 -14.71 -19.76
N GLY A 126 3.92 -13.88 -19.26
CA GLY A 126 2.52 -14.00 -19.61
C GLY A 126 1.64 -14.21 -18.37
N PRO A 127 0.32 -14.29 -18.60
CA PRO A 127 -0.62 -14.49 -17.52
C PRO A 127 -0.59 -15.93 -17.01
N SER A 128 -1.44 -16.21 -16.04
CA SER A 128 -1.51 -17.54 -15.45
C SER A 128 -2.79 -17.68 -14.61
N SER A 129 -3.07 -18.92 -14.23
CA SER A 129 -4.25 -19.20 -13.42
C SER A 129 -4.00 -18.78 -11.97
N GLY A 130 -2.99 -19.40 -11.39
CA GLY A 130 -2.63 -19.12 -10.01
C GLY A 130 -2.15 -20.38 -9.29
N GLY A 1 -4.08 30.59 10.41
CA GLY A 1 -4.66 31.05 9.15
C GLY A 1 -4.10 30.23 7.98
N SER A 2 -5.02 29.67 7.21
CA SER A 2 -4.64 28.86 6.07
C SER A 2 -5.88 28.52 5.23
N SER A 3 -5.69 28.57 3.92
CA SER A 3 -6.78 28.27 3.00
C SER A 3 -6.23 28.03 1.59
N GLY A 4 -6.84 27.08 0.91
CA GLY A 4 -6.42 26.74 -0.44
C GLY A 4 -6.93 25.35 -0.84
N SER A 5 -8.24 25.27 -1.04
CA SER A 5 -8.86 24.01 -1.43
C SER A 5 -9.51 24.16 -2.80
N SER A 6 -9.40 23.09 -3.59
CA SER A 6 -9.97 23.09 -4.92
C SER A 6 -11.44 22.64 -4.86
N GLY A 7 -12.29 23.58 -4.48
CA GLY A 7 -13.71 23.30 -4.38
C GLY A 7 -13.96 21.99 -3.65
N ARG A 8 -15.15 21.45 -3.85
CA ARG A 8 -15.53 20.19 -3.22
C ARG A 8 -16.36 19.34 -4.18
N ILE A 9 -15.78 18.22 -4.58
CA ILE A 9 -16.46 17.32 -5.50
C ILE A 9 -16.51 15.92 -4.87
N GLY A 10 -17.60 15.66 -4.17
CA GLY A 10 -17.79 14.37 -3.51
C GLY A 10 -17.99 13.27 -4.55
N ASP A 11 -17.36 12.13 -4.29
CA ASP A 11 -17.45 11.00 -5.18
C ASP A 11 -16.60 9.84 -4.65
N GLY A 12 -17.12 8.64 -4.78
CA GLY A 12 -16.42 7.46 -4.31
C GLY A 12 -17.03 6.94 -3.01
N SER A 13 -17.41 5.67 -3.04
CA SER A 13 -18.02 5.05 -1.87
C SER A 13 -18.15 3.54 -2.10
N PRO A 14 -17.13 2.78 -1.62
CA PRO A 14 -17.13 1.34 -1.76
C PRO A 14 -18.12 0.69 -0.78
N SER A 15 -19.39 0.78 -1.14
CA SER A 15 -20.44 0.20 -0.31
C SER A 15 -20.50 0.95 1.03
N HIS A 16 -21.62 0.77 1.71
CA HIS A 16 -21.83 1.41 3.00
C HIS A 16 -21.82 0.36 4.11
N PRO A 17 -20.84 0.51 5.04
CA PRO A 17 -20.70 -0.42 6.15
C PRO A 17 -21.78 -0.18 7.20
N PRO A 18 -22.10 -1.26 7.96
CA PRO A 18 -23.11 -1.17 9.00
C PRO A 18 -22.57 -0.42 10.23
N ILE A 19 -23.41 -0.34 11.24
CA ILE A 19 -23.05 0.34 12.47
C ILE A 19 -21.79 -0.33 13.07
N LEU A 20 -20.88 0.51 13.54
CA LEU A 20 -19.66 0.02 14.13
C LEU A 20 -19.02 1.12 14.98
N GLU A 21 -19.19 0.97 16.29
CA GLU A 21 -18.64 1.95 17.23
C GLU A 21 -17.20 1.62 17.55
N ARG A 22 -16.45 2.66 17.87
CA ARG A 22 -15.04 2.49 18.21
C ARG A 22 -14.62 3.48 19.29
N THR A 23 -14.58 3.00 20.52
CA THR A 23 -14.21 3.83 21.65
C THR A 23 -12.72 4.18 21.59
N LEU A 24 -11.93 3.17 21.26
CA LEU A 24 -10.49 3.36 21.17
C LEU A 24 -10.16 4.08 19.85
N ASP A 25 -8.87 4.26 19.61
CA ASP A 25 -8.41 4.93 18.41
C ASP A 25 -6.88 4.82 18.32
N ASP A 26 -6.39 4.82 17.10
CA ASP A 26 -4.97 4.73 16.86
C ASP A 26 -4.70 4.52 15.37
N VAL A 27 -3.52 4.95 14.95
CA VAL A 27 -3.14 4.83 13.55
C VAL A 27 -3.61 3.46 13.01
N PRO A 28 -3.72 3.38 11.67
CA PRO A 28 -4.15 2.15 11.02
C PRO A 28 -3.03 1.11 11.02
N GLY A 29 -3.30 -0.01 10.37
CA GLY A 29 -2.33 -1.08 10.29
C GLY A 29 -1.65 -1.12 8.93
N PRO A 30 -0.91 -2.22 8.68
CA PRO A 30 -0.20 -2.39 7.42
C PRO A 30 -1.17 -2.73 6.28
N PRO A 31 -0.98 -2.05 5.13
CA PRO A 31 -1.83 -2.27 3.98
C PRO A 31 -1.47 -3.58 3.28
N MET A 32 -2.36 -4.56 3.45
CA MET A 32 -2.14 -5.87 2.84
C MET A 32 -2.71 -5.91 1.42
N GLY A 33 -2.22 -6.88 0.66
CA GLY A 33 -2.66 -7.04 -0.72
C GLY A 33 -1.74 -6.30 -1.68
N ILE A 34 -0.45 -6.37 -1.39
CA ILE A 34 0.54 -5.70 -2.23
C ILE A 34 0.94 -6.63 -3.38
N LEU A 35 0.73 -6.13 -4.59
CA LEU A 35 1.06 -6.89 -5.79
C LEU A 35 1.50 -5.95 -6.89
N PHE A 36 2.39 -6.45 -7.74
CA PHE A 36 2.90 -5.66 -8.85
C PHE A 36 2.44 -6.22 -10.19
N PRO A 37 1.27 -5.71 -10.67
CA PRO A 37 0.72 -6.15 -11.93
C PRO A 37 1.50 -5.57 -13.12
N GLU A 38 1.70 -4.26 -13.06
CA GLU A 38 2.43 -3.58 -14.12
C GLU A 38 3.75 -3.03 -13.57
N VAL A 39 4.84 -3.53 -14.14
CA VAL A 39 6.16 -3.10 -13.72
C VAL A 39 7.07 -2.98 -14.95
N ARG A 40 7.67 -1.82 -15.10
CA ARG A 40 8.55 -1.56 -16.23
C ARG A 40 9.95 -1.20 -15.73
N THR A 41 10.77 -0.73 -16.66
CA THR A 41 12.13 -0.35 -16.32
C THR A 41 12.13 0.93 -15.48
N THR A 42 12.01 2.06 -16.17
CA THR A 42 12.00 3.35 -15.50
C THR A 42 10.57 3.73 -15.12
N SER A 43 9.75 2.72 -14.91
CA SER A 43 8.35 2.94 -14.54
C SER A 43 7.73 1.64 -14.05
N VAL A 44 6.86 1.77 -13.06
CA VAL A 44 6.19 0.61 -12.50
C VAL A 44 4.82 1.04 -11.95
N ARG A 45 4.02 0.05 -11.57
CA ARG A 45 2.71 0.30 -11.03
C ARG A 45 2.25 -0.88 -10.18
N LEU A 46 2.06 -0.60 -8.89
CA LEU A 46 1.62 -1.62 -7.97
C LEU A 46 0.23 -1.27 -7.44
N ILE A 47 -0.38 -2.23 -6.75
CA ILE A 47 -1.70 -2.03 -6.19
C ILE A 47 -1.76 -2.63 -4.79
N TRP A 48 -2.37 -1.88 -3.87
CA TRP A 48 -2.49 -2.33 -2.50
C TRP A 48 -3.97 -2.23 -2.10
N GLN A 49 -4.22 -2.45 -0.82
CA GLN A 49 -5.57 -2.38 -0.29
C GLN A 49 -5.57 -1.78 1.11
N PRO A 50 -6.78 -1.31 1.53
CA PRO A 50 -6.93 -0.71 2.85
C PRO A 50 -6.90 -1.78 3.94
N PRO A 51 -6.45 -1.35 5.16
CA PRO A 51 -6.37 -2.25 6.29
C PRO A 51 -7.76 -2.53 6.87
N ALA A 52 -8.09 -3.81 6.95
CA ALA A 52 -9.38 -4.22 7.48
C ALA A 52 -9.66 -3.44 8.77
N ALA A 53 -8.59 -3.09 9.46
CA ALA A 53 -8.71 -2.35 10.70
C ALA A 53 -8.07 -0.98 10.54
N PRO A 54 -8.88 -0.02 10.01
CA PRO A 54 -8.40 1.33 9.80
C PRO A 54 -8.30 2.10 11.12
N ASN A 55 -9.24 1.79 12.02
CA ASN A 55 -9.27 2.44 13.31
C ASN A 55 -8.93 3.92 13.15
N GLY A 56 -9.51 4.52 12.13
CA GLY A 56 -9.29 5.92 11.84
C GLY A 56 -9.57 6.25 10.38
N ILE A 57 -10.39 7.27 10.18
CA ILE A 57 -10.75 7.69 8.83
C ILE A 57 -9.48 8.07 8.07
N ILE A 58 -9.16 7.25 7.08
CA ILE A 58 -7.98 7.48 6.26
C ILE A 58 -8.08 8.87 5.62
N LEU A 59 -6.97 9.59 5.70
CA LEU A 59 -6.91 10.93 5.13
C LEU A 59 -6.08 10.91 3.85
N ALA A 60 -5.22 9.90 3.76
CA ALA A 60 -4.36 9.76 2.60
C ALA A 60 -3.40 8.59 2.82
N TYR A 61 -2.43 8.48 1.93
CA TYR A 61 -1.44 7.42 2.02
C TYR A 61 -0.07 7.92 1.57
N GLN A 62 0.91 7.05 1.74
CA GLN A 62 2.28 7.38 1.36
C GLN A 62 2.95 6.19 0.66
N ILE A 63 3.60 6.48 -0.45
CA ILE A 63 4.29 5.45 -1.21
C ILE A 63 5.75 5.83 -1.39
N THR A 64 6.62 5.12 -0.68
CA THR A 64 8.04 5.38 -0.75
C THR A 64 8.72 4.38 -1.69
N HIS A 65 9.93 4.72 -2.09
CA HIS A 65 10.70 3.86 -2.99
C HIS A 65 12.18 4.17 -2.84
N ARG A 66 12.97 3.11 -2.75
CA ARG A 66 14.41 3.25 -2.61
C ARG A 66 15.11 1.94 -2.99
N LEU A 67 16.14 2.08 -3.81
CA LEU A 67 16.90 0.92 -4.25
C LEU A 67 17.20 0.02 -3.06
N ASN A 68 16.82 -1.24 -3.19
CA ASN A 68 17.04 -2.21 -2.13
C ASN A 68 18.54 -2.49 -2.00
N THR A 69 19.29 -1.97 -2.96
CA THR A 69 20.73 -2.16 -2.97
C THR A 69 21.41 -1.00 -3.69
N THR A 70 21.79 0.00 -2.91
CA THR A 70 22.45 1.17 -3.45
C THR A 70 22.87 2.13 -2.33
N THR A 71 23.47 3.23 -2.73
CA THR A 71 23.92 4.23 -1.77
C THR A 71 22.72 4.98 -1.18
N ALA A 72 22.54 4.81 0.11
CA ALA A 72 21.44 5.47 0.81
C ALA A 72 21.65 6.98 0.78
N ASN A 73 20.60 7.70 1.14
CA ASN A 73 20.66 9.15 1.17
C ASN A 73 19.26 9.71 1.45
N THR A 74 18.31 9.25 0.65
CA THR A 74 16.92 9.70 0.80
C THR A 74 15.99 8.80 -0.01
N ALA A 75 14.70 8.93 0.29
CA ALA A 75 13.69 8.15 -0.40
C ALA A 75 12.59 9.07 -0.92
N THR A 76 12.46 9.10 -2.24
CA THR A 76 11.45 9.94 -2.86
C THR A 76 10.05 9.35 -2.64
N VAL A 77 9.47 9.73 -1.51
CA VAL A 77 8.14 9.25 -1.16
C VAL A 77 7.10 10.24 -1.69
N GLU A 78 5.89 9.73 -1.91
CA GLU A 78 4.81 10.54 -2.41
C GLU A 78 3.53 10.27 -1.62
N VAL A 79 2.85 11.35 -1.26
CA VAL A 79 1.61 11.25 -0.50
C VAL A 79 0.44 11.04 -1.46
N LEU A 80 -0.35 10.03 -1.15
CA LEU A 80 -1.51 9.71 -1.98
C LEU A 80 -2.79 10.07 -1.22
N ALA A 81 -3.90 9.98 -1.93
CA ALA A 81 -5.19 10.29 -1.34
C ALA A 81 -5.67 9.10 -0.52
N PRO A 82 -6.75 9.34 0.28
CA PRO A 82 -7.31 8.30 1.13
C PRO A 82 -8.10 7.30 0.29
N SER A 83 -8.26 7.62 -0.98
CA SER A 83 -9.01 6.76 -1.89
C SER A 83 -8.07 6.24 -2.99
N ALA A 84 -6.84 5.98 -2.59
CA ALA A 84 -5.85 5.47 -3.53
C ALA A 84 -5.69 3.96 -3.32
N ARG A 85 -5.83 3.23 -4.43
CA ARG A 85 -5.70 1.78 -4.38
C ARG A 85 -4.41 1.35 -5.06
N GLN A 86 -3.93 2.19 -5.96
CA GLN A 86 -2.71 1.90 -6.70
C GLN A 86 -1.94 3.20 -6.97
N TYR A 87 -0.67 3.02 -7.34
CA TYR A 87 0.17 4.17 -7.64
C TYR A 87 1.17 3.84 -8.75
N THR A 88 1.15 4.66 -9.79
CA THR A 88 2.04 4.47 -10.92
C THR A 88 3.34 5.22 -10.70
N ALA A 89 4.44 4.51 -10.86
CA ALA A 89 5.76 5.11 -10.69
C ALA A 89 6.38 5.35 -12.06
N THR A 90 7.06 6.49 -12.17
CA THR A 90 7.71 6.86 -13.42
C THR A 90 9.06 7.52 -13.14
N GLY A 91 10.02 7.20 -13.99
CA GLY A 91 11.35 7.76 -13.85
C GLY A 91 12.16 6.99 -12.80
N LEU A 92 12.24 5.68 -13.01
CA LEU A 92 12.98 4.83 -12.10
C LEU A 92 14.19 4.22 -12.83
N LYS A 93 15.01 3.53 -12.06
CA LYS A 93 16.20 2.90 -12.61
C LYS A 93 15.90 1.43 -12.91
N PRO A 94 16.25 1.01 -14.16
CA PRO A 94 16.03 -0.36 -14.57
C PRO A 94 17.06 -1.30 -13.93
N GLU A 95 16.87 -2.58 -14.18
CA GLU A 95 17.77 -3.59 -13.64
C GLU A 95 18.07 -3.30 -12.17
N SER A 96 17.02 -2.99 -11.43
CA SER A 96 17.16 -2.69 -10.02
C SER A 96 15.86 -3.00 -9.28
N VAL A 97 15.95 -3.05 -7.96
CA VAL A 97 14.80 -3.34 -7.13
C VAL A 97 14.42 -2.10 -6.32
N TYR A 98 13.13 -1.84 -6.24
CA TYR A 98 12.63 -0.70 -5.51
C TYR A 98 11.67 -1.12 -4.40
N LEU A 99 12.06 -0.78 -3.17
CA LEU A 99 11.24 -1.13 -2.01
C LEU A 99 10.08 -0.14 -1.90
N PHE A 100 8.89 -0.63 -2.21
CA PHE A 100 7.70 0.19 -2.15
C PHE A 100 7.02 0.07 -0.78
N ARG A 101 7.06 1.17 -0.04
CA ARG A 101 6.45 1.19 1.29
C ARG A 101 5.12 1.96 1.25
N ILE A 102 4.04 1.22 1.47
CA ILE A 102 2.72 1.81 1.46
C ILE A 102 2.29 2.10 2.89
N THR A 103 1.71 3.28 3.08
CA THR A 103 1.25 3.69 4.40
C THR A 103 0.01 4.58 4.27
N ALA A 104 -0.76 4.61 5.35
CA ALA A 104 -1.97 5.41 5.38
C ALA A 104 -1.80 6.57 6.36
N GLN A 105 -2.58 7.62 6.14
CA GLN A 105 -2.51 8.79 6.99
C GLN A 105 -3.86 9.04 7.67
N THR A 106 -3.83 9.09 8.99
CA THR A 106 -5.05 9.31 9.77
C THR A 106 -4.88 10.52 10.67
N ARG A 107 -5.82 10.67 11.60
CA ARG A 107 -5.80 11.78 12.53
C ARG A 107 -4.80 11.50 13.66
N LYS A 108 -4.20 10.32 13.59
CA LYS A 108 -3.22 9.92 14.59
C LYS A 108 -1.81 10.07 14.02
N GLY A 109 -1.70 9.79 12.73
CA GLY A 109 -0.42 9.89 12.05
C GLY A 109 -0.28 8.81 10.97
N TRP A 110 0.91 8.25 10.88
CA TRP A 110 1.19 7.21 9.90
C TRP A 110 1.41 5.90 10.65
N GLY A 111 0.46 4.99 10.49
CA GLY A 111 0.54 3.69 11.14
C GLY A 111 1.51 2.77 10.40
N GLU A 112 1.26 1.48 10.53
CA GLU A 112 2.10 0.48 9.89
C GLU A 112 2.25 0.81 8.39
N ALA A 113 3.24 0.17 7.78
CA ALA A 113 3.50 0.38 6.37
C ALA A 113 3.84 -0.96 5.71
N ALA A 114 3.28 -1.16 4.53
CA ALA A 114 3.52 -2.40 3.79
C ALA A 114 4.71 -2.21 2.87
N GLU A 115 5.71 -3.05 3.07
CA GLU A 115 6.93 -3.00 2.27
C GLU A 115 6.89 -4.08 1.18
N ALA A 116 7.03 -3.62 -0.06
CA ALA A 116 7.02 -4.53 -1.19
C ALA A 116 8.13 -4.13 -2.17
N LEU A 117 8.98 -5.10 -2.48
CA LEU A 117 10.08 -4.86 -3.40
C LEU A 117 9.65 -5.25 -4.82
N VAL A 118 10.14 -4.49 -5.78
CA VAL A 118 9.82 -4.73 -7.17
C VAL A 118 11.03 -4.39 -8.05
N VAL A 119 11.45 -5.37 -8.84
CA VAL A 119 12.59 -5.19 -9.72
C VAL A 119 12.11 -4.52 -11.02
N THR A 120 12.97 -3.64 -11.53
CA THR A 120 12.66 -2.94 -12.77
C THR A 120 13.32 -3.63 -13.96
N THR A 121 12.50 -4.17 -14.84
CA THR A 121 13.00 -4.85 -16.02
C THR A 121 11.84 -5.25 -16.93
N GLU A 122 12.19 -5.65 -18.14
CA GLU A 122 11.20 -6.06 -19.11
C GLU A 122 10.89 -7.55 -18.96
N LYS A 123 11.95 -8.34 -18.81
CA LYS A 123 11.81 -9.78 -18.65
C LYS A 123 10.97 -10.07 -17.41
N ARG A 124 10.08 -11.04 -17.54
CA ARG A 124 9.21 -11.42 -16.45
C ARG A 124 9.74 -12.70 -15.78
N SER A 125 10.48 -12.51 -14.70
CA SER A 125 11.03 -13.62 -13.96
C SER A 125 10.06 -14.08 -12.88
N GLY A 126 9.72 -13.14 -12.01
CA GLY A 126 8.80 -13.43 -10.93
C GLY A 126 9.53 -14.07 -9.74
N PRO A 127 9.87 -13.20 -8.74
CA PRO A 127 10.57 -13.66 -7.56
C PRO A 127 9.62 -14.42 -6.63
N SER A 128 10.22 -15.12 -5.68
CA SER A 128 9.44 -15.89 -4.71
C SER A 128 9.87 -15.55 -3.29
N SER A 129 9.05 -14.74 -2.64
CA SER A 129 9.34 -14.32 -1.27
C SER A 129 8.11 -13.63 -0.67
N GLY A 130 7.70 -12.55 -1.31
CA GLY A 130 6.55 -11.80 -0.85
C GLY A 130 6.80 -10.29 -0.95
N GLY A 1 -32.81 -32.78 59.78
CA GLY A 1 -33.18 -32.29 58.46
C GLY A 1 -33.61 -30.82 58.53
N SER A 2 -33.89 -30.26 57.35
CA SER A 2 -34.31 -28.88 57.26
C SER A 2 -34.97 -28.63 55.90
N SER A 3 -35.58 -27.45 55.79
CA SER A 3 -36.25 -27.07 54.55
C SER A 3 -35.47 -25.96 53.86
N GLY A 4 -35.86 -25.68 52.63
CA GLY A 4 -35.21 -24.64 51.85
C GLY A 4 -35.97 -24.38 50.54
N SER A 5 -36.08 -25.43 49.74
CA SER A 5 -36.78 -25.33 48.47
C SER A 5 -38.06 -24.51 48.63
N SER A 6 -38.28 -23.62 47.67
CA SER A 6 -39.45 -22.77 47.70
C SER A 6 -39.88 -22.42 46.26
N GLY A 7 -38.94 -21.79 45.55
CA GLY A 7 -39.21 -21.39 44.18
C GLY A 7 -38.70 -19.97 43.91
N ARG A 8 -39.10 -19.43 42.77
CA ARG A 8 -38.71 -18.10 42.39
C ARG A 8 -39.44 -17.65 41.13
N ILE A 9 -40.29 -16.65 41.29
CA ILE A 9 -41.06 -16.13 40.17
C ILE A 9 -40.81 -14.63 40.04
N GLY A 10 -41.16 -14.10 38.87
CA GLY A 10 -40.99 -12.68 38.62
C GLY A 10 -40.25 -12.45 37.29
N ASP A 11 -40.71 -11.44 36.57
CA ASP A 11 -40.11 -11.10 35.29
C ASP A 11 -40.43 -9.65 34.94
N GLY A 12 -39.52 -9.04 34.19
CA GLY A 12 -39.70 -7.66 33.78
C GLY A 12 -38.85 -7.33 32.56
N SER A 13 -38.95 -6.08 32.11
CA SER A 13 -38.20 -5.64 30.95
C SER A 13 -36.70 -5.69 31.25
N PRO A 14 -35.98 -6.50 30.44
CA PRO A 14 -34.55 -6.66 30.61
C PRO A 14 -33.80 -5.42 30.08
N SER A 15 -34.10 -5.07 28.83
CA SER A 15 -33.47 -3.93 28.21
C SER A 15 -31.95 -4.13 28.13
N HIS A 16 -31.43 -4.01 26.92
CA HIS A 16 -30.01 -4.18 26.70
C HIS A 16 -29.42 -2.89 26.11
N PRO A 17 -28.10 -2.69 26.38
CA PRO A 17 -27.41 -1.52 25.89
C PRO A 17 -27.13 -1.62 24.38
N PRO A 18 -26.75 -0.47 23.79
CA PRO A 18 -26.46 -0.43 22.36
C PRO A 18 -25.10 -1.06 22.06
N ILE A 19 -24.77 -1.12 20.79
CA ILE A 19 -23.51 -1.70 20.35
C ILE A 19 -22.55 -0.58 19.97
N LEU A 20 -21.30 -0.73 20.40
CA LEU A 20 -20.28 0.26 20.10
C LEU A 20 -18.99 -0.45 19.71
N GLU A 21 -18.74 -0.49 18.41
CA GLU A 21 -17.54 -1.13 17.90
C GLU A 21 -16.41 -0.12 17.73
N ARG A 22 -15.87 0.30 18.86
CA ARG A 22 -14.79 1.28 18.84
C ARG A 22 -14.35 1.61 20.27
N THR A 23 -13.50 0.75 20.82
CA THR A 23 -13.01 0.94 22.17
C THR A 23 -11.88 1.98 22.18
N LEU A 24 -10.79 1.65 21.50
CA LEU A 24 -9.66 2.54 21.43
C LEU A 24 -9.28 2.76 19.97
N ASP A 25 -8.89 3.99 19.67
CA ASP A 25 -8.50 4.35 18.32
C ASP A 25 -6.98 4.33 18.21
N ASP A 26 -6.50 4.50 16.98
CA ASP A 26 -5.06 4.50 16.73
C ASP A 26 -4.81 4.36 15.22
N VAL A 27 -3.64 4.82 14.80
CA VAL A 27 -3.27 4.75 13.40
C VAL A 27 -3.73 3.40 12.83
N PRO A 28 -3.85 3.37 11.47
CA PRO A 28 -4.27 2.15 10.79
C PRO A 28 -3.14 1.12 10.75
N GLY A 29 -3.50 -0.09 10.35
CA GLY A 29 -2.53 -1.17 10.26
C GLY A 29 -1.80 -1.14 8.93
N PRO A 30 -1.01 -2.21 8.68
CA PRO A 30 -0.26 -2.32 7.43
C PRO A 30 -1.17 -2.68 6.27
N PRO A 31 -0.92 -2.01 5.11
CA PRO A 31 -1.71 -2.26 3.92
C PRO A 31 -1.33 -3.59 3.27
N MET A 32 -2.27 -4.52 3.30
CA MET A 32 -2.04 -5.84 2.72
C MET A 32 -2.52 -5.88 1.28
N GLY A 33 -2.02 -6.86 0.55
CA GLY A 33 -2.40 -7.04 -0.85
C GLY A 33 -1.49 -6.21 -1.76
N ILE A 34 -0.20 -6.24 -1.45
CA ILE A 34 0.78 -5.51 -2.23
C ILE A 34 1.26 -6.38 -3.40
N LEU A 35 0.72 -6.09 -4.57
CA LEU A 35 1.08 -6.84 -5.76
C LEU A 35 1.50 -5.87 -6.86
N PHE A 36 2.21 -6.40 -7.84
CA PHE A 36 2.68 -5.58 -8.95
C PHE A 36 2.19 -6.16 -10.29
N PRO A 37 1.03 -5.64 -10.75
CA PRO A 37 0.45 -6.09 -12.01
C PRO A 37 1.22 -5.53 -13.20
N GLU A 38 1.42 -4.21 -13.16
CA GLU A 38 2.14 -3.54 -14.23
C GLU A 38 3.40 -2.87 -13.68
N VAL A 39 4.54 -3.40 -14.09
CA VAL A 39 5.82 -2.86 -13.65
C VAL A 39 6.81 -2.87 -14.82
N ARG A 40 7.26 -1.69 -15.18
CA ARG A 40 8.21 -1.55 -16.28
C ARG A 40 9.60 -1.21 -15.74
N THR A 41 10.44 -0.72 -16.64
CA THR A 41 11.80 -0.34 -16.27
C THR A 41 11.78 0.90 -15.40
N THR A 42 11.79 2.05 -16.05
CA THR A 42 11.78 3.32 -15.35
C THR A 42 10.34 3.76 -15.05
N SER A 43 9.46 2.78 -14.97
CA SER A 43 8.06 3.04 -14.70
C SER A 43 7.35 1.75 -14.26
N VAL A 44 6.86 1.77 -13.03
CA VAL A 44 6.18 0.63 -12.48
C VAL A 44 4.82 1.07 -11.92
N ARG A 45 3.98 0.09 -11.66
CA ARG A 45 2.65 0.36 -11.12
C ARG A 45 2.18 -0.80 -10.24
N LEU A 46 2.14 -0.55 -8.94
CA LEU A 46 1.71 -1.56 -7.99
C LEU A 46 0.38 -1.14 -7.38
N ILE A 47 -0.24 -2.08 -6.67
CA ILE A 47 -1.51 -1.82 -6.03
C ILE A 47 -1.46 -2.32 -4.58
N TRP A 48 -2.50 -1.99 -3.83
CA TRP A 48 -2.59 -2.40 -2.45
C TRP A 48 -4.05 -2.28 -2.01
N GLN A 49 -4.30 -2.67 -0.77
CA GLN A 49 -5.64 -2.61 -0.22
C GLN A 49 -5.61 -1.99 1.19
N PRO A 50 -6.80 -1.53 1.63
CA PRO A 50 -6.93 -0.91 2.95
C PRO A 50 -6.88 -1.97 4.06
N PRO A 51 -6.41 -1.52 5.25
CA PRO A 51 -6.31 -2.42 6.39
C PRO A 51 -7.69 -2.69 6.99
N ALA A 52 -8.05 -3.97 7.01
CA ALA A 52 -9.34 -4.37 7.56
C ALA A 52 -9.61 -3.58 8.84
N ALA A 53 -8.54 -3.20 9.51
CA ALA A 53 -8.65 -2.45 10.74
C ALA A 53 -8.01 -1.07 10.55
N PRO A 54 -8.82 -0.13 10.01
CA PRO A 54 -8.35 1.23 9.77
C PRO A 54 -8.25 2.01 11.08
N ASN A 55 -9.18 1.72 11.98
CA ASN A 55 -9.21 2.39 13.27
C ASN A 55 -8.88 3.87 13.07
N GLY A 56 -9.51 4.46 12.07
CA GLY A 56 -9.29 5.86 11.77
C GLY A 56 -9.65 6.18 10.31
N ILE A 57 -10.41 7.24 10.13
CA ILE A 57 -10.82 7.66 8.80
C ILE A 57 -9.58 8.03 7.98
N ILE A 58 -9.26 7.17 7.03
CA ILE A 58 -8.10 7.41 6.17
C ILE A 58 -8.20 8.80 5.57
N LEU A 59 -7.08 9.50 5.61
CA LEU A 59 -7.02 10.86 5.07
C LEU A 59 -6.18 10.86 3.79
N ALA A 60 -5.30 9.87 3.71
CA ALA A 60 -4.43 9.73 2.55
C ALA A 60 -3.47 8.57 2.77
N TYR A 61 -2.50 8.47 1.87
CA TYR A 61 -1.50 7.40 1.96
C TYR A 61 -0.12 7.90 1.54
N GLN A 62 0.86 7.04 1.69
CA GLN A 62 2.23 7.38 1.34
C GLN A 62 2.92 6.18 0.68
N ILE A 63 3.70 6.48 -0.35
CA ILE A 63 4.41 5.44 -1.08
C ILE A 63 5.87 5.86 -1.24
N THR A 64 6.74 5.09 -0.60
CA THR A 64 8.17 5.37 -0.67
C THR A 64 8.89 4.32 -1.53
N HIS A 65 9.65 4.81 -2.49
CA HIS A 65 10.38 3.94 -3.39
C HIS A 65 11.87 4.30 -3.34
N ARG A 66 12.70 3.26 -3.25
CA ARG A 66 14.14 3.45 -3.20
C ARG A 66 14.85 2.15 -3.58
N LEU A 67 15.97 2.32 -4.28
CA LEU A 67 16.76 1.18 -4.71
C LEU A 67 17.24 0.40 -3.49
N ASN A 68 16.91 -0.89 -3.47
CA ASN A 68 17.30 -1.75 -2.38
C ASN A 68 18.82 -1.83 -2.31
N THR A 69 19.45 -1.49 -3.42
CA THR A 69 20.90 -1.51 -3.51
C THR A 69 21.41 -0.40 -4.43
N THR A 70 21.81 0.70 -3.81
CA THR A 70 22.31 1.84 -4.57
C THR A 70 22.71 2.97 -3.62
N THR A 71 23.26 4.03 -4.20
CA THR A 71 23.68 5.18 -3.42
C THR A 71 22.48 6.07 -3.08
N ALA A 72 22.46 7.24 -3.72
CA ALA A 72 21.38 8.18 -3.48
C ALA A 72 21.56 8.85 -2.12
N ASN A 73 20.74 9.85 -1.87
CA ASN A 73 20.80 10.57 -0.60
C ASN A 73 19.62 10.14 0.28
N THR A 74 18.46 10.04 -0.35
CA THR A 74 17.25 9.65 0.36
C THR A 74 16.29 8.93 -0.58
N ALA A 75 15.04 8.82 -0.13
CA ALA A 75 14.02 8.16 -0.92
C ALA A 75 12.92 9.16 -1.26
N THR A 76 12.36 9.00 -2.45
CA THR A 76 11.30 9.89 -2.91
C THR A 76 9.96 9.46 -2.31
N VAL A 77 9.52 10.21 -1.32
CA VAL A 77 8.26 9.92 -0.65
C VAL A 77 7.14 10.72 -1.32
N GLU A 78 6.02 10.04 -1.54
CA GLU A 78 4.88 10.67 -2.17
C GLU A 78 3.60 10.38 -1.36
N VAL A 79 2.80 11.42 -1.19
CA VAL A 79 1.56 11.29 -0.44
C VAL A 79 0.41 11.08 -1.43
N LEU A 80 -0.39 10.07 -1.15
CA LEU A 80 -1.54 9.75 -1.99
C LEU A 80 -2.83 10.08 -1.25
N ALA A 81 -3.93 9.99 -1.97
CA ALA A 81 -5.23 10.27 -1.39
C ALA A 81 -5.71 9.06 -0.60
N PRO A 82 -6.79 9.28 0.20
CA PRO A 82 -7.36 8.21 1.02
C PRO A 82 -8.15 7.22 0.14
N SER A 83 -8.26 7.57 -1.13
CA SER A 83 -8.99 6.73 -2.06
C SER A 83 -8.05 6.21 -3.15
N ALA A 84 -6.81 5.96 -2.74
CA ALA A 84 -5.80 5.47 -3.66
C ALA A 84 -5.64 3.96 -3.46
N ARG A 85 -5.75 3.24 -4.57
CA ARG A 85 -5.63 1.79 -4.53
C ARG A 85 -4.31 1.35 -5.18
N GLN A 86 -3.83 2.20 -6.08
CA GLN A 86 -2.58 1.92 -6.77
C GLN A 86 -1.83 3.22 -7.06
N TYR A 87 -0.52 3.08 -7.25
CA TYR A 87 0.32 4.24 -7.51
C TYR A 87 1.37 3.91 -8.58
N THR A 88 1.39 4.73 -9.62
CA THR A 88 2.33 4.54 -10.72
C THR A 88 3.63 5.28 -10.42
N ALA A 89 4.74 4.55 -10.56
CA ALA A 89 6.05 5.13 -10.32
C ALA A 89 6.77 5.32 -11.65
N THR A 90 7.69 6.27 -11.66
CA THR A 90 8.45 6.56 -12.86
C THR A 90 9.79 7.23 -12.51
N GLY A 91 10.76 7.04 -13.37
CA GLY A 91 12.08 7.60 -13.16
C GLY A 91 13.00 6.60 -12.46
N LEU A 92 12.46 5.42 -12.21
CA LEU A 92 13.22 4.37 -11.55
C LEU A 92 14.30 3.86 -12.51
N LYS A 93 15.31 3.23 -11.93
CA LYS A 93 16.41 2.69 -12.71
C LYS A 93 16.11 1.22 -13.05
N PRO A 94 16.31 0.88 -14.35
CA PRO A 94 16.06 -0.47 -14.82
C PRO A 94 17.19 -1.42 -14.36
N GLU A 95 16.84 -2.70 -14.25
CA GLU A 95 17.79 -3.70 -13.83
C GLU A 95 18.19 -3.48 -12.38
N SER A 96 17.18 -3.20 -11.56
CA SER A 96 17.40 -2.98 -10.14
C SER A 96 16.16 -3.37 -9.34
N VAL A 97 16.26 -3.19 -8.04
CA VAL A 97 15.15 -3.52 -7.15
C VAL A 97 14.81 -2.30 -6.28
N TYR A 98 13.51 -2.04 -6.18
CA TYR A 98 13.05 -0.91 -5.39
C TYR A 98 12.07 -1.37 -4.31
N LEU A 99 12.22 -0.78 -3.13
CA LEU A 99 11.36 -1.12 -2.01
C LEU A 99 10.21 -0.12 -1.94
N PHE A 100 9.01 -0.64 -2.10
CA PHE A 100 7.80 0.18 -2.05
C PHE A 100 7.12 0.09 -0.69
N ARG A 101 7.16 1.19 0.03
CA ARG A 101 6.55 1.25 1.35
C ARG A 101 5.23 2.02 1.30
N ILE A 102 4.14 1.29 1.50
CA ILE A 102 2.82 1.89 1.47
C ILE A 102 2.36 2.18 2.91
N THR A 103 1.77 3.35 3.09
CA THR A 103 1.28 3.75 4.39
C THR A 103 0.04 4.61 4.26
N ALA A 104 -0.75 4.65 5.33
CA ALA A 104 -1.97 5.43 5.34
C ALA A 104 -1.78 6.66 6.25
N GLN A 105 -2.66 7.64 6.06
CA GLN A 105 -2.60 8.85 6.84
C GLN A 105 -3.93 9.09 7.55
N THR A 106 -3.87 9.11 8.87
CA THR A 106 -5.06 9.32 9.69
C THR A 106 -4.87 10.53 10.62
N ARG A 107 -5.79 10.67 11.54
CA ARG A 107 -5.74 11.77 12.50
C ARG A 107 -4.69 11.48 13.57
N LYS A 108 -4.30 10.21 13.66
CA LYS A 108 -3.31 9.80 14.63
C LYS A 108 -1.91 9.99 14.04
N GLY A 109 -1.82 9.76 12.74
CA GLY A 109 -0.55 9.90 12.05
C GLY A 109 -0.40 8.86 10.94
N TRP A 110 0.78 8.29 10.86
CA TRP A 110 1.06 7.27 9.86
C TRP A 110 1.24 5.93 10.58
N GLY A 111 0.28 5.05 10.36
CA GLY A 111 0.32 3.73 10.98
C GLY A 111 1.33 2.82 10.28
N GLU A 112 1.15 1.53 10.47
CA GLU A 112 2.04 0.54 9.87
C GLU A 112 2.26 0.87 8.38
N ALA A 113 3.25 0.21 7.81
CA ALA A 113 3.57 0.41 6.42
C ALA A 113 3.93 -0.93 5.77
N ALA A 114 3.35 -1.18 4.61
CA ALA A 114 3.60 -2.41 3.89
C ALA A 114 4.79 -2.21 2.94
N GLU A 115 5.81 -3.04 3.12
CA GLU A 115 6.99 -2.97 2.30
C GLU A 115 6.97 -4.06 1.23
N ALA A 116 7.08 -3.62 -0.02
CA ALA A 116 7.07 -4.54 -1.14
C ALA A 116 8.17 -4.15 -2.13
N LEU A 117 8.92 -5.16 -2.56
CA LEU A 117 10.00 -4.94 -3.50
C LEU A 117 9.52 -5.27 -4.92
N VAL A 118 10.07 -4.54 -5.88
CA VAL A 118 9.71 -4.75 -7.27
C VAL A 118 10.89 -4.36 -8.17
N VAL A 119 11.34 -5.34 -8.95
CA VAL A 119 12.46 -5.10 -9.85
C VAL A 119 11.96 -4.40 -11.11
N THR A 120 12.85 -3.66 -11.74
CA THR A 120 12.51 -2.93 -12.95
C THR A 120 13.09 -3.64 -14.18
N THR A 121 12.19 -4.12 -15.02
CA THR A 121 12.60 -4.83 -16.22
C THR A 121 11.37 -5.20 -17.05
N GLU A 122 11.63 -5.69 -18.25
CA GLU A 122 10.57 -6.10 -19.15
C GLU A 122 10.28 -7.59 -18.99
N LYS A 123 11.31 -8.32 -18.58
CA LYS A 123 11.18 -9.76 -18.38
C LYS A 123 10.50 -10.02 -17.03
N ARG A 124 10.19 -11.29 -16.80
CA ARG A 124 9.55 -11.69 -15.57
C ARG A 124 10.59 -12.12 -14.53
N SER A 125 11.33 -13.15 -14.89
CA SER A 125 12.37 -13.67 -14.00
C SER A 125 13.32 -14.56 -14.79
N GLY A 126 14.48 -14.83 -14.18
CA GLY A 126 15.48 -15.67 -14.81
C GLY A 126 16.22 -16.50 -13.77
N PRO A 127 15.61 -17.68 -13.45
CA PRO A 127 16.21 -18.58 -12.47
C PRO A 127 17.41 -19.32 -13.07
N SER A 128 18.48 -19.36 -12.28
CA SER A 128 19.69 -20.03 -12.72
C SER A 128 20.05 -21.16 -11.76
N SER A 129 19.63 -22.37 -12.12
CA SER A 129 19.89 -23.54 -11.30
C SER A 129 21.36 -23.93 -11.40
N GLY A 130 22.02 -23.93 -10.24
CA GLY A 130 23.42 -24.28 -10.18
C GLY A 130 23.63 -25.77 -10.52
N GLY A 1 -35.29 -40.72 -32.18
CA GLY A 1 -35.69 -39.73 -31.20
C GLY A 1 -34.47 -39.04 -30.58
N SER A 2 -34.74 -37.95 -29.86
CA SER A 2 -33.67 -37.20 -29.22
C SER A 2 -34.25 -35.99 -28.50
N SER A 3 -33.78 -35.77 -27.29
CA SER A 3 -34.25 -34.64 -26.49
C SER A 3 -33.46 -34.56 -25.18
N GLY A 4 -33.60 -33.44 -24.51
CA GLY A 4 -32.91 -33.22 -23.25
C GLY A 4 -32.65 -31.73 -23.01
N SER A 5 -32.84 -31.33 -21.76
CA SER A 5 -32.64 -29.94 -21.39
C SER A 5 -32.84 -29.77 -19.88
N SER A 6 -31.75 -29.36 -19.22
CA SER A 6 -31.80 -29.15 -17.79
C SER A 6 -30.45 -28.61 -17.30
N GLY A 7 -30.45 -27.32 -16.97
CA GLY A 7 -29.24 -26.68 -16.49
C GLY A 7 -29.54 -25.27 -15.99
N ARG A 8 -29.61 -25.15 -14.66
CA ARG A 8 -29.88 -23.88 -14.04
C ARG A 8 -29.17 -23.78 -12.68
N ILE A 9 -27.98 -23.20 -12.71
CA ILE A 9 -27.20 -23.04 -11.51
C ILE A 9 -26.79 -21.57 -11.35
N GLY A 10 -26.34 -21.25 -10.15
CA GLY A 10 -25.92 -19.88 -9.86
C GLY A 10 -26.88 -19.22 -8.87
N ASP A 11 -26.52 -19.31 -7.59
CA ASP A 11 -27.34 -18.73 -6.54
C ASP A 11 -26.71 -19.06 -5.18
N GLY A 12 -27.14 -18.30 -4.18
CA GLY A 12 -26.64 -18.50 -2.82
C GLY A 12 -25.40 -17.62 -2.58
N SER A 13 -25.63 -16.32 -2.57
CA SER A 13 -24.56 -15.36 -2.35
C SER A 13 -25.11 -13.94 -2.38
N PRO A 14 -25.49 -13.44 -1.17
CA PRO A 14 -26.02 -12.09 -1.06
C PRO A 14 -24.91 -11.04 -1.19
N SER A 15 -23.87 -11.24 -0.39
CA SER A 15 -22.75 -10.31 -0.41
C SER A 15 -23.19 -8.92 0.04
N HIS A 16 -22.69 -8.51 1.19
CA HIS A 16 -23.03 -7.20 1.72
C HIS A 16 -21.75 -6.40 1.99
N PRO A 17 -21.90 -5.05 1.93
CA PRO A 17 -20.76 -4.16 2.17
C PRO A 17 -20.41 -4.11 3.67
N PRO A 18 -19.12 -3.79 3.94
CA PRO A 18 -18.65 -3.70 5.30
C PRO A 18 -19.14 -2.41 5.97
N ILE A 19 -19.93 -2.59 7.01
CA ILE A 19 -20.48 -1.46 7.74
C ILE A 19 -19.34 -0.71 8.44
N LEU A 20 -19.65 0.51 8.86
CA LEU A 20 -18.66 1.33 9.54
C LEU A 20 -18.36 0.74 10.91
N GLU A 21 -18.41 1.59 11.92
CA GLU A 21 -18.14 1.15 13.28
C GLU A 21 -16.69 0.67 13.41
N ARG A 22 -16.34 0.28 14.62
CA ARG A 22 -14.99 -0.20 14.89
C ARG A 22 -13.97 0.91 14.65
N THR A 23 -14.46 2.15 14.69
CA THR A 23 -13.61 3.31 14.49
C THR A 23 -13.17 3.88 15.83
N LEU A 24 -11.96 3.49 16.24
CA LEU A 24 -11.41 3.95 17.50
C LEU A 24 -10.41 5.08 17.23
N ASP A 25 -9.67 5.43 18.26
CA ASP A 25 -8.68 6.49 18.15
C ASP A 25 -7.28 5.87 18.11
N ASP A 26 -6.79 5.68 16.90
CA ASP A 26 -5.47 5.10 16.72
C ASP A 26 -5.17 4.97 15.22
N VAL A 27 -3.89 4.99 14.90
CA VAL A 27 -3.47 4.87 13.51
C VAL A 27 -3.85 3.49 12.98
N PRO A 28 -3.90 3.38 11.62
CA PRO A 28 -4.25 2.14 10.98
C PRO A 28 -3.08 1.15 11.05
N GLY A 29 -3.28 -0.01 10.41
CA GLY A 29 -2.27 -1.03 10.39
C GLY A 29 -1.53 -1.06 9.05
N PRO A 30 -0.77 -2.17 8.82
CA PRO A 30 -0.02 -2.32 7.59
C PRO A 30 -0.93 -2.68 6.43
N PRO A 31 -0.73 -1.97 5.29
CA PRO A 31 -1.53 -2.20 4.10
C PRO A 31 -1.12 -3.51 3.41
N MET A 32 -1.99 -4.50 3.52
CA MET A 32 -1.73 -5.80 2.90
C MET A 32 -2.31 -5.86 1.50
N GLY A 33 -1.85 -6.86 0.75
CA GLY A 33 -2.32 -7.04 -0.62
C GLY A 33 -1.49 -6.20 -1.61
N ILE A 34 -0.19 -6.34 -1.49
CA ILE A 34 0.72 -5.61 -2.36
C ILE A 34 1.14 -6.50 -3.53
N LEU A 35 0.55 -6.23 -4.69
CA LEU A 35 0.85 -7.00 -5.89
C LEU A 35 1.35 -6.05 -6.97
N PHE A 36 2.21 -6.59 -7.83
CA PHE A 36 2.76 -5.82 -8.92
C PHE A 36 2.28 -6.34 -10.28
N PRO A 37 1.16 -5.74 -10.76
CA PRO A 37 0.60 -6.14 -12.03
C PRO A 37 1.43 -5.61 -13.21
N GLU A 38 1.76 -4.33 -13.12
CA GLU A 38 2.55 -3.69 -14.16
C GLU A 38 3.85 -3.15 -13.57
N VAL A 39 4.96 -3.69 -14.07
CA VAL A 39 6.27 -3.27 -13.60
C VAL A 39 7.23 -3.18 -14.79
N ARG A 40 7.71 -1.97 -15.04
CA ARG A 40 8.62 -1.73 -16.14
C ARG A 40 10.03 -1.45 -15.61
N THR A 41 10.85 -0.90 -16.49
CA THR A 41 12.23 -0.57 -16.12
C THR A 41 12.25 0.64 -15.19
N THR A 42 12.31 1.81 -15.81
CA THR A 42 12.34 3.06 -15.04
C THR A 42 10.92 3.46 -14.62
N SER A 43 9.99 2.55 -14.85
CA SER A 43 8.61 2.80 -14.50
C SER A 43 7.94 1.49 -14.02
N VAL A 44 7.09 1.65 -13.02
CA VAL A 44 6.39 0.50 -12.46
C VAL A 44 5.02 0.95 -11.93
N ARG A 45 4.21 -0.04 -11.57
CA ARG A 45 2.88 0.25 -11.04
C ARG A 45 2.39 -0.93 -10.21
N LEU A 46 2.16 -0.65 -8.94
CA LEU A 46 1.68 -1.68 -8.01
C LEU A 46 0.31 -1.27 -7.48
N ILE A 47 -0.33 -2.22 -6.81
CA ILE A 47 -1.65 -1.98 -6.24
C ILE A 47 -1.71 -2.59 -4.85
N TRP A 48 -2.21 -1.80 -3.90
CA TRP A 48 -2.33 -2.26 -2.53
C TRP A 48 -3.81 -2.18 -2.13
N GLN A 49 -4.08 -2.53 -0.89
CA GLN A 49 -5.44 -2.52 -0.38
C GLN A 49 -5.47 -1.90 1.02
N PRO A 50 -6.69 -1.50 1.44
CA PRO A 50 -6.88 -0.89 2.75
C PRO A 50 -6.82 -1.96 3.85
N PRO A 51 -6.39 -1.51 5.06
CA PRO A 51 -6.29 -2.40 6.21
C PRO A 51 -7.67 -2.72 6.77
N ALA A 52 -7.98 -4.01 6.81
CA ALA A 52 -9.25 -4.46 7.33
C ALA A 52 -9.55 -3.75 8.64
N ALA A 53 -8.48 -3.36 9.32
CA ALA A 53 -8.60 -2.67 10.59
C ALA A 53 -8.03 -1.26 10.46
N PRO A 54 -8.88 -0.33 9.95
CA PRO A 54 -8.46 1.05 9.78
C PRO A 54 -8.39 1.78 11.12
N ASN A 55 -9.34 1.45 11.99
CA ASN A 55 -9.40 2.07 13.30
C ASN A 55 -9.07 3.55 13.17
N GLY A 56 -9.63 4.18 12.14
CA GLY A 56 -9.42 5.58 11.90
C GLY A 56 -9.57 5.92 10.41
N ILE A 57 -10.40 6.91 10.15
CA ILE A 57 -10.66 7.33 8.78
C ILE A 57 -9.32 7.69 8.12
N ILE A 58 -9.16 7.21 6.89
CA ILE A 58 -7.94 7.47 6.14
C ILE A 58 -8.06 8.84 5.45
N LEU A 59 -7.06 9.66 5.70
CA LEU A 59 -7.03 11.00 5.11
C LEU A 59 -6.20 10.97 3.83
N ALA A 60 -5.36 9.94 3.73
CA ALA A 60 -4.50 9.79 2.57
C ALA A 60 -3.50 8.65 2.82
N TYR A 61 -2.56 8.52 1.90
CA TYR A 61 -1.55 7.49 2.01
C TYR A 61 -0.18 8.02 1.60
N GLN A 62 0.83 7.18 1.79
CA GLN A 62 2.19 7.54 1.44
C GLN A 62 2.91 6.37 0.77
N ILE A 63 3.56 6.67 -0.34
CA ILE A 63 4.28 5.66 -1.08
C ILE A 63 5.74 6.09 -1.25
N THR A 64 6.61 5.43 -0.49
CA THR A 64 8.03 5.74 -0.54
C THR A 64 8.77 4.71 -1.39
N HIS A 65 9.47 5.22 -2.39
CA HIS A 65 10.22 4.35 -3.29
C HIS A 65 11.72 4.63 -3.13
N ARG A 66 12.50 3.56 -3.17
CA ARG A 66 13.94 3.67 -3.03
C ARG A 66 14.63 2.40 -3.54
N LEU A 67 15.87 2.56 -3.96
CA LEU A 67 16.64 1.45 -4.47
C LEU A 67 17.17 0.63 -3.30
N ASN A 68 16.63 -0.58 -3.17
CA ASN A 68 17.05 -1.48 -2.10
C ASN A 68 18.57 -1.38 -1.91
N THR A 69 19.24 -1.08 -3.01
CA THR A 69 20.69 -0.95 -2.98
C THR A 69 21.13 0.34 -3.66
N THR A 70 22.39 0.37 -4.06
CA THR A 70 22.94 1.54 -4.72
C THR A 70 22.63 2.81 -3.93
N THR A 71 23.16 3.92 -4.43
CA THR A 71 22.94 5.20 -3.77
C THR A 71 21.76 5.94 -4.42
N ALA A 72 21.17 6.83 -3.63
CA ALA A 72 20.04 7.60 -4.11
C ALA A 72 19.70 8.68 -3.08
N ASN A 73 19.63 9.91 -3.57
CA ASN A 73 19.32 11.05 -2.71
C ASN A 73 18.00 10.78 -2.00
N THR A 74 18.11 10.21 -0.80
CA THR A 74 16.93 9.90 -0.01
C THR A 74 15.89 9.19 -0.87
N ALA A 75 14.78 8.84 -0.22
CA ALA A 75 13.70 8.16 -0.91
C ALA A 75 12.55 9.14 -1.16
N THR A 76 12.35 9.47 -2.43
CA THR A 76 11.31 10.40 -2.81
C THR A 76 9.94 9.77 -2.57
N VAL A 77 9.36 10.11 -1.43
CA VAL A 77 8.05 9.60 -1.06
C VAL A 77 6.97 10.53 -1.60
N GLU A 78 5.83 9.95 -1.92
CA GLU A 78 4.71 10.72 -2.46
C GLU A 78 3.44 10.41 -1.66
N VAL A 79 2.71 11.47 -1.34
CA VAL A 79 1.47 11.32 -0.58
C VAL A 79 0.32 11.08 -1.56
N LEU A 80 -0.47 10.06 -1.25
CA LEU A 80 -1.60 9.72 -2.08
C LEU A 80 -2.90 10.04 -1.33
N ALA A 81 -4.00 9.91 -2.04
CA ALA A 81 -5.31 10.18 -1.46
C ALA A 81 -5.75 8.98 -0.62
N PRO A 82 -6.80 9.21 0.21
CA PRO A 82 -7.33 8.17 1.06
C PRO A 82 -8.14 7.15 0.25
N SER A 83 -8.27 7.43 -1.04
CA SER A 83 -9.01 6.56 -1.93
C SER A 83 -8.09 6.03 -3.03
N ALA A 84 -6.83 5.84 -2.66
CA ALA A 84 -5.84 5.33 -3.60
C ALA A 84 -5.58 3.85 -3.31
N ARG A 85 -5.81 3.03 -4.33
CA ARG A 85 -5.60 1.61 -4.19
C ARG A 85 -4.37 1.17 -4.99
N GLN A 86 -3.81 2.13 -5.73
CA GLN A 86 -2.63 1.85 -6.54
C GLN A 86 -1.86 3.14 -6.77
N TYR A 87 -0.65 2.98 -7.32
CA TYR A 87 0.20 4.12 -7.60
C TYR A 87 1.20 3.79 -8.72
N THR A 88 1.51 4.81 -9.50
CA THR A 88 2.45 4.65 -10.60
C THR A 88 3.81 5.24 -10.22
N ALA A 89 4.85 4.43 -10.44
CA ALA A 89 6.20 4.86 -10.14
C ALA A 89 6.98 5.06 -11.45
N THR A 90 7.53 6.26 -11.60
CA THR A 90 8.28 6.59 -12.79
C THR A 90 9.60 7.27 -12.41
N GLY A 91 10.58 7.11 -13.28
CA GLY A 91 11.89 7.69 -13.05
C GLY A 91 12.76 6.78 -12.19
N LEU A 92 12.73 5.49 -12.54
CA LEU A 92 13.52 4.51 -11.81
C LEU A 92 14.64 3.99 -12.70
N LYS A 93 15.48 3.14 -12.13
CA LYS A 93 16.59 2.58 -12.85
C LYS A 93 16.34 1.09 -13.10
N PRO A 94 16.60 0.67 -14.37
CA PRO A 94 16.40 -0.72 -14.75
C PRO A 94 17.51 -1.62 -14.18
N GLU A 95 17.14 -2.85 -13.92
CA GLU A 95 18.09 -3.82 -13.37
C GLU A 95 18.44 -3.45 -11.92
N SER A 96 17.41 -3.33 -11.11
CA SER A 96 17.59 -2.98 -9.71
C SER A 96 16.46 -3.55 -8.86
N VAL A 97 16.42 -3.13 -7.61
CA VAL A 97 15.38 -3.60 -6.70
C VAL A 97 14.86 -2.41 -5.89
N TYR A 98 13.69 -1.94 -6.28
CA TYR A 98 13.07 -0.81 -5.60
C TYR A 98 12.05 -1.30 -4.57
N LEU A 99 12.04 -0.61 -3.43
CA LEU A 99 11.12 -0.96 -2.35
C LEU A 99 10.04 0.11 -2.26
N PHE A 100 8.80 -0.34 -2.19
CA PHE A 100 7.67 0.57 -2.09
C PHE A 100 7.01 0.47 -0.72
N ARG A 101 7.12 1.56 0.03
CA ARG A 101 6.54 1.61 1.37
C ARG A 101 5.18 2.31 1.32
N ILE A 102 4.14 1.51 1.53
CA ILE A 102 2.78 2.04 1.53
C ILE A 102 2.34 2.31 2.95
N THR A 103 1.73 3.48 3.14
CA THR A 103 1.25 3.87 4.46
C THR A 103 0.00 4.73 4.34
N ALA A 104 -0.83 4.67 5.36
CA ALA A 104 -2.07 5.44 5.38
C ALA A 104 -1.92 6.60 6.36
N GLN A 105 -2.70 7.65 6.12
CA GLN A 105 -2.67 8.82 6.97
C GLN A 105 -4.01 9.00 7.68
N THR A 106 -3.93 9.07 9.01
CA THR A 106 -5.13 9.22 9.82
C THR A 106 -5.01 10.48 10.69
N ARG A 107 -6.04 10.69 11.50
CA ARG A 107 -6.07 11.84 12.38
C ARG A 107 -5.08 11.66 13.53
N LYS A 108 -4.50 10.46 13.58
CA LYS A 108 -3.53 10.14 14.62
C LYS A 108 -2.12 10.29 14.05
N GLY A 109 -1.95 9.86 12.82
CA GLY A 109 -0.66 9.94 12.16
C GLY A 109 -0.52 8.86 11.09
N TRP A 110 0.71 8.39 10.93
CA TRP A 110 0.99 7.36 9.94
C TRP A 110 1.23 6.04 10.70
N GLY A 111 0.38 5.07 10.39
CA GLY A 111 0.49 3.77 11.02
C GLY A 111 1.53 2.90 10.32
N GLU A 112 1.37 1.59 10.49
CA GLU A 112 2.28 0.64 9.87
C GLU A 112 2.50 0.99 8.40
N ALA A 113 3.52 0.35 7.83
CA ALA A 113 3.85 0.59 6.43
C ALA A 113 4.21 -0.74 5.76
N ALA A 114 3.52 -1.02 4.66
CA ALA A 114 3.77 -2.25 3.93
C ALA A 114 4.87 -2.02 2.91
N GLU A 115 5.94 -2.80 3.04
CA GLU A 115 7.07 -2.69 2.15
C GLU A 115 6.97 -3.74 1.04
N ALA A 116 7.09 -3.28 -0.20
CA ALA A 116 7.02 -4.17 -1.34
C ALA A 116 8.19 -3.87 -2.29
N LEU A 117 8.99 -4.90 -2.52
CA LEU A 117 10.14 -4.75 -3.41
C LEU A 117 9.75 -5.18 -4.82
N VAL A 118 10.29 -4.46 -5.79
CA VAL A 118 10.01 -4.75 -7.18
C VAL A 118 11.23 -4.40 -8.04
N VAL A 119 11.70 -5.39 -8.78
CA VAL A 119 12.86 -5.20 -9.64
C VAL A 119 12.42 -4.51 -10.93
N THR A 120 13.34 -3.78 -11.52
CA THR A 120 13.08 -3.07 -12.76
C THR A 120 13.55 -3.89 -13.96
N THR A 121 12.59 -4.35 -14.74
CA THR A 121 12.91 -5.14 -15.92
C THR A 121 11.61 -5.52 -16.66
N GLU A 122 11.81 -6.06 -17.86
CA GLU A 122 10.67 -6.47 -18.68
C GLU A 122 10.48 -7.99 -18.60
N LYS A 123 9.43 -8.38 -17.89
CA LYS A 123 9.13 -9.79 -17.73
C LYS A 123 7.82 -10.11 -18.46
N ARG A 124 7.98 -10.84 -19.56
CA ARG A 124 6.83 -11.22 -20.37
C ARG A 124 6.22 -12.53 -19.84
N SER A 125 5.07 -12.39 -19.19
CA SER A 125 4.39 -13.54 -18.65
C SER A 125 2.92 -13.20 -18.38
N GLY A 126 2.05 -14.14 -18.73
CA GLY A 126 0.62 -13.95 -18.53
C GLY A 126 0.03 -15.09 -17.69
N PRO A 127 -0.09 -14.82 -16.37
CA PRO A 127 -0.64 -15.81 -15.45
C PRO A 127 -2.16 -15.92 -15.61
N SER A 128 -2.74 -16.82 -14.83
CA SER A 128 -4.17 -17.03 -14.87
C SER A 128 -4.58 -18.07 -13.83
N SER A 129 -5.62 -17.74 -13.07
CA SER A 129 -6.11 -18.63 -12.04
C SER A 129 -4.95 -19.16 -11.20
N GLY A 130 -4.69 -18.48 -10.09
CA GLY A 130 -3.61 -18.87 -9.20
C GLY A 130 -3.63 -18.03 -7.92
#